data_3X2I
# 
_entry.id   3X2I 
# 
_audit_conform.dict_name       mmcif_pdbx.dic 
_audit_conform.dict_version    5.398 
_audit_conform.dict_location   http://mmcif.pdb.org/dictionaries/ascii/mmcif_pdbx.dic 
# 
loop_
_database_2.database_id 
_database_2.database_code 
_database_2.pdbx_database_accession 
_database_2.pdbx_DOI 
RCSB  RCSB097096   ?            ?                   
PDB   3X2I         pdb_00003x2i 10.2210/pdb3x2i/pdb 
WWPDB D_1000097096 ?            ?                   
# 
loop_
_pdbx_audit_revision_history.ordinal 
_pdbx_audit_revision_history.data_content_type 
_pdbx_audit_revision_history.major_revision 
_pdbx_audit_revision_history.minor_revision 
_pdbx_audit_revision_history.revision_date 
1 'Structure model' 1 0 2015-10-07 
2 'Structure model' 1 1 2019-12-18 
3 'Structure model' 1 2 2024-10-30 
# 
_pdbx_audit_revision_details.ordinal             1 
_pdbx_audit_revision_details.revision_ordinal    1 
_pdbx_audit_revision_details.data_content_type   'Structure model' 
_pdbx_audit_revision_details.provider            repository 
_pdbx_audit_revision_details.type                'Initial release' 
_pdbx_audit_revision_details.description         ? 
_pdbx_audit_revision_details.details             ? 
# 
loop_
_pdbx_audit_revision_group.ordinal 
_pdbx_audit_revision_group.revision_ordinal 
_pdbx_audit_revision_group.data_content_type 
_pdbx_audit_revision_group.group 
1 2 'Structure model' 'Database references'  
2 3 'Structure model' 'Data collection'      
3 3 'Structure model' 'Database references'  
4 3 'Structure model' 'Derived calculations' 
5 3 'Structure model' 'Structure summary'    
# 
loop_
_pdbx_audit_revision_category.ordinal 
_pdbx_audit_revision_category.revision_ordinal 
_pdbx_audit_revision_category.data_content_type 
_pdbx_audit_revision_category.category 
1 2 'Structure model' citation                  
2 2 'Structure model' struct_ref_seq_dif        
3 3 'Structure model' chem_comp_atom            
4 3 'Structure model' chem_comp_bond            
5 3 'Structure model' database_2                
6 3 'Structure model' pdbx_entry_details        
7 3 'Structure model' pdbx_modification_feature 
8 3 'Structure model' struct_site               
# 
loop_
_pdbx_audit_revision_item.ordinal 
_pdbx_audit_revision_item.revision_ordinal 
_pdbx_audit_revision_item.data_content_type 
_pdbx_audit_revision_item.item 
1 2 'Structure model' '_citation.journal_abbrev'            
2 2 'Structure model' '_citation.pdbx_database_id_PubMed'   
3 2 'Structure model' '_citation.title'                     
4 2 'Structure model' '_struct_ref_seq_dif.details'         
5 3 'Structure model' '_database_2.pdbx_DOI'                
6 3 'Structure model' '_database_2.pdbx_database_accession' 
7 3 'Structure model' '_struct_site.pdbx_auth_asym_id'      
8 3 'Structure model' '_struct_site.pdbx_auth_comp_id'      
9 3 'Structure model' '_struct_site.pdbx_auth_seq_id'       
# 
_pdbx_database_status.status_code                     REL 
_pdbx_database_status.entry_id                        3X2I 
_pdbx_database_status.recvd_initial_deposition_date   2014-12-22 
_pdbx_database_status.deposit_site                    PDBJ 
_pdbx_database_status.process_site                    PDBJ 
_pdbx_database_status.methods_development_category    ? 
_pdbx_database_status.status_code_sf                  REL 
_pdbx_database_status.status_code_mr                  ? 
_pdbx_database_status.SG_entry                        ? 
_pdbx_database_status.status_code_cs                  ? 
_pdbx_database_status.pdb_format_compatible           Y 
_pdbx_database_status.status_code_nmr_data            ? 
# 
loop_
_pdbx_database_related.db_name 
_pdbx_database_related.db_id 
_pdbx_database_related.details 
_pdbx_database_related.content_type 
PDB 3X2G 'PcCel45A N92D apo form at 95K'    unspecified 
PDB 3X2H 'PcCel45A N92D with cellopentaose' unspecified 
# 
loop_
_audit_author.name 
_audit_author.pdbx_ordinal 
'Nakamura, A.' 1 
'Ishida, T.'   2 
'Samejima, M.' 3 
'Igarashi, K.' 4 
# 
_citation.id                        primary 
_citation.title                     
;"Newton's cradle" proton relay with amide-imidic acid tautomerization in inverting cellulase visualized by neutron crystallography.
;
_citation.journal_abbrev            'Sci Adv' 
_citation.journal_volume            1 
_citation.page_first                e1500263 
_citation.page_last                 e1500263 
_citation.year                      2015 
_citation.journal_id_ASTM           ? 
_citation.country                   US 
_citation.journal_id_ISSN           2375-2548 
_citation.journal_id_CSD            ? 
_citation.book_publisher            ? 
_citation.pdbx_database_id_PubMed   26601228 
_citation.pdbx_database_id_DOI      10.1126/sciadv.1500263 
# 
loop_
_citation_author.citation_id 
_citation_author.name 
_citation_author.ordinal 
_citation_author.identifier_ORCID 
primary 'Nakamura, A.'  1  ? 
primary 'Ishida, T.'    2  ? 
primary 'Kusaka, K.'    3  ? 
primary 'Yamada, T.'    4  ? 
primary 'Fushinobu, S.' 5  ? 
primary 'Tanaka, I.'    6  ? 
primary 'Kaneko, S.'    7  ? 
primary 'Ohta, K.'      8  ? 
primary 'Tanaka, H.'    9  ? 
primary 'Inaka, K.'     10 ? 
primary 'Higuchi, Y.'   11 ? 
primary 'Niimura, N.'   12 ? 
primary 'Samejima, M.'  13 ? 
primary 'Igarashi, K.'  14 ? 
# 
loop_
_entity.id 
_entity.type 
_entity.src_method 
_entity.pdbx_description 
_entity.formula_weight 
_entity.pdbx_number_of_molecules 
_entity.pdbx_ec 
_entity.pdbx_mutation 
_entity.pdbx_fragment 
_entity.details 
1 polymer     man 'Endoglucanase V-like protein' 18179.777 1   ? N92D 'UNP residues 27-206' ? 
2 non-polymer syn 3-methylpentane-1,5-diol       118.174   1   ? ?    ?                     ? 
3 water       nat water                          18.015    131 ? ?    ?                     ? 
# 
_entity_poly.entity_id                      1 
_entity_poly.type                           'polypeptide(L)' 
_entity_poly.nstd_linkage                   no 
_entity_poly.nstd_monomer                   no 
_entity_poly.pdbx_seq_one_letter_code       
;ATGGYVQQATGQASFTMYSGCGSPACGKAASGFTAAINQLAFGSAPGLGAGDACGRCFALTGNHDPYSPNYTGPFGQTIV
VKVTDLCPVQGDQEFCGQTTSNPTNQHGMPFHFDICEDTGGSAKFFPSGHGALTGTFTEVSCSQWSGSDGGQLWNGACLS
GETAPNWPSTACGNKGTAPS
;
_entity_poly.pdbx_seq_one_letter_code_can   
;ATGGYVQQATGQASFTMYSGCGSPACGKAASGFTAAINQLAFGSAPGLGAGDACGRCFALTGNHDPYSPNYTGPFGQTIV
VKVTDLCPVQGDQEFCGQTTSNPTNQHGMPFHFDICEDTGGSAKFFPSGHGALTGTFTEVSCSQWSGSDGGQLWNGACLS
GETAPNWPSTACGNKGTAPS
;
_entity_poly.pdbx_strand_id                 A 
_entity_poly.pdbx_target_identifier         ? 
# 
loop_
_pdbx_entity_nonpoly.entity_id 
_pdbx_entity_nonpoly.name 
_pdbx_entity_nonpoly.comp_id 
2 3-methylpentane-1,5-diol 40S 
3 water                    HOH 
# 
loop_
_entity_poly_seq.entity_id 
_entity_poly_seq.num 
_entity_poly_seq.mon_id 
_entity_poly_seq.hetero 
1 1   ALA n 
1 2   THR n 
1 3   GLY n 
1 4   GLY n 
1 5   TYR n 
1 6   VAL n 
1 7   GLN n 
1 8   GLN n 
1 9   ALA n 
1 10  THR n 
1 11  GLY n 
1 12  GLN n 
1 13  ALA n 
1 14  SER n 
1 15  PHE n 
1 16  THR n 
1 17  MET n 
1 18  TYR n 
1 19  SER n 
1 20  GLY n 
1 21  CYS n 
1 22  GLY n 
1 23  SER n 
1 24  PRO n 
1 25  ALA n 
1 26  CYS n 
1 27  GLY n 
1 28  LYS n 
1 29  ALA n 
1 30  ALA n 
1 31  SER n 
1 32  GLY n 
1 33  PHE n 
1 34  THR n 
1 35  ALA n 
1 36  ALA n 
1 37  ILE n 
1 38  ASN n 
1 39  GLN n 
1 40  LEU n 
1 41  ALA n 
1 42  PHE n 
1 43  GLY n 
1 44  SER n 
1 45  ALA n 
1 46  PRO n 
1 47  GLY n 
1 48  LEU n 
1 49  GLY n 
1 50  ALA n 
1 51  GLY n 
1 52  ASP n 
1 53  ALA n 
1 54  CYS n 
1 55  GLY n 
1 56  ARG n 
1 57  CYS n 
1 58  PHE n 
1 59  ALA n 
1 60  LEU n 
1 61  THR n 
1 62  GLY n 
1 63  ASN n 
1 64  HIS n 
1 65  ASP n 
1 66  PRO n 
1 67  TYR n 
1 68  SER n 
1 69  PRO n 
1 70  ASN n 
1 71  TYR n 
1 72  THR n 
1 73  GLY n 
1 74  PRO n 
1 75  PHE n 
1 76  GLY n 
1 77  GLN n 
1 78  THR n 
1 79  ILE n 
1 80  VAL n 
1 81  VAL n 
1 82  LYS n 
1 83  VAL n 
1 84  THR n 
1 85  ASP n 
1 86  LEU n 
1 87  CYS n 
1 88  PRO n 
1 89  VAL n 
1 90  GLN n 
1 91  GLY n 
1 92  ASP n 
1 93  GLN n 
1 94  GLU n 
1 95  PHE n 
1 96  CYS n 
1 97  GLY n 
1 98  GLN n 
1 99  THR n 
1 100 THR n 
1 101 SER n 
1 102 ASN n 
1 103 PRO n 
1 104 THR n 
1 105 ASN n 
1 106 GLN n 
1 107 HIS n 
1 108 GLY n 
1 109 MET n 
1 110 PRO n 
1 111 PHE n 
1 112 HIS n 
1 113 PHE n 
1 114 ASP n 
1 115 ILE n 
1 116 CYS n 
1 117 GLU n 
1 118 ASP n 
1 119 THR n 
1 120 GLY n 
1 121 GLY n 
1 122 SER n 
1 123 ALA n 
1 124 LYS n 
1 125 PHE n 
1 126 PHE n 
1 127 PRO n 
1 128 SER n 
1 129 GLY n 
1 130 HIS n 
1 131 GLY n 
1 132 ALA n 
1 133 LEU n 
1 134 THR n 
1 135 GLY n 
1 136 THR n 
1 137 PHE n 
1 138 THR n 
1 139 GLU n 
1 140 VAL n 
1 141 SER n 
1 142 CYS n 
1 143 SER n 
1 144 GLN n 
1 145 TRP n 
1 146 SER n 
1 147 GLY n 
1 148 SER n 
1 149 ASP n 
1 150 GLY n 
1 151 GLY n 
1 152 GLN n 
1 153 LEU n 
1 154 TRP n 
1 155 ASN n 
1 156 GLY n 
1 157 ALA n 
1 158 CYS n 
1 159 LEU n 
1 160 SER n 
1 161 GLY n 
1 162 GLU n 
1 163 THR n 
1 164 ALA n 
1 165 PRO n 
1 166 ASN n 
1 167 TRP n 
1 168 PRO n 
1 169 SER n 
1 170 THR n 
1 171 ALA n 
1 172 CYS n 
1 173 GLY n 
1 174 ASN n 
1 175 LYS n 
1 176 GLY n 
1 177 THR n 
1 178 ALA n 
1 179 PRO n 
1 180 SER n 
# 
_entity_src_gen.entity_id                          1 
_entity_src_gen.pdbx_src_id                        1 
_entity_src_gen.pdbx_alt_source_flag               sample 
_entity_src_gen.pdbx_seq_type                      ? 
_entity_src_gen.pdbx_beg_seq_num                   ? 
_entity_src_gen.pdbx_end_seq_num                   ? 
_entity_src_gen.gene_src_common_name               'White-rot fungus' 
_entity_src_gen.gene_src_genus                     ? 
_entity_src_gen.pdbx_gene_src_gene                 'egv, PcCel45A' 
_entity_src_gen.gene_src_species                   ? 
_entity_src_gen.gene_src_strain                    K-3 
_entity_src_gen.gene_src_tissue                    ? 
_entity_src_gen.gene_src_tissue_fraction           ? 
_entity_src_gen.gene_src_details                   ? 
_entity_src_gen.pdbx_gene_src_fragment             ? 
_entity_src_gen.pdbx_gene_src_scientific_name      'Phanerochaete chrysosporium' 
_entity_src_gen.pdbx_gene_src_ncbi_taxonomy_id     5306 
_entity_src_gen.pdbx_gene_src_variant              ? 
_entity_src_gen.pdbx_gene_src_cell_line            ? 
_entity_src_gen.pdbx_gene_src_atcc                 ? 
_entity_src_gen.pdbx_gene_src_organ                ? 
_entity_src_gen.pdbx_gene_src_organelle            ? 
_entity_src_gen.pdbx_gene_src_cell                 ? 
_entity_src_gen.pdbx_gene_src_cellular_location    ? 
_entity_src_gen.host_org_common_name               ? 
_entity_src_gen.pdbx_host_org_scientific_name      'Pichia pastoris' 
_entity_src_gen.pdbx_host_org_ncbi_taxonomy_id     4922 
_entity_src_gen.host_org_genus                     ? 
_entity_src_gen.pdbx_host_org_gene                 ? 
_entity_src_gen.pdbx_host_org_organ                ? 
_entity_src_gen.host_org_species                   ? 
_entity_src_gen.pdbx_host_org_tissue               ? 
_entity_src_gen.pdbx_host_org_tissue_fraction      ? 
_entity_src_gen.pdbx_host_org_strain               KM71H 
_entity_src_gen.pdbx_host_org_variant              ? 
_entity_src_gen.pdbx_host_org_cell_line            ? 
_entity_src_gen.pdbx_host_org_atcc                 ? 
_entity_src_gen.pdbx_host_org_culture_collection   ? 
_entity_src_gen.pdbx_host_org_cell                 ? 
_entity_src_gen.pdbx_host_org_organelle            ? 
_entity_src_gen.pdbx_host_org_cellular_location    ? 
_entity_src_gen.pdbx_host_org_vector_type          plasmid 
_entity_src_gen.pdbx_host_org_vector               ? 
_entity_src_gen.host_org_details                   ? 
_entity_src_gen.expression_system_id               ? 
_entity_src_gen.plasmid_name                       pPICZa 
_entity_src_gen.plasmid_details                    ? 
_entity_src_gen.pdbx_description                   ? 
# 
loop_
_chem_comp.id 
_chem_comp.type 
_chem_comp.mon_nstd_flag 
_chem_comp.name 
_chem_comp.pdbx_synonyms 
_chem_comp.formula 
_chem_comp.formula_weight 
40S non-polymer         . 3-methylpentane-1,5-diol ? 'C6 H14 O2'      118.174 
ALA 'L-peptide linking' y ALANINE                  ? 'C3 H7 N O2'     89.093  
ARG 'L-peptide linking' y ARGININE                 ? 'C6 H15 N4 O2 1' 175.209 
ASN 'L-peptide linking' y ASPARAGINE               ? 'C4 H8 N2 O3'    132.118 
ASP 'L-peptide linking' y 'ASPARTIC ACID'          ? 'C4 H7 N O4'     133.103 
CYS 'L-peptide linking' y CYSTEINE                 ? 'C3 H7 N O2 S'   121.158 
GLN 'L-peptide linking' y GLUTAMINE                ? 'C5 H10 N2 O3'   146.144 
GLU 'L-peptide linking' y 'GLUTAMIC ACID'          ? 'C5 H9 N O4'     147.129 
GLY 'peptide linking'   y GLYCINE                  ? 'C2 H5 N O2'     75.067  
HIS 'L-peptide linking' y HISTIDINE                ? 'C6 H10 N3 O2 1' 156.162 
HOH non-polymer         . WATER                    ? 'H2 O'           18.015  
ILE 'L-peptide linking' y ISOLEUCINE               ? 'C6 H13 N O2'    131.173 
LEU 'L-peptide linking' y LEUCINE                  ? 'C6 H13 N O2'    131.173 
LYS 'L-peptide linking' y LYSINE                   ? 'C6 H15 N2 O2 1' 147.195 
MET 'L-peptide linking' y METHIONINE               ? 'C5 H11 N O2 S'  149.211 
PHE 'L-peptide linking' y PHENYLALANINE            ? 'C9 H11 N O2'    165.189 
PRO 'L-peptide linking' y PROLINE                  ? 'C5 H9 N O2'     115.130 
SER 'L-peptide linking' y SERINE                   ? 'C3 H7 N O3'     105.093 
THR 'L-peptide linking' y THREONINE                ? 'C4 H9 N O3'     119.119 
TRP 'L-peptide linking' y TRYPTOPHAN               ? 'C11 H12 N2 O2'  204.225 
TYR 'L-peptide linking' y TYROSINE                 ? 'C9 H11 N O3'    181.189 
VAL 'L-peptide linking' y VALINE                   ? 'C5 H11 N O2'    117.146 
# 
loop_
_pdbx_poly_seq_scheme.asym_id 
_pdbx_poly_seq_scheme.entity_id 
_pdbx_poly_seq_scheme.seq_id 
_pdbx_poly_seq_scheme.mon_id 
_pdbx_poly_seq_scheme.ndb_seq_num 
_pdbx_poly_seq_scheme.pdb_seq_num 
_pdbx_poly_seq_scheme.auth_seq_num 
_pdbx_poly_seq_scheme.pdb_mon_id 
_pdbx_poly_seq_scheme.auth_mon_id 
_pdbx_poly_seq_scheme.pdb_strand_id 
_pdbx_poly_seq_scheme.pdb_ins_code 
_pdbx_poly_seq_scheme.hetero 
A 1 1   ALA 1   1   1   ALA ALA A . n 
A 1 2   THR 2   2   2   THR THR A . n 
A 1 3   GLY 3   3   3   GLY GLY A . n 
A 1 4   GLY 4   4   4   GLY GLY A . n 
A 1 5   TYR 5   5   5   TYR TYR A . n 
A 1 6   VAL 6   6   6   VAL VAL A . n 
A 1 7   GLN 7   7   7   GLN GLN A . n 
A 1 8   GLN 8   8   8   GLN GLN A . n 
A 1 9   ALA 9   9   9   ALA ALA A . n 
A 1 10  THR 10  10  10  THR THR A . n 
A 1 11  GLY 11  11  11  GLY GLY A . n 
A 1 12  GLN 12  12  12  GLN GLN A . n 
A 1 13  ALA 13  13  13  ALA ALA A . n 
A 1 14  SER 14  14  14  SER SER A . n 
A 1 15  PHE 15  15  15  PHE PHE A . n 
A 1 16  THR 16  16  16  THR THR A . n 
A 1 17  MET 17  17  17  MET MET A . n 
A 1 18  TYR 18  18  18  TYR TYR A . n 
A 1 19  SER 19  19  19  SER SER A . n 
A 1 20  GLY 20  20  20  GLY GLY A . n 
A 1 21  CYS 21  21  21  CYS CYS A . n 
A 1 22  GLY 22  22  22  GLY GLY A . n 
A 1 23  SER 23  23  23  SER SER A . n 
A 1 24  PRO 24  24  24  PRO PRO A . n 
A 1 25  ALA 25  25  25  ALA ALA A . n 
A 1 26  CYS 26  26  26  CYS CYS A . n 
A 1 27  GLY 27  27  27  GLY GLY A . n 
A 1 28  LYS 28  28  28  LYS LYS A . n 
A 1 29  ALA 29  29  29  ALA ALA A . n 
A 1 30  ALA 30  30  30  ALA ALA A . n 
A 1 31  SER 31  31  31  SER SER A . n 
A 1 32  GLY 32  32  32  GLY GLY A . n 
A 1 33  PHE 33  33  33  PHE PHE A . n 
A 1 34  THR 34  34  34  THR THR A . n 
A 1 35  ALA 35  35  35  ALA ALA A . n 
A 1 36  ALA 36  36  36  ALA ALA A . n 
A 1 37  ILE 37  37  37  ILE ILE A . n 
A 1 38  ASN 38  38  38  ASN ASN A . n 
A 1 39  GLN 39  39  39  GLN GLN A . n 
A 1 40  LEU 40  40  40  LEU LEU A . n 
A 1 41  ALA 41  41  41  ALA ALA A . n 
A 1 42  PHE 42  42  42  PHE PHE A . n 
A 1 43  GLY 43  43  43  GLY GLY A . n 
A 1 44  SER 44  44  44  SER SER A . n 
A 1 45  ALA 45  45  45  ALA ALA A . n 
A 1 46  PRO 46  46  46  PRO PRO A . n 
A 1 47  GLY 47  47  47  GLY GLY A . n 
A 1 48  LEU 48  48  48  LEU LEU A . n 
A 1 49  GLY 49  49  49  GLY GLY A . n 
A 1 50  ALA 50  50  50  ALA ALA A . n 
A 1 51  GLY 51  51  51  GLY GLY A . n 
A 1 52  ASP 52  52  52  ASP ASP A . n 
A 1 53  ALA 53  53  53  ALA ALA A . n 
A 1 54  CYS 54  54  54  CYS CYS A . n 
A 1 55  GLY 55  55  55  GLY GLY A . n 
A 1 56  ARG 56  56  56  ARG ARG A . n 
A 1 57  CYS 57  57  57  CYS CYS A . n 
A 1 58  PHE 58  58  58  PHE PHE A . n 
A 1 59  ALA 59  59  59  ALA ALA A . n 
A 1 60  LEU 60  60  60  LEU LEU A . n 
A 1 61  THR 61  61  61  THR THR A . n 
A 1 62  GLY 62  62  62  GLY GLY A . n 
A 1 63  ASN 63  63  63  ASN ASN A . n 
A 1 64  HIS 64  64  64  HIS HIS A . n 
A 1 65  ASP 65  65  65  ASP ASP A . n 
A 1 66  PRO 66  66  66  PRO PRO A . n 
A 1 67  TYR 67  67  67  TYR TYR A . n 
A 1 68  SER 68  68  68  SER SER A . n 
A 1 69  PRO 69  69  69  PRO PRO A . n 
A 1 70  ASN 70  70  70  ASN ASN A . n 
A 1 71  TYR 71  71  71  TYR TYR A . n 
A 1 72  THR 72  72  72  THR THR A . n 
A 1 73  GLY 73  73  73  GLY GLY A . n 
A 1 74  PRO 74  74  74  PRO PRO A . n 
A 1 75  PHE 75  75  75  PHE PHE A . n 
A 1 76  GLY 76  76  76  GLY GLY A . n 
A 1 77  GLN 77  77  77  GLN GLN A . n 
A 1 78  THR 78  78  78  THR THR A . n 
A 1 79  ILE 79  79  79  ILE ILE A . n 
A 1 80  VAL 80  80  80  VAL VAL A . n 
A 1 81  VAL 81  81  81  VAL VAL A . n 
A 1 82  LYS 82  82  82  LYS LYS A . n 
A 1 83  VAL 83  83  83  VAL VAL A . n 
A 1 84  THR 84  84  84  THR THR A . n 
A 1 85  ASP 85  85  85  ASP ASP A . n 
A 1 86  LEU 86  86  86  LEU LEU A . n 
A 1 87  CYS 87  87  87  CYS CYS A . n 
A 1 88  PRO 88  88  88  PRO PRO A . n 
A 1 89  VAL 89  89  89  VAL VAL A . n 
A 1 90  GLN 90  90  90  GLN GLN A . n 
A 1 91  GLY 91  91  91  GLY GLY A . n 
A 1 92  ASP 92  92  92  ASP ASP A . n 
A 1 93  GLN 93  93  93  GLN GLN A . n 
A 1 94  GLU 94  94  94  GLU GLU A . n 
A 1 95  PHE 95  95  95  PHE PHE A . n 
A 1 96  CYS 96  96  96  CYS CYS A . n 
A 1 97  GLY 97  97  97  GLY GLY A . n 
A 1 98  GLN 98  98  98  GLN GLN A . n 
A 1 99  THR 99  99  99  THR THR A . n 
A 1 100 THR 100 100 100 THR THR A . n 
A 1 101 SER 101 101 101 SER SER A . n 
A 1 102 ASN 102 102 102 ASN ASN A . n 
A 1 103 PRO 103 103 103 PRO PRO A . n 
A 1 104 THR 104 104 104 THR THR A . n 
A 1 105 ASN 105 105 105 ASN ASN A . n 
A 1 106 GLN 106 106 106 GLN GLN A . n 
A 1 107 HIS 107 107 107 HIS HIS A . n 
A 1 108 GLY 108 108 108 GLY GLY A . n 
A 1 109 MET 109 109 109 MET MET A . n 
A 1 110 PRO 110 110 110 PRO PRO A . n 
A 1 111 PHE 111 111 111 PHE PHE A . n 
A 1 112 HIS 112 112 112 HIS HIS A . n 
A 1 113 PHE 113 113 113 PHE PHE A . n 
A 1 114 ASP 114 114 114 ASP ASP A . n 
A 1 115 ILE 115 115 115 ILE ILE A . n 
A 1 116 CYS 116 116 116 CYS CYS A . n 
A 1 117 GLU 117 117 117 GLU GLU A . n 
A 1 118 ASP 118 118 118 ASP ASP A . n 
A 1 119 THR 119 119 119 THR THR A . n 
A 1 120 GLY 120 120 120 GLY GLY A . n 
A 1 121 GLY 121 121 121 GLY GLY A . n 
A 1 122 SER 122 122 122 SER SER A . n 
A 1 123 ALA 123 123 123 ALA ALA A . n 
A 1 124 LYS 124 124 124 LYS LYS A . n 
A 1 125 PHE 125 125 125 PHE PHE A . n 
A 1 126 PHE 126 126 126 PHE PHE A . n 
A 1 127 PRO 127 127 127 PRO PRO A . n 
A 1 128 SER 128 128 128 SER SER A . n 
A 1 129 GLY 129 129 129 GLY GLY A . n 
A 1 130 HIS 130 130 130 HIS HIS A . n 
A 1 131 GLY 131 131 131 GLY GLY A . n 
A 1 132 ALA 132 132 132 ALA ALA A . n 
A 1 133 LEU 133 133 133 LEU LEU A . n 
A 1 134 THR 134 134 134 THR THR A . n 
A 1 135 GLY 135 135 135 GLY GLY A . n 
A 1 136 THR 136 136 136 THR THR A . n 
A 1 137 PHE 137 137 137 PHE PHE A . n 
A 1 138 THR 138 138 138 THR THR A . n 
A 1 139 GLU 139 139 139 GLU GLU A . n 
A 1 140 VAL 140 140 140 VAL VAL A . n 
A 1 141 SER 141 141 141 SER SER A . n 
A 1 142 CYS 142 142 142 CYS CYS A . n 
A 1 143 SER 143 143 143 SER SER A . n 
A 1 144 GLN 144 144 144 GLN GLN A . n 
A 1 145 TRP 145 145 145 TRP TRP A . n 
A 1 146 SER 146 146 146 SER SER A . n 
A 1 147 GLY 147 147 147 GLY GLY A . n 
A 1 148 SER 148 148 148 SER SER A . n 
A 1 149 ASP 149 149 149 ASP ASP A . n 
A 1 150 GLY 150 150 150 GLY GLY A . n 
A 1 151 GLY 151 151 151 GLY GLY A . n 
A 1 152 GLN 152 152 152 GLN GLN A . n 
A 1 153 LEU 153 153 153 LEU LEU A . n 
A 1 154 TRP 154 154 154 TRP TRP A . n 
A 1 155 ASN 155 155 155 ASN ASN A . n 
A 1 156 GLY 156 156 156 GLY GLY A . n 
A 1 157 ALA 157 157 157 ALA ALA A . n 
A 1 158 CYS 158 158 158 CYS CYS A . n 
A 1 159 LEU 159 159 159 LEU LEU A . n 
A 1 160 SER 160 160 160 SER SER A . n 
A 1 161 GLY 161 161 161 GLY GLY A . n 
A 1 162 GLU 162 162 162 GLU GLU A . n 
A 1 163 THR 163 163 163 THR THR A . n 
A 1 164 ALA 164 164 164 ALA ALA A . n 
A 1 165 PRO 165 165 165 PRO PRO A . n 
A 1 166 ASN 166 166 166 ASN ASN A . n 
A 1 167 TRP 167 167 167 TRP TRP A . n 
A 1 168 PRO 168 168 168 PRO PRO A . n 
A 1 169 SER 169 169 169 SER SER A . n 
A 1 170 THR 170 170 170 THR THR A . n 
A 1 171 ALA 171 171 171 ALA ALA A . n 
A 1 172 CYS 172 172 172 CYS CYS A . n 
A 1 173 GLY 173 173 173 GLY GLY A . n 
A 1 174 ASN 174 174 174 ASN ASN A . n 
A 1 175 LYS 175 175 175 LYS LYS A . n 
A 1 176 GLY 176 176 176 GLY GLY A . n 
A 1 177 THR 177 177 177 THR THR A . n 
A 1 178 ALA 178 178 178 ALA ALA A . n 
A 1 179 PRO 179 179 179 PRO PRO A . n 
A 1 180 SER 180 180 180 SER SER A . n 
# 
loop_
_pdbx_nonpoly_scheme.asym_id 
_pdbx_nonpoly_scheme.entity_id 
_pdbx_nonpoly_scheme.mon_id 
_pdbx_nonpoly_scheme.ndb_seq_num 
_pdbx_nonpoly_scheme.pdb_seq_num 
_pdbx_nonpoly_scheme.auth_seq_num 
_pdbx_nonpoly_scheme.pdb_mon_id 
_pdbx_nonpoly_scheme.auth_mon_id 
_pdbx_nonpoly_scheme.pdb_strand_id 
_pdbx_nonpoly_scheme.pdb_ins_code 
B 2 40S 1   201 1   40S 3PD A . 
C 3 HOH 1   301 1   HOH HOH A . 
C 3 HOH 2   302 2   HOH HOH A . 
C 3 HOH 3   303 3   HOH HOH A . 
C 3 HOH 4   304 4   HOH HOH A . 
C 3 HOH 5   305 5   HOH HOH A . 
C 3 HOH 6   306 6   HOH HOH A . 
C 3 HOH 7   307 7   HOH HOH A . 
C 3 HOH 8   308 8   HOH HOH A . 
C 3 HOH 9   309 9   HOH HOH A . 
C 3 HOH 10  310 10  HOH HOH A . 
C 3 HOH 11  311 11  HOH HOH A . 
C 3 HOH 12  312 12  HOH HOH A . 
C 3 HOH 13  313 13  HOH HOH A . 
C 3 HOH 14  314 14  HOH HOH A . 
C 3 HOH 15  315 15  HOH HOH A . 
C 3 HOH 16  316 16  HOH HOH A . 
C 3 HOH 17  317 17  HOH HOH A . 
C 3 HOH 18  318 18  HOH HOH A . 
C 3 HOH 19  319 19  HOH HOH A . 
C 3 HOH 20  320 20  HOH HOH A . 
C 3 HOH 21  321 21  HOH HOH A . 
C 3 HOH 22  322 22  HOH HOH A . 
C 3 HOH 23  323 23  HOH HOH A . 
C 3 HOH 24  324 24  HOH HOH A . 
C 3 HOH 25  325 25  HOH HOH A . 
C 3 HOH 26  326 26  HOH HOH A . 
C 3 HOH 27  327 27  HOH HOH A . 
C 3 HOH 28  328 28  HOH HOH A . 
C 3 HOH 29  329 29  HOH HOH A . 
C 3 HOH 30  330 30  HOH HOH A . 
C 3 HOH 31  331 31  HOH HOH A . 
C 3 HOH 32  332 32  HOH HOH A . 
C 3 HOH 33  333 33  HOH HOH A . 
C 3 HOH 34  334 34  HOH HOH A . 
C 3 HOH 35  335 35  HOH HOH A . 
C 3 HOH 36  336 36  HOH HOH A . 
C 3 HOH 37  337 37  HOH HOH A . 
C 3 HOH 38  338 38  HOH HOH A . 
C 3 HOH 39  339 39  HOH HOH A . 
C 3 HOH 40  340 40  HOH HOH A . 
C 3 HOH 41  341 41  HOH HOH A . 
C 3 HOH 42  342 42  HOH HOH A . 
C 3 HOH 43  343 43  HOH HOH A . 
C 3 HOH 44  344 44  HOH HOH A . 
C 3 HOH 45  345 45  HOH HOH A . 
C 3 HOH 46  346 46  HOH HOH A . 
C 3 HOH 47  347 47  HOH HOH A . 
C 3 HOH 48  348 48  HOH HOH A . 
C 3 HOH 49  349 49  HOH HOH A . 
C 3 HOH 50  350 50  HOH HOH A . 
C 3 HOH 51  351 51  HOH HOH A . 
C 3 HOH 52  352 52  HOH HOH A . 
C 3 HOH 53  353 53  HOH HOH A . 
C 3 HOH 54  354 54  HOH HOH A . 
C 3 HOH 55  355 55  HOH HOH A . 
C 3 HOH 56  356 56  HOH HOH A . 
C 3 HOH 57  357 57  HOH HOH A . 
C 3 HOH 58  358 58  HOH HOH A . 
C 3 HOH 59  359 59  HOH HOH A . 
C 3 HOH 60  360 60  HOH HOH A . 
C 3 HOH 61  361 61  HOH HOH A . 
C 3 HOH 62  362 62  HOH HOH A . 
C 3 HOH 63  363 63  HOH HOH A . 
C 3 HOH 64  364 64  HOH HOH A . 
C 3 HOH 65  365 65  HOH HOH A . 
C 3 HOH 66  366 66  HOH HOH A . 
C 3 HOH 67  367 67  HOH HOH A . 
C 3 HOH 68  368 68  HOH HOH A . 
C 3 HOH 69  369 69  HOH HOH A . 
C 3 HOH 70  370 70  HOH HOH A . 
C 3 HOH 71  371 71  HOH HOH A . 
C 3 HOH 72  372 72  HOH HOH A . 
C 3 HOH 73  373 73  HOH HOH A . 
C 3 HOH 74  374 74  HOH HOH A . 
C 3 HOH 75  375 75  HOH HOH A . 
C 3 HOH 76  376 76  HOH HOH A . 
C 3 HOH 77  377 77  HOH HOH A . 
C 3 HOH 78  378 78  HOH HOH A . 
C 3 HOH 79  379 79  HOH HOH A . 
C 3 HOH 80  380 80  HOH HOH A . 
C 3 HOH 81  381 81  HOH HOH A . 
C 3 HOH 82  382 82  HOH HOH A . 
C 3 HOH 83  383 83  HOH HOH A . 
C 3 HOH 84  384 84  HOH HOH A . 
C 3 HOH 85  385 85  HOH HOH A . 
C 3 HOH 86  386 86  HOH HOH A . 
C 3 HOH 87  387 87  HOH HOH A . 
C 3 HOH 88  388 88  HOH HOH A . 
C 3 HOH 89  389 89  HOH HOH A . 
C 3 HOH 90  390 90  HOH HOH A . 
C 3 HOH 91  391 91  HOH HOH A . 
C 3 HOH 92  392 92  HOH HOH A . 
C 3 HOH 93  393 93  HOH HOH A . 
C 3 HOH 94  394 94  HOH HOH A . 
C 3 HOH 95  395 95  HOH HOH A . 
C 3 HOH 96  396 96  HOH HOH A . 
C 3 HOH 97  397 97  HOH HOH A . 
C 3 HOH 98  398 98  HOH HOH A . 
C 3 HOH 99  399 99  HOH HOH A . 
C 3 HOH 100 400 100 HOH HOH A . 
C 3 HOH 101 401 101 HOH HOH A . 
C 3 HOH 102 402 102 HOH HOH A . 
C 3 HOH 103 403 103 HOH HOH A . 
C 3 HOH 104 404 104 HOH HOH A . 
C 3 HOH 105 405 105 HOH HOH A . 
C 3 HOH 106 406 106 HOH HOH A . 
C 3 HOH 107 407 107 HOH HOH A . 
C 3 HOH 108 408 108 HOH HOH A . 
C 3 HOH 109 409 109 HOH HOH A . 
C 3 HOH 110 410 110 HOH HOH A . 
C 3 HOH 111 411 111 HOH HOH A . 
C 3 HOH 112 412 112 HOH HOH A . 
C 3 HOH 113 413 113 HOH HOH A . 
C 3 HOH 114 414 114 HOH HOH A . 
C 3 HOH 115 415 115 HOH HOH A . 
C 3 HOH 116 416 116 HOH HOH A . 
C 3 HOH 117 417 117 HOH HOH A . 
C 3 HOH 118 418 118 HOH HOH A . 
C 3 HOH 119 419 119 HOH HOH A . 
C 3 HOH 120 420 121 HOH HOH A . 
C 3 HOH 121 421 122 HOH HOH A . 
C 3 HOH 122 422 123 HOH HOH A . 
C 3 HOH 123 423 124 HOH HOH A . 
C 3 HOH 124 424 125 HOH HOH A . 
C 3 HOH 125 425 126 HOH HOH A . 
C 3 HOH 126 426 127 HOH HOH A . 
C 3 HOH 127 427 128 HOH HOH A . 
C 3 HOH 128 428 129 HOH HOH A . 
C 3 HOH 129 429 130 HOH HOH A . 
C 3 HOH 130 430 131 HOH HOH A . 
C 3 HOH 131 431 132 HOH HOH A . 
# 
loop_
_pdbx_unobs_or_zero_occ_atoms.id 
_pdbx_unobs_or_zero_occ_atoms.PDB_model_num 
_pdbx_unobs_or_zero_occ_atoms.polymer_flag 
_pdbx_unobs_or_zero_occ_atoms.occupancy_flag 
_pdbx_unobs_or_zero_occ_atoms.auth_asym_id 
_pdbx_unobs_or_zero_occ_atoms.auth_comp_id 
_pdbx_unobs_or_zero_occ_atoms.auth_seq_id 
_pdbx_unobs_or_zero_occ_atoms.PDB_ins_code 
_pdbx_unobs_or_zero_occ_atoms.auth_atom_id 
_pdbx_unobs_or_zero_occ_atoms.label_alt_id 
_pdbx_unobs_or_zero_occ_atoms.label_asym_id 
_pdbx_unobs_or_zero_occ_atoms.label_comp_id 
_pdbx_unobs_or_zero_occ_atoms.label_seq_id 
_pdbx_unobs_or_zero_occ_atoms.label_atom_id 
1 1 Y 1 A GLN 90 ? CG  ? A GLN 90 CG  
2 1 Y 1 A GLN 90 ? CD  ? A GLN 90 CD  
3 1 Y 1 A GLN 90 ? OE1 ? A GLN 90 OE1 
4 1 Y 1 A GLN 90 ? NE2 ? A GLN 90 NE2 
5 1 Y 1 A GLN 93 ? CB  ? A GLN 93 CB  
6 1 Y 1 A GLN 93 ? CG  ? A GLN 93 CG  
7 1 Y 1 A GLN 93 ? CD  ? A GLN 93 CD  
8 1 Y 1 A GLN 93 ? OE1 ? A GLN 93 OE1 
9 1 Y 1 A GLN 93 ? NE2 ? A GLN 93 NE2 
# 
loop_
_software.name 
_software.classification 
_software.version 
_software.citation_id 
_software.pdbx_ordinal 
HKL-2000 'data collection' .                           ? 1 
PHASER   phasing           .                           ? 2 
PHENIX   refinement        '(phenix.refine: 1.9_1692)' ? 3 
XDS      'data reduction'  .                           ? 4 
XDS      'data scaling'    .                           ? 5 
# 
_cell.entry_id           3X2I 
_cell.length_a           46.172 
_cell.length_b           59.027 
_cell.length_c           64.356 
_cell.angle_alpha        90.00 
_cell.angle_beta         90.00 
_cell.angle_gamma        90.00 
_cell.Z_PDB              4 
_cell.pdbx_unique_axis   ? 
_cell.length_a_esd       ? 
_cell.length_b_esd       ? 
_cell.length_c_esd       ? 
_cell.angle_alpha_esd    ? 
_cell.angle_beta_esd     ? 
_cell.angle_gamma_esd    ? 
# 
_symmetry.entry_id                         3X2I 
_symmetry.space_group_name_H-M             'P 21 21 21' 
_symmetry.pdbx_full_space_group_name_H-M   ? 
_symmetry.cell_setting                     ? 
_symmetry.Int_Tables_number                19 
_symmetry.space_group_name_Hall            ? 
# 
_exptl.entry_id          3X2I 
_exptl.method            'X-RAY DIFFRACTION' 
_exptl.crystals_number   1 
# 
_exptl_crystal.id                    1 
_exptl_crystal.density_meas          ? 
_exptl_crystal.density_Matthews      2.41 
_exptl_crystal.density_percent_sol   49.00 
_exptl_crystal.description           ? 
_exptl_crystal.F_000                 ? 
_exptl_crystal.preparation           ? 
# 
_exptl_crystal_grow.crystal_id      1 
_exptl_crystal_grow.method          'VAPOR DIFFUSION, SITTING DROP' 
_exptl_crystal_grow.temp            293 
_exptl_crystal_grow.temp_details    ? 
_exptl_crystal_grow.pH              7.5 
_exptl_crystal_grow.pdbx_details    
'65% 3-methyl-1,5-pentanediol, 50 mM Tris-HCl, pH 7.5, VAPOR DIFFUSION, SITTING DROP, temperature 293K' 
_exptl_crystal_grow.pdbx_pH_range   . 
# 
_diffrn.id                     1 
_diffrn.ambient_temp           273 
_diffrn.ambient_temp_details   ? 
_diffrn.crystal_id             1 
# 
_diffrn_detector.diffrn_id              1 
_diffrn_detector.detector               'IMAGE PLATE' 
_diffrn_detector.type                   'RIGAKU RAXIS IV++' 
_diffrn_detector.pdbx_collection_date   2014-07-31 
_diffrn_detector.details                ? 
# 
_diffrn_radiation.diffrn_id                        1 
_diffrn_radiation.wavelength_id                    1 
_diffrn_radiation.pdbx_monochromatic_or_laue_m_l   M 
_diffrn_radiation.monochromator                    ? 
_diffrn_radiation.pdbx_diffrn_protocol             'SINGLE WAVELENGTH' 
_diffrn_radiation.pdbx_scattering_type             x-ray 
# 
_diffrn_radiation_wavelength.id           1 
_diffrn_radiation_wavelength.wavelength   1.54 
_diffrn_radiation_wavelength.wt           1.0 
# 
_diffrn_source.diffrn_id                   1 
_diffrn_source.source                      'ROTATING ANODE' 
_diffrn_source.type                        RIGAKU 
_diffrn_source.pdbx_synchrotron_site       ? 
_diffrn_source.pdbx_synchrotron_beamline   ? 
_diffrn_source.pdbx_wavelength             ? 
_diffrn_source.pdbx_wavelength_list        1.54 
# 
_reflns.entry_id                     3X2I 
_reflns.observed_criterion_sigma_I   0.0 
_reflns.observed_criterion_sigma_F   ? 
_reflns.d_resolution_low             50 
_reflns.d_resolution_high            1.6 
_reflns.number_obs                   23719 
_reflns.number_all                   ? 
_reflns.percent_possible_obs         99.2 
_reflns.pdbx_Rmerge_I_obs            ? 
_reflns.pdbx_Rsym_value              0.118 
_reflns.pdbx_netI_over_sigmaI        17.4 
_reflns.B_iso_Wilson_estimate        ? 
_reflns.pdbx_redundancy              13.3 
_reflns.R_free_details               ? 
_reflns.limit_h_max                  ? 
_reflns.limit_h_min                  ? 
_reflns.limit_k_max                  ? 
_reflns.limit_k_min                  ? 
_reflns.limit_l_max                  ? 
_reflns.limit_l_min                  ? 
_reflns.observed_criterion_F_max     ? 
_reflns.observed_criterion_F_min     ? 
_reflns.pdbx_chi_squared             ? 
_reflns.pdbx_scaling_rejects         ? 
_reflns.pdbx_ordinal                 1 
_reflns.pdbx_diffrn_id               1 
# 
_reflns_shell.d_res_high                  1.6 
_reflns_shell.d_res_low                   1.7 
_reflns_shell.percent_possible_all        95.3 
_reflns_shell.Rmerge_I_obs                ? 
_reflns_shell.pdbx_Rsym_value             0.253 
_reflns_shell.meanI_over_sigI_obs         8.3 
_reflns_shell.pdbx_redundancy             11.4 
_reflns_shell.percent_possible_obs        ? 
_reflns_shell.number_unique_all           3625 
_reflns_shell.number_measured_all         ? 
_reflns_shell.number_measured_obs         ? 
_reflns_shell.number_unique_obs           ? 
_reflns_shell.pdbx_chi_squared            ? 
_reflns_shell.pdbx_rejects                ? 
_reflns_shell.pdbx_netI_over_sigmaI_obs   ? 
_reflns_shell.number_possible             ? 
_reflns_shell.Rmerge_F_all                ? 
_reflns_shell.Rmerge_F_obs                ? 
_reflns_shell.Rmerge_I_all                ? 
_reflns_shell.meanI_over_sigI_all         ? 
_reflns_shell.pdbx_Rrim_I_all             ? 
_reflns_shell.pdbx_Rpim_I_all             ? 
_reflns_shell.pdbx_ordinal                1 
_reflns_shell.pdbx_diffrn_id              1 
# 
_refine.entry_id                                 3X2I 
_refine.ls_number_reflns_obs                     23719 
_refine.ls_number_reflns_all                     ? 
_refine.pdbx_ls_sigma_I                          ? 
_refine.pdbx_ls_sigma_F                          1.56 
_refine.pdbx_data_cutoff_high_absF               ? 
_refine.pdbx_data_cutoff_low_absF                ? 
_refine.pdbx_data_cutoff_high_rms_absF           ? 
_refine.ls_d_res_low                             43.501 
_refine.ls_d_res_high                            1.60 
_refine.ls_percent_reflns_obs                    99.25 
_refine.ls_R_factor_obs                          0.1264 
_refine.ls_R_factor_all                          ? 
_refine.ls_R_factor_R_work                       0.1237 
_refine.ls_R_factor_R_free                       0.1510 
_refine.ls_R_factor_R_free_error                 ? 
_refine.ls_R_factor_R_free_error_details         ? 
_refine.ls_percent_reflns_R_free                 10.00 
_refine.ls_number_reflns_R_free                  2372 
_refine.ls_number_parameters                     ? 
_refine.ls_number_restraints                     ? 
_refine.occupancy_min                            ? 
_refine.occupancy_max                            ? 
_refine.correlation_coeff_Fo_to_Fc               ? 
_refine.correlation_coeff_Fo_to_Fc_free          ? 
_refine.B_iso_mean                               ? 
_refine.aniso_B[1][1]                            ? 
_refine.aniso_B[2][2]                            ? 
_refine.aniso_B[3][3]                            ? 
_refine.aniso_B[1][2]                            ? 
_refine.aniso_B[1][3]                            ? 
_refine.aniso_B[2][3]                            ? 
_refine.solvent_model_details                    'FLAT BULK SOLVENT MODEL' 
_refine.solvent_model_param_ksol                 ? 
_refine.solvent_model_param_bsol                 ? 
_refine.pdbx_solvent_vdw_probe_radii             1.11 
_refine.pdbx_solvent_ion_probe_radii             ? 
_refine.pdbx_solvent_shrinkage_radii             0.90 
_refine.pdbx_ls_cross_valid_method               ? 
_refine.details                                  ? 
_refine.pdbx_starting_model                      ? 
_refine.pdbx_method_to_determine_struct          'MOLECULAR REPLACEMENT' 
_refine.pdbx_isotropic_thermal_model             ? 
_refine.pdbx_stereochemistry_target_values       ML 
_refine.pdbx_stereochem_target_val_spec_case     ? 
_refine.pdbx_R_Free_selection_details            ? 
_refine.pdbx_overall_ESU_R                       ? 
_refine.pdbx_overall_ESU_R_Free                  ? 
_refine.overall_SU_ML                            0.10 
_refine.pdbx_overall_phase_error                 12.44 
_refine.overall_SU_B                             ? 
_refine.overall_SU_R_Cruickshank_DPI             ? 
_refine.ls_redundancy_reflns_obs                 ? 
_refine.B_iso_min                                ? 
_refine.B_iso_max                                ? 
_refine.overall_SU_R_free                        ? 
_refine.ls_wR_factor_R_free                      ? 
_refine.ls_wR_factor_R_work                      ? 
_refine.overall_FOM_free_R_set                   ? 
_refine.overall_FOM_work_R_set                   ? 
_refine.pdbx_diffrn_id                           1 
_refine.pdbx_refine_id                           'X-RAY DIFFRACTION' 
_refine.pdbx_TLS_residual_ADP_flag               ? 
_refine.pdbx_overall_SU_R_free_Cruickshank_DPI   ? 
_refine.pdbx_overall_SU_R_Blow_DPI               ? 
_refine.pdbx_overall_SU_R_free_Blow_DPI          ? 
# 
_refine_hist.pdbx_refine_id                   'X-RAY DIFFRACTION' 
_refine_hist.cycle_id                         LAST 
_refine_hist.pdbx_number_atoms_protein        1264 
_refine_hist.pdbx_number_atoms_nucleic_acid   0 
_refine_hist.pdbx_number_atoms_ligand         8 
_refine_hist.number_atoms_solvent             131 
_refine_hist.number_atoms_total               1403 
_refine_hist.d_res_high                       1.60 
_refine_hist.d_res_low                        43.501 
# 
loop_
_refine_ls_restr.type 
_refine_ls_restr.dev_ideal 
_refine_ls_restr.dev_ideal_target 
_refine_ls_restr.weight 
_refine_ls_restr.number 
_refine_ls_restr.pdbx_restraint_function 
_refine_ls_restr.pdbx_refine_id 
f_bond_d           0.016  ? ? 1357 ? 'X-RAY DIFFRACTION' 
f_angle_d          1.555  ? ? 1851 ? 'X-RAY DIFFRACTION' 
f_dihedral_angle_d 11.461 ? ? 453  ? 'X-RAY DIFFRACTION' 
f_chiral_restr     0.085  ? ? 190  ? 'X-RAY DIFFRACTION' 
f_plane_restr      0.009  ? ? 256  ? 'X-RAY DIFFRACTION' 
# 
loop_
_refine_ls_shell.pdbx_refine_id 
_refine_ls_shell.pdbx_total_number_of_bins_used 
_refine_ls_shell.d_res_high 
_refine_ls_shell.d_res_low 
_refine_ls_shell.number_reflns_R_work 
_refine_ls_shell.R_factor_R_work 
_refine_ls_shell.percent_reflns_obs 
_refine_ls_shell.R_factor_R_free 
_refine_ls_shell.R_factor_R_free_error 
_refine_ls_shell.percent_reflns_R_free 
_refine_ls_shell.number_reflns_R_free 
_refine_ls_shell.number_reflns_all 
_refine_ls_shell.R_factor_all 
_refine_ls_shell.number_reflns_obs 
_refine_ls_shell.redundancy_reflns_obs 
'X-RAY DIFFRACTION' 17 1.5990 1.6317  1085 0.1523 87.00  0.1868 . . 120 . . . . 
'X-RAY DIFFRACTION' 17 1.6317 1.6672  1232 0.1445 100.00 0.1792 . . 137 . . . . 
'X-RAY DIFFRACTION' 17 1.6672 1.7059  1259 0.1343 100.00 0.1693 . . 140 . . . . 
'X-RAY DIFFRACTION' 17 1.7059 1.7486  1235 0.1336 100.00 0.1875 . . 137 . . . . 
'X-RAY DIFFRACTION' 17 1.7486 1.7959  1256 0.1298 100.00 0.1801 . . 140 . . . . 
'X-RAY DIFFRACTION' 17 1.7959 1.8487  1242 0.1215 100.00 0.1485 . . 138 . . . . 
'X-RAY DIFFRACTION' 17 1.8487 1.9084  1246 0.1190 100.00 0.1775 . . 138 . . . . 
'X-RAY DIFFRACTION' 17 1.9084 1.9766  1259 0.1208 100.00 0.1592 . . 140 . . . . 
'X-RAY DIFFRACTION' 17 1.9766 2.0558  1236 0.1159 100.00 0.1483 . . 138 . . . . 
'X-RAY DIFFRACTION' 17 2.0558 2.1493  1278 0.1192 100.00 0.1873 . . 141 . . . . 
'X-RAY DIFFRACTION' 17 2.1493 2.2626  1242 0.1214 100.00 0.1661 . . 139 . . . . 
'X-RAY DIFFRACTION' 17 2.2626 2.4044  1271 0.1262 100.00 0.1376 . . 141 . . . . 
'X-RAY DIFFRACTION' 17 2.4044 2.5900  1272 0.1247 100.00 0.1597 . . 141 . . . . 
'X-RAY DIFFRACTION' 17 2.5900 2.8506  1258 0.1286 100.00 0.1384 . . 140 . . . . 
'X-RAY DIFFRACTION' 17 2.8506 3.2630  1298 0.1249 100.00 0.1302 . . 144 . . . . 
'X-RAY DIFFRACTION' 17 3.2630 4.1105  1296 0.1079 100.00 0.1178 . . 144 . . . . 
'X-RAY DIFFRACTION' 17 4.1105 43.5166 1382 0.1268 100.00 0.1509 . . 154 . . . . 
# 
_struct.entry_id                  3X2I 
_struct.title                     'X-ray structure of PcCel45A N92D apo form at 298K.' 
_struct.pdbx_model_details        ? 
_struct.pdbx_CASP_flag            ? 
_struct.pdbx_model_type_details   ? 
# 
_struct_keywords.entry_id        3X2I 
_struct_keywords.pdbx_keywords   HYDROLASE 
_struct_keywords.text            Hydrolase 
# 
loop_
_struct_asym.id 
_struct_asym.pdbx_blank_PDB_chainid_flag 
_struct_asym.pdbx_modified 
_struct_asym.entity_id 
_struct_asym.details 
A N N 1 ? 
B N N 2 ? 
C N N 3 ? 
# 
_struct_ref.id                         1 
_struct_ref.db_name                    UNP 
_struct_ref.db_code                    B3Y002_PHACH 
_struct_ref.pdbx_db_accession          B3Y002 
_struct_ref.entity_id                  1 
_struct_ref.pdbx_seq_one_letter_code   
;ATGGYVQQATGQASFTMYSGCGSPACGKAASGFTAAINQLAFGSAPGLGAGDACGRCFALTGNHDPYSPNYTGPFGQTIV
VKVTDLCPVQGNQEFCGQTTSNPTNQHGMPFHFDICEDTGGSAKFFPSGHGALTGTFTEVSCSQWSGSDGGQLWNGACLS
GETAPNWPSTACGNKGTAPS
;
_struct_ref.pdbx_align_begin           27 
_struct_ref.pdbx_db_isoform            ? 
# 
_struct_ref_seq.align_id                      1 
_struct_ref_seq.ref_id                        1 
_struct_ref_seq.pdbx_PDB_id_code              3X2I 
_struct_ref_seq.pdbx_strand_id                A 
_struct_ref_seq.seq_align_beg                 1 
_struct_ref_seq.pdbx_seq_align_beg_ins_code   ? 
_struct_ref_seq.seq_align_end                 180 
_struct_ref_seq.pdbx_seq_align_end_ins_code   ? 
_struct_ref_seq.pdbx_db_accession             B3Y002 
_struct_ref_seq.db_align_beg                  27 
_struct_ref_seq.pdbx_db_align_beg_ins_code    ? 
_struct_ref_seq.db_align_end                  206 
_struct_ref_seq.pdbx_db_align_end_ins_code    ? 
_struct_ref_seq.pdbx_auth_seq_align_beg       1 
_struct_ref_seq.pdbx_auth_seq_align_end       180 
# 
_struct_ref_seq_dif.align_id                     1 
_struct_ref_seq_dif.pdbx_pdb_id_code             3X2I 
_struct_ref_seq_dif.mon_id                       ASP 
_struct_ref_seq_dif.pdbx_pdb_strand_id           A 
_struct_ref_seq_dif.seq_num                      92 
_struct_ref_seq_dif.pdbx_pdb_ins_code            ? 
_struct_ref_seq_dif.pdbx_seq_db_name             UNP 
_struct_ref_seq_dif.pdbx_seq_db_accession_code   B3Y002 
_struct_ref_seq_dif.db_mon_id                    ASN 
_struct_ref_seq_dif.pdbx_seq_db_seq_num          118 
_struct_ref_seq_dif.details                      'engineered mutation' 
_struct_ref_seq_dif.pdbx_auth_seq_num            92 
_struct_ref_seq_dif.pdbx_ordinal                 1 
# 
_pdbx_struct_assembly.id                   1 
_pdbx_struct_assembly.details              author_and_software_defined_assembly 
_pdbx_struct_assembly.method_details       PISA 
_pdbx_struct_assembly.oligomeric_details   monomeric 
_pdbx_struct_assembly.oligomeric_count     1 
# 
_pdbx_struct_assembly_gen.assembly_id       1 
_pdbx_struct_assembly_gen.oper_expression   1 
_pdbx_struct_assembly_gen.asym_id_list      A,B,C 
# 
_pdbx_struct_oper_list.id                   1 
_pdbx_struct_oper_list.type                 'identity operation' 
_pdbx_struct_oper_list.name                 1_555 
_pdbx_struct_oper_list.symmetry_operation   x,y,z 
_pdbx_struct_oper_list.matrix[1][1]         1.0000000000 
_pdbx_struct_oper_list.matrix[1][2]         0.0000000000 
_pdbx_struct_oper_list.matrix[1][3]         0.0000000000 
_pdbx_struct_oper_list.vector[1]            0.0000000000 
_pdbx_struct_oper_list.matrix[2][1]         0.0000000000 
_pdbx_struct_oper_list.matrix[2][2]         1.0000000000 
_pdbx_struct_oper_list.matrix[2][3]         0.0000000000 
_pdbx_struct_oper_list.vector[2]            0.0000000000 
_pdbx_struct_oper_list.matrix[3][1]         0.0000000000 
_pdbx_struct_oper_list.matrix[3][2]         0.0000000000 
_pdbx_struct_oper_list.matrix[3][3]         1.0000000000 
_pdbx_struct_oper_list.vector[3]            0.0000000000 
# 
_struct_biol.id        1 
_struct_biol.details   ? 
# 
loop_
_struct_conf.conf_type_id 
_struct_conf.id 
_struct_conf.pdbx_PDB_helix_id 
_struct_conf.beg_label_comp_id 
_struct_conf.beg_label_asym_id 
_struct_conf.beg_label_seq_id 
_struct_conf.pdbx_beg_PDB_ins_code 
_struct_conf.end_label_comp_id 
_struct_conf.end_label_asym_id 
_struct_conf.end_label_seq_id 
_struct_conf.pdbx_end_PDB_ins_code 
_struct_conf.beg_auth_comp_id 
_struct_conf.beg_auth_asym_id 
_struct_conf.beg_auth_seq_id 
_struct_conf.end_auth_comp_id 
_struct_conf.end_auth_asym_id 
_struct_conf.end_auth_seq_id 
_struct_conf.pdbx_PDB_helix_class 
_struct_conf.details 
_struct_conf.pdbx_PDB_helix_length 
HELX_P HELX_P1 1 ALA A 1   ? TYR A 5   ? ALA A 1   TYR A 5   5 ? 5 
HELX_P HELX_P2 2 GLN A 39  ? GLY A 43  ? GLN A 39  GLY A 43  1 ? 5 
HELX_P HELX_P3 3 ASP A 92  ? GLY A 97  ? ASP A 92  GLY A 97  1 ? 6 
HELX_P HELX_P4 4 GLY A 120 ? PHE A 126 ? GLY A 120 PHE A 126 1 ? 7 
HELX_P HELX_P5 5 SER A 141 ? TRP A 145 ? SER A 141 TRP A 145 5 ? 5 
HELX_P HELX_P6 6 LEU A 159 ? ALA A 164 ? LEU A 159 ALA A 164 5 ? 6 
# 
_struct_conf_type.id          HELX_P 
_struct_conf_type.criteria    ? 
_struct_conf_type.reference   ? 
# 
loop_
_struct_conn.id 
_struct_conn.conn_type_id 
_struct_conn.pdbx_leaving_atom_flag 
_struct_conn.pdbx_PDB_id 
_struct_conn.ptnr1_label_asym_id 
_struct_conn.ptnr1_label_comp_id 
_struct_conn.ptnr1_label_seq_id 
_struct_conn.ptnr1_label_atom_id 
_struct_conn.pdbx_ptnr1_label_alt_id 
_struct_conn.pdbx_ptnr1_PDB_ins_code 
_struct_conn.pdbx_ptnr1_standard_comp_id 
_struct_conn.ptnr1_symmetry 
_struct_conn.ptnr2_label_asym_id 
_struct_conn.ptnr2_label_comp_id 
_struct_conn.ptnr2_label_seq_id 
_struct_conn.ptnr2_label_atom_id 
_struct_conn.pdbx_ptnr2_label_alt_id 
_struct_conn.pdbx_ptnr2_PDB_ins_code 
_struct_conn.ptnr1_auth_asym_id 
_struct_conn.ptnr1_auth_comp_id 
_struct_conn.ptnr1_auth_seq_id 
_struct_conn.ptnr2_auth_asym_id 
_struct_conn.ptnr2_auth_comp_id 
_struct_conn.ptnr2_auth_seq_id 
_struct_conn.ptnr2_symmetry 
_struct_conn.pdbx_ptnr3_label_atom_id 
_struct_conn.pdbx_ptnr3_label_seq_id 
_struct_conn.pdbx_ptnr3_label_comp_id 
_struct_conn.pdbx_ptnr3_label_asym_id 
_struct_conn.pdbx_ptnr3_label_alt_id 
_struct_conn.pdbx_ptnr3_PDB_ins_code 
_struct_conn.details 
_struct_conn.pdbx_dist_value 
_struct_conn.pdbx_value_order 
_struct_conn.pdbx_role 
disulf1 disulf ? ? A CYS 21  SG ? ? ? 1_555 A CYS 116 SG ? ? A CYS 21  A CYS 116 1_555 ? ? ? ? ? ? ? 2.013 ? ? 
disulf2 disulf ? ? A CYS 26  SG ? ? ? 1_555 A CYS 54  SG ? ? A CYS 26  A CYS 54  1_555 ? ? ? ? ? ? ? 2.042 ? ? 
disulf3 disulf ? ? A CYS 57  SG ? ? ? 1_555 A CYS 142 SG ? ? A CYS 57  A CYS 142 1_555 ? ? ? ? ? ? ? 2.035 ? ? 
disulf4 disulf ? ? A CYS 87  SG ? ? ? 1_555 A CYS 96  SG ? ? A CYS 87  A CYS 96  1_555 ? ? ? ? ? ? ? 2.035 ? ? 
disulf5 disulf ? ? A CYS 158 SG ? ? ? 1_555 A CYS 172 SG ? ? A CYS 158 A CYS 172 1_555 ? ? ? ? ? ? ? 2.041 ? ? 
# 
_struct_conn_type.id          disulf 
_struct_conn_type.criteria    ? 
_struct_conn_type.reference   ? 
# 
loop_
_pdbx_modification_feature.ordinal 
_pdbx_modification_feature.label_comp_id 
_pdbx_modification_feature.label_asym_id 
_pdbx_modification_feature.label_seq_id 
_pdbx_modification_feature.label_alt_id 
_pdbx_modification_feature.modified_residue_label_comp_id 
_pdbx_modification_feature.modified_residue_label_asym_id 
_pdbx_modification_feature.modified_residue_label_seq_id 
_pdbx_modification_feature.modified_residue_label_alt_id 
_pdbx_modification_feature.auth_comp_id 
_pdbx_modification_feature.auth_asym_id 
_pdbx_modification_feature.auth_seq_id 
_pdbx_modification_feature.PDB_ins_code 
_pdbx_modification_feature.symmetry 
_pdbx_modification_feature.modified_residue_auth_comp_id 
_pdbx_modification_feature.modified_residue_auth_asym_id 
_pdbx_modification_feature.modified_residue_auth_seq_id 
_pdbx_modification_feature.modified_residue_PDB_ins_code 
_pdbx_modification_feature.modified_residue_symmetry 
_pdbx_modification_feature.comp_id_linking_atom 
_pdbx_modification_feature.modified_residue_id_linking_atom 
_pdbx_modification_feature.modified_residue_id 
_pdbx_modification_feature.ref_pcm_id 
_pdbx_modification_feature.ref_comp_id 
_pdbx_modification_feature.type 
_pdbx_modification_feature.category 
1 CYS A 21  ? CYS A 116 ? CYS A 21  ? 1_555 CYS A 116 ? 1_555 SG SG . . . None 'Disulfide bridge' 
2 CYS A 26  ? CYS A 54  ? CYS A 26  ? 1_555 CYS A 54  ? 1_555 SG SG . . . None 'Disulfide bridge' 
3 CYS A 57  ? CYS A 142 ? CYS A 57  ? 1_555 CYS A 142 ? 1_555 SG SG . . . None 'Disulfide bridge' 
4 CYS A 87  ? CYS A 96  ? CYS A 87  ? 1_555 CYS A 96  ? 1_555 SG SG . . . None 'Disulfide bridge' 
5 CYS A 158 ? CYS A 172 ? CYS A 158 ? 1_555 CYS A 172 ? 1_555 SG SG . . . None 'Disulfide bridge' 
# 
loop_
_struct_mon_prot_cis.pdbx_id 
_struct_mon_prot_cis.label_comp_id 
_struct_mon_prot_cis.label_seq_id 
_struct_mon_prot_cis.label_asym_id 
_struct_mon_prot_cis.label_alt_id 
_struct_mon_prot_cis.pdbx_PDB_ins_code 
_struct_mon_prot_cis.auth_comp_id 
_struct_mon_prot_cis.auth_seq_id 
_struct_mon_prot_cis.auth_asym_id 
_struct_mon_prot_cis.pdbx_label_comp_id_2 
_struct_mon_prot_cis.pdbx_label_seq_id_2 
_struct_mon_prot_cis.pdbx_label_asym_id_2 
_struct_mon_prot_cis.pdbx_PDB_ins_code_2 
_struct_mon_prot_cis.pdbx_auth_comp_id_2 
_struct_mon_prot_cis.pdbx_auth_seq_id_2 
_struct_mon_prot_cis.pdbx_auth_asym_id_2 
_struct_mon_prot_cis.pdbx_PDB_model_num 
_struct_mon_prot_cis.pdbx_omega_angle 
1 GLY 73  A . ? GLY 73  A PRO 74  A ? PRO 74  A 1 3.72 
2 TRP 167 A . ? TRP 167 A PRO 168 A ? PRO 168 A 1 2.80 
# 
_struct_sheet.id               A 
_struct_sheet.type             ? 
_struct_sheet.number_strands   7 
_struct_sheet.details          ? 
# 
loop_
_struct_sheet_order.sheet_id 
_struct_sheet_order.range_id_1 
_struct_sheet_order.range_id_2 
_struct_sheet_order.offset 
_struct_sheet_order.sense 
A 1 2 ? parallel      
A 2 3 ? anti-parallel 
A 3 4 ? parallel      
A 4 5 ? anti-parallel 
A 5 6 ? anti-parallel 
A 6 7 ? anti-parallel 
# 
loop_
_struct_sheet_range.sheet_id 
_struct_sheet_range.id 
_struct_sheet_range.beg_label_comp_id 
_struct_sheet_range.beg_label_asym_id 
_struct_sheet_range.beg_label_seq_id 
_struct_sheet_range.pdbx_beg_PDB_ins_code 
_struct_sheet_range.end_label_comp_id 
_struct_sheet_range.end_label_asym_id 
_struct_sheet_range.end_label_seq_id 
_struct_sheet_range.pdbx_end_PDB_ins_code 
_struct_sheet_range.beg_auth_comp_id 
_struct_sheet_range.beg_auth_asym_id 
_struct_sheet_range.beg_auth_seq_id 
_struct_sheet_range.end_auth_comp_id 
_struct_sheet_range.end_auth_asym_id 
_struct_sheet_range.end_auth_seq_id 
A 1 THR A 10  ? TYR A 18  ? THR A 10  TYR A 18  
A 2 PHE A 111 ? CYS A 116 ? PHE A 111 CYS A 116 
A 3 THR A 34  ? ASN A 38  ? THR A 34  ASN A 38  
A 4 ILE A 79  ? CYS A 87  ? ILE A 79  CYS A 87  
A 5 CYS A 57  ? HIS A 64  ? CYS A 57  HIS A 64  
A 6 LEU A 133 ? VAL A 140 ? LEU A 133 VAL A 140 
A 7 THR A 10  ? TYR A 18  ? THR A 10  TYR A 18  
# 
loop_
_pdbx_struct_sheet_hbond.sheet_id 
_pdbx_struct_sheet_hbond.range_id_1 
_pdbx_struct_sheet_hbond.range_id_2 
_pdbx_struct_sheet_hbond.range_1_label_atom_id 
_pdbx_struct_sheet_hbond.range_1_label_comp_id 
_pdbx_struct_sheet_hbond.range_1_label_asym_id 
_pdbx_struct_sheet_hbond.range_1_label_seq_id 
_pdbx_struct_sheet_hbond.range_1_PDB_ins_code 
_pdbx_struct_sheet_hbond.range_1_auth_atom_id 
_pdbx_struct_sheet_hbond.range_1_auth_comp_id 
_pdbx_struct_sheet_hbond.range_1_auth_asym_id 
_pdbx_struct_sheet_hbond.range_1_auth_seq_id 
_pdbx_struct_sheet_hbond.range_2_label_atom_id 
_pdbx_struct_sheet_hbond.range_2_label_comp_id 
_pdbx_struct_sheet_hbond.range_2_label_asym_id 
_pdbx_struct_sheet_hbond.range_2_label_seq_id 
_pdbx_struct_sheet_hbond.range_2_PDB_ins_code 
_pdbx_struct_sheet_hbond.range_2_auth_atom_id 
_pdbx_struct_sheet_hbond.range_2_auth_comp_id 
_pdbx_struct_sheet_hbond.range_2_auth_asym_id 
_pdbx_struct_sheet_hbond.range_2_auth_seq_id 
A 1 2 N THR A 16  ? N THR A 16  O ILE A 115 ? O ILE A 115 
A 2 3 O ASP A 114 ? O ASP A 114 N ALA A 36  ? N ALA A 36  
A 3 4 N ILE A 37  ? N ILE A 37  O CYS A 87  ? O CYS A 87  
A 4 5 O ILE A 79  ? O ILE A 79  N LEU A 60  ? N LEU A 60  
A 5 6 N ALA A 59  ? N ALA A 59  O THR A 138 ? O THR A 138 
A 6 7 O LEU A 133 ? O LEU A 133 N PHE A 15  ? N PHE A 15  
# 
_struct_site.id                   AC1 
_struct_site.pdbx_evidence_code   Software 
_struct_site.pdbx_auth_asym_id    A 
_struct_site.pdbx_auth_comp_id    40S 
_struct_site.pdbx_auth_seq_id     201 
_struct_site.pdbx_auth_ins_code   ? 
_struct_site.pdbx_num_residues    7 
_struct_site.details              'BINDING SITE FOR RESIDUE 40S A 201' 
# 
loop_
_struct_site_gen.id 
_struct_site_gen.site_id 
_struct_site_gen.pdbx_num_res 
_struct_site_gen.label_comp_id 
_struct_site_gen.label_asym_id 
_struct_site_gen.label_seq_id 
_struct_site_gen.pdbx_auth_ins_code 
_struct_site_gen.auth_comp_id 
_struct_site_gen.auth_asym_id 
_struct_site_gen.auth_seq_id 
_struct_site_gen.label_atom_id 
_struct_site_gen.label_alt_id 
_struct_site_gen.symmetry 
_struct_site_gen.details 
1 AC1 7 GLY A 4   ? GLY A 4   . ? 1_555 ? 
2 AC1 7 VAL A 6   ? VAL A 6   . ? 1_555 ? 
3 AC1 7 ASN A 63  ? ASN A 63  . ? 3_544 ? 
4 AC1 7 THR A 72  ? THR A 72  . ? 3_544 ? 
5 AC1 7 PHE A 75  ? PHE A 75  . ? 3_544 ? 
6 AC1 7 THR A 100 ? THR A 100 . ? 1_555 ? 
7 AC1 7 HOH C .   ? HOH A 333 . ? 1_555 ? 
# 
_pdbx_entry_details.entry_id                   3X2I 
_pdbx_entry_details.compound_details           ? 
_pdbx_entry_details.source_details             ? 
_pdbx_entry_details.nonpolymer_details         ? 
_pdbx_entry_details.sequence_details           ? 
_pdbx_entry_details.has_ligand_of_interest     ? 
_pdbx_entry_details.has_protein_modification   Y 
# 
_pdbx_validate_close_contact.id               1 
_pdbx_validate_close_contact.PDB_model_num    1 
_pdbx_validate_close_contact.auth_atom_id_1   OH 
_pdbx_validate_close_contact.auth_asym_id_1   A 
_pdbx_validate_close_contact.auth_comp_id_1   TYR 
_pdbx_validate_close_contact.auth_seq_id_1    67 
_pdbx_validate_close_contact.PDB_ins_code_1   ? 
_pdbx_validate_close_contact.label_alt_id_1   ? 
_pdbx_validate_close_contact.auth_atom_id_2   OE2 
_pdbx_validate_close_contact.auth_asym_id_2   A 
_pdbx_validate_close_contact.auth_comp_id_2   GLU 
_pdbx_validate_close_contact.auth_seq_id_2    94 
_pdbx_validate_close_contact.PDB_ins_code_2   ? 
_pdbx_validate_close_contact.label_alt_id_2   ? 
_pdbx_validate_close_contact.dist             2.02 
# 
loop_
_pdbx_validate_torsion.id 
_pdbx_validate_torsion.PDB_model_num 
_pdbx_validate_torsion.auth_comp_id 
_pdbx_validate_torsion.auth_asym_id 
_pdbx_validate_torsion.auth_seq_id 
_pdbx_validate_torsion.PDB_ins_code 
_pdbx_validate_torsion.label_alt_id 
_pdbx_validate_torsion.phi 
_pdbx_validate_torsion.psi 
1 1 ASN A 63  ? ? -144.51 11.01  
2 1 ASN A 63  ? ? -144.51 14.37  
3 1 ALA A 171 ? ? -126.76 -88.51 
# 
loop_
_chem_comp_atom.comp_id 
_chem_comp_atom.atom_id 
_chem_comp_atom.type_symbol 
_chem_comp_atom.pdbx_aromatic_flag 
_chem_comp_atom.pdbx_stereo_config 
_chem_comp_atom.pdbx_ordinal 
40S C01  C N N 1   
40S C02  C N N 2   
40S C03  C N N 3   
40S C04  C N N 4   
40S O05  O N N 5   
40S C06  C N N 6   
40S C07  C N N 7   
40S O08  O N N 8   
40S H1   H N N 9   
40S H2   H N N 10  
40S H3   H N N 11  
40S H4   H N N 12  
40S H5   H N N 13  
40S H6   H N N 14  
40S H7   H N N 15  
40S H8   H N N 16  
40S H9   H N N 17  
40S H10  H N N 18  
40S H11  H N N 19  
40S H12  H N N 20  
40S H13  H N N 21  
40S H14  H N N 22  
ALA N    N N N 23  
ALA CA   C N S 24  
ALA C    C N N 25  
ALA O    O N N 26  
ALA CB   C N N 27  
ALA OXT  O N N 28  
ALA H    H N N 29  
ALA H2   H N N 30  
ALA HA   H N N 31  
ALA HB1  H N N 32  
ALA HB2  H N N 33  
ALA HB3  H N N 34  
ALA HXT  H N N 35  
ARG N    N N N 36  
ARG CA   C N S 37  
ARG C    C N N 38  
ARG O    O N N 39  
ARG CB   C N N 40  
ARG CG   C N N 41  
ARG CD   C N N 42  
ARG NE   N N N 43  
ARG CZ   C N N 44  
ARG NH1  N N N 45  
ARG NH2  N N N 46  
ARG OXT  O N N 47  
ARG H    H N N 48  
ARG H2   H N N 49  
ARG HA   H N N 50  
ARG HB2  H N N 51  
ARG HB3  H N N 52  
ARG HG2  H N N 53  
ARG HG3  H N N 54  
ARG HD2  H N N 55  
ARG HD3  H N N 56  
ARG HE   H N N 57  
ARG HH11 H N N 58  
ARG HH12 H N N 59  
ARG HH21 H N N 60  
ARG HH22 H N N 61  
ARG HXT  H N N 62  
ASN N    N N N 63  
ASN CA   C N S 64  
ASN C    C N N 65  
ASN O    O N N 66  
ASN CB   C N N 67  
ASN CG   C N N 68  
ASN OD1  O N N 69  
ASN ND2  N N N 70  
ASN OXT  O N N 71  
ASN H    H N N 72  
ASN H2   H N N 73  
ASN HA   H N N 74  
ASN HB2  H N N 75  
ASN HB3  H N N 76  
ASN HD21 H N N 77  
ASN HD22 H N N 78  
ASN HXT  H N N 79  
ASP N    N N N 80  
ASP CA   C N S 81  
ASP C    C N N 82  
ASP O    O N N 83  
ASP CB   C N N 84  
ASP CG   C N N 85  
ASP OD1  O N N 86  
ASP OD2  O N N 87  
ASP OXT  O N N 88  
ASP H    H N N 89  
ASP H2   H N N 90  
ASP HA   H N N 91  
ASP HB2  H N N 92  
ASP HB3  H N N 93  
ASP HD2  H N N 94  
ASP HXT  H N N 95  
CYS N    N N N 96  
CYS CA   C N R 97  
CYS C    C N N 98  
CYS O    O N N 99  
CYS CB   C N N 100 
CYS SG   S N N 101 
CYS OXT  O N N 102 
CYS H    H N N 103 
CYS H2   H N N 104 
CYS HA   H N N 105 
CYS HB2  H N N 106 
CYS HB3  H N N 107 
CYS HG   H N N 108 
CYS HXT  H N N 109 
GLN N    N N N 110 
GLN CA   C N S 111 
GLN C    C N N 112 
GLN O    O N N 113 
GLN CB   C N N 114 
GLN CG   C N N 115 
GLN CD   C N N 116 
GLN OE1  O N N 117 
GLN NE2  N N N 118 
GLN OXT  O N N 119 
GLN H    H N N 120 
GLN H2   H N N 121 
GLN HA   H N N 122 
GLN HB2  H N N 123 
GLN HB3  H N N 124 
GLN HG2  H N N 125 
GLN HG3  H N N 126 
GLN HE21 H N N 127 
GLN HE22 H N N 128 
GLN HXT  H N N 129 
GLU N    N N N 130 
GLU CA   C N S 131 
GLU C    C N N 132 
GLU O    O N N 133 
GLU CB   C N N 134 
GLU CG   C N N 135 
GLU CD   C N N 136 
GLU OE1  O N N 137 
GLU OE2  O N N 138 
GLU OXT  O N N 139 
GLU H    H N N 140 
GLU H2   H N N 141 
GLU HA   H N N 142 
GLU HB2  H N N 143 
GLU HB3  H N N 144 
GLU HG2  H N N 145 
GLU HG3  H N N 146 
GLU HE2  H N N 147 
GLU HXT  H N N 148 
GLY N    N N N 149 
GLY CA   C N N 150 
GLY C    C N N 151 
GLY O    O N N 152 
GLY OXT  O N N 153 
GLY H    H N N 154 
GLY H2   H N N 155 
GLY HA2  H N N 156 
GLY HA3  H N N 157 
GLY HXT  H N N 158 
HIS N    N N N 159 
HIS CA   C N S 160 
HIS C    C N N 161 
HIS O    O N N 162 
HIS CB   C N N 163 
HIS CG   C Y N 164 
HIS ND1  N Y N 165 
HIS CD2  C Y N 166 
HIS CE1  C Y N 167 
HIS NE2  N Y N 168 
HIS OXT  O N N 169 
HIS H    H N N 170 
HIS H2   H N N 171 
HIS HA   H N N 172 
HIS HB2  H N N 173 
HIS HB3  H N N 174 
HIS HD1  H N N 175 
HIS HD2  H N N 176 
HIS HE1  H N N 177 
HIS HE2  H N N 178 
HIS HXT  H N N 179 
HOH O    O N N 180 
HOH H1   H N N 181 
HOH H2   H N N 182 
ILE N    N N N 183 
ILE CA   C N S 184 
ILE C    C N N 185 
ILE O    O N N 186 
ILE CB   C N S 187 
ILE CG1  C N N 188 
ILE CG2  C N N 189 
ILE CD1  C N N 190 
ILE OXT  O N N 191 
ILE H    H N N 192 
ILE H2   H N N 193 
ILE HA   H N N 194 
ILE HB   H N N 195 
ILE HG12 H N N 196 
ILE HG13 H N N 197 
ILE HG21 H N N 198 
ILE HG22 H N N 199 
ILE HG23 H N N 200 
ILE HD11 H N N 201 
ILE HD12 H N N 202 
ILE HD13 H N N 203 
ILE HXT  H N N 204 
LEU N    N N N 205 
LEU CA   C N S 206 
LEU C    C N N 207 
LEU O    O N N 208 
LEU CB   C N N 209 
LEU CG   C N N 210 
LEU CD1  C N N 211 
LEU CD2  C N N 212 
LEU OXT  O N N 213 
LEU H    H N N 214 
LEU H2   H N N 215 
LEU HA   H N N 216 
LEU HB2  H N N 217 
LEU HB3  H N N 218 
LEU HG   H N N 219 
LEU HD11 H N N 220 
LEU HD12 H N N 221 
LEU HD13 H N N 222 
LEU HD21 H N N 223 
LEU HD22 H N N 224 
LEU HD23 H N N 225 
LEU HXT  H N N 226 
LYS N    N N N 227 
LYS CA   C N S 228 
LYS C    C N N 229 
LYS O    O N N 230 
LYS CB   C N N 231 
LYS CG   C N N 232 
LYS CD   C N N 233 
LYS CE   C N N 234 
LYS NZ   N N N 235 
LYS OXT  O N N 236 
LYS H    H N N 237 
LYS H2   H N N 238 
LYS HA   H N N 239 
LYS HB2  H N N 240 
LYS HB3  H N N 241 
LYS HG2  H N N 242 
LYS HG3  H N N 243 
LYS HD2  H N N 244 
LYS HD3  H N N 245 
LYS HE2  H N N 246 
LYS HE3  H N N 247 
LYS HZ1  H N N 248 
LYS HZ2  H N N 249 
LYS HZ3  H N N 250 
LYS HXT  H N N 251 
MET N    N N N 252 
MET CA   C N S 253 
MET C    C N N 254 
MET O    O N N 255 
MET CB   C N N 256 
MET CG   C N N 257 
MET SD   S N N 258 
MET CE   C N N 259 
MET OXT  O N N 260 
MET H    H N N 261 
MET H2   H N N 262 
MET HA   H N N 263 
MET HB2  H N N 264 
MET HB3  H N N 265 
MET HG2  H N N 266 
MET HG3  H N N 267 
MET HE1  H N N 268 
MET HE2  H N N 269 
MET HE3  H N N 270 
MET HXT  H N N 271 
PHE N    N N N 272 
PHE CA   C N S 273 
PHE C    C N N 274 
PHE O    O N N 275 
PHE CB   C N N 276 
PHE CG   C Y N 277 
PHE CD1  C Y N 278 
PHE CD2  C Y N 279 
PHE CE1  C Y N 280 
PHE CE2  C Y N 281 
PHE CZ   C Y N 282 
PHE OXT  O N N 283 
PHE H    H N N 284 
PHE H2   H N N 285 
PHE HA   H N N 286 
PHE HB2  H N N 287 
PHE HB3  H N N 288 
PHE HD1  H N N 289 
PHE HD2  H N N 290 
PHE HE1  H N N 291 
PHE HE2  H N N 292 
PHE HZ   H N N 293 
PHE HXT  H N N 294 
PRO N    N N N 295 
PRO CA   C N S 296 
PRO C    C N N 297 
PRO O    O N N 298 
PRO CB   C N N 299 
PRO CG   C N N 300 
PRO CD   C N N 301 
PRO OXT  O N N 302 
PRO H    H N N 303 
PRO HA   H N N 304 
PRO HB2  H N N 305 
PRO HB3  H N N 306 
PRO HG2  H N N 307 
PRO HG3  H N N 308 
PRO HD2  H N N 309 
PRO HD3  H N N 310 
PRO HXT  H N N 311 
SER N    N N N 312 
SER CA   C N S 313 
SER C    C N N 314 
SER O    O N N 315 
SER CB   C N N 316 
SER OG   O N N 317 
SER OXT  O N N 318 
SER H    H N N 319 
SER H2   H N N 320 
SER HA   H N N 321 
SER HB2  H N N 322 
SER HB3  H N N 323 
SER HG   H N N 324 
SER HXT  H N N 325 
THR N    N N N 326 
THR CA   C N S 327 
THR C    C N N 328 
THR O    O N N 329 
THR CB   C N R 330 
THR OG1  O N N 331 
THR CG2  C N N 332 
THR OXT  O N N 333 
THR H    H N N 334 
THR H2   H N N 335 
THR HA   H N N 336 
THR HB   H N N 337 
THR HG1  H N N 338 
THR HG21 H N N 339 
THR HG22 H N N 340 
THR HG23 H N N 341 
THR HXT  H N N 342 
TRP N    N N N 343 
TRP CA   C N S 344 
TRP C    C N N 345 
TRP O    O N N 346 
TRP CB   C N N 347 
TRP CG   C Y N 348 
TRP CD1  C Y N 349 
TRP CD2  C Y N 350 
TRP NE1  N Y N 351 
TRP CE2  C Y N 352 
TRP CE3  C Y N 353 
TRP CZ2  C Y N 354 
TRP CZ3  C Y N 355 
TRP CH2  C Y N 356 
TRP OXT  O N N 357 
TRP H    H N N 358 
TRP H2   H N N 359 
TRP HA   H N N 360 
TRP HB2  H N N 361 
TRP HB3  H N N 362 
TRP HD1  H N N 363 
TRP HE1  H N N 364 
TRP HE3  H N N 365 
TRP HZ2  H N N 366 
TRP HZ3  H N N 367 
TRP HH2  H N N 368 
TRP HXT  H N N 369 
TYR N    N N N 370 
TYR CA   C N S 371 
TYR C    C N N 372 
TYR O    O N N 373 
TYR CB   C N N 374 
TYR CG   C Y N 375 
TYR CD1  C Y N 376 
TYR CD2  C Y N 377 
TYR CE1  C Y N 378 
TYR CE2  C Y N 379 
TYR CZ   C Y N 380 
TYR OH   O N N 381 
TYR OXT  O N N 382 
TYR H    H N N 383 
TYR H2   H N N 384 
TYR HA   H N N 385 
TYR HB2  H N N 386 
TYR HB3  H N N 387 
TYR HD1  H N N 388 
TYR HD2  H N N 389 
TYR HE1  H N N 390 
TYR HE2  H N N 391 
TYR HH   H N N 392 
TYR HXT  H N N 393 
VAL N    N N N 394 
VAL CA   C N S 395 
VAL C    C N N 396 
VAL O    O N N 397 
VAL CB   C N N 398 
VAL CG1  C N N 399 
VAL CG2  C N N 400 
VAL OXT  O N N 401 
VAL H    H N N 402 
VAL H2   H N N 403 
VAL HA   H N N 404 
VAL HB   H N N 405 
VAL HG11 H N N 406 
VAL HG12 H N N 407 
VAL HG13 H N N 408 
VAL HG21 H N N 409 
VAL HG22 H N N 410 
VAL HG23 H N N 411 
VAL HXT  H N N 412 
# 
loop_
_chem_comp_bond.comp_id 
_chem_comp_bond.atom_id_1 
_chem_comp_bond.atom_id_2 
_chem_comp_bond.value_order 
_chem_comp_bond.pdbx_aromatic_flag 
_chem_comp_bond.pdbx_stereo_config 
_chem_comp_bond.pdbx_ordinal 
40S O08 C07  sing N N 1   
40S C07 C06  sing N N 2   
40S C06 C02  sing N N 3   
40S C01 C02  sing N N 4   
40S C02 C03  sing N N 5   
40S C03 C04  sing N N 6   
40S C04 O05  sing N N 7   
40S C01 H1   sing N N 8   
40S C01 H2   sing N N 9   
40S C01 H3   sing N N 10  
40S C02 H4   sing N N 11  
40S C03 H5   sing N N 12  
40S C03 H6   sing N N 13  
40S C04 H7   sing N N 14  
40S C04 H8   sing N N 15  
40S O05 H9   sing N N 16  
40S C06 H10  sing N N 17  
40S C06 H11  sing N N 18  
40S C07 H12  sing N N 19  
40S C07 H13  sing N N 20  
40S O08 H14  sing N N 21  
ALA N   CA   sing N N 22  
ALA N   H    sing N N 23  
ALA N   H2   sing N N 24  
ALA CA  C    sing N N 25  
ALA CA  CB   sing N N 26  
ALA CA  HA   sing N N 27  
ALA C   O    doub N N 28  
ALA C   OXT  sing N N 29  
ALA CB  HB1  sing N N 30  
ALA CB  HB2  sing N N 31  
ALA CB  HB3  sing N N 32  
ALA OXT HXT  sing N N 33  
ARG N   CA   sing N N 34  
ARG N   H    sing N N 35  
ARG N   H2   sing N N 36  
ARG CA  C    sing N N 37  
ARG CA  CB   sing N N 38  
ARG CA  HA   sing N N 39  
ARG C   O    doub N N 40  
ARG C   OXT  sing N N 41  
ARG CB  CG   sing N N 42  
ARG CB  HB2  sing N N 43  
ARG CB  HB3  sing N N 44  
ARG CG  CD   sing N N 45  
ARG CG  HG2  sing N N 46  
ARG CG  HG3  sing N N 47  
ARG CD  NE   sing N N 48  
ARG CD  HD2  sing N N 49  
ARG CD  HD3  sing N N 50  
ARG NE  CZ   sing N N 51  
ARG NE  HE   sing N N 52  
ARG CZ  NH1  sing N N 53  
ARG CZ  NH2  doub N N 54  
ARG NH1 HH11 sing N N 55  
ARG NH1 HH12 sing N N 56  
ARG NH2 HH21 sing N N 57  
ARG NH2 HH22 sing N N 58  
ARG OXT HXT  sing N N 59  
ASN N   CA   sing N N 60  
ASN N   H    sing N N 61  
ASN N   H2   sing N N 62  
ASN CA  C    sing N N 63  
ASN CA  CB   sing N N 64  
ASN CA  HA   sing N N 65  
ASN C   O    doub N N 66  
ASN C   OXT  sing N N 67  
ASN CB  CG   sing N N 68  
ASN CB  HB2  sing N N 69  
ASN CB  HB3  sing N N 70  
ASN CG  OD1  doub N N 71  
ASN CG  ND2  sing N N 72  
ASN ND2 HD21 sing N N 73  
ASN ND2 HD22 sing N N 74  
ASN OXT HXT  sing N N 75  
ASP N   CA   sing N N 76  
ASP N   H    sing N N 77  
ASP N   H2   sing N N 78  
ASP CA  C    sing N N 79  
ASP CA  CB   sing N N 80  
ASP CA  HA   sing N N 81  
ASP C   O    doub N N 82  
ASP C   OXT  sing N N 83  
ASP CB  CG   sing N N 84  
ASP CB  HB2  sing N N 85  
ASP CB  HB3  sing N N 86  
ASP CG  OD1  doub N N 87  
ASP CG  OD2  sing N N 88  
ASP OD2 HD2  sing N N 89  
ASP OXT HXT  sing N N 90  
CYS N   CA   sing N N 91  
CYS N   H    sing N N 92  
CYS N   H2   sing N N 93  
CYS CA  C    sing N N 94  
CYS CA  CB   sing N N 95  
CYS CA  HA   sing N N 96  
CYS C   O    doub N N 97  
CYS C   OXT  sing N N 98  
CYS CB  SG   sing N N 99  
CYS CB  HB2  sing N N 100 
CYS CB  HB3  sing N N 101 
CYS SG  HG   sing N N 102 
CYS OXT HXT  sing N N 103 
GLN N   CA   sing N N 104 
GLN N   H    sing N N 105 
GLN N   H2   sing N N 106 
GLN CA  C    sing N N 107 
GLN CA  CB   sing N N 108 
GLN CA  HA   sing N N 109 
GLN C   O    doub N N 110 
GLN C   OXT  sing N N 111 
GLN CB  CG   sing N N 112 
GLN CB  HB2  sing N N 113 
GLN CB  HB3  sing N N 114 
GLN CG  CD   sing N N 115 
GLN CG  HG2  sing N N 116 
GLN CG  HG3  sing N N 117 
GLN CD  OE1  doub N N 118 
GLN CD  NE2  sing N N 119 
GLN NE2 HE21 sing N N 120 
GLN NE2 HE22 sing N N 121 
GLN OXT HXT  sing N N 122 
GLU N   CA   sing N N 123 
GLU N   H    sing N N 124 
GLU N   H2   sing N N 125 
GLU CA  C    sing N N 126 
GLU CA  CB   sing N N 127 
GLU CA  HA   sing N N 128 
GLU C   O    doub N N 129 
GLU C   OXT  sing N N 130 
GLU CB  CG   sing N N 131 
GLU CB  HB2  sing N N 132 
GLU CB  HB3  sing N N 133 
GLU CG  CD   sing N N 134 
GLU CG  HG2  sing N N 135 
GLU CG  HG3  sing N N 136 
GLU CD  OE1  doub N N 137 
GLU CD  OE2  sing N N 138 
GLU OE2 HE2  sing N N 139 
GLU OXT HXT  sing N N 140 
GLY N   CA   sing N N 141 
GLY N   H    sing N N 142 
GLY N   H2   sing N N 143 
GLY CA  C    sing N N 144 
GLY CA  HA2  sing N N 145 
GLY CA  HA3  sing N N 146 
GLY C   O    doub N N 147 
GLY C   OXT  sing N N 148 
GLY OXT HXT  sing N N 149 
HIS N   CA   sing N N 150 
HIS N   H    sing N N 151 
HIS N   H2   sing N N 152 
HIS CA  C    sing N N 153 
HIS CA  CB   sing N N 154 
HIS CA  HA   sing N N 155 
HIS C   O    doub N N 156 
HIS C   OXT  sing N N 157 
HIS CB  CG   sing N N 158 
HIS CB  HB2  sing N N 159 
HIS CB  HB3  sing N N 160 
HIS CG  ND1  sing Y N 161 
HIS CG  CD2  doub Y N 162 
HIS ND1 CE1  doub Y N 163 
HIS ND1 HD1  sing N N 164 
HIS CD2 NE2  sing Y N 165 
HIS CD2 HD2  sing N N 166 
HIS CE1 NE2  sing Y N 167 
HIS CE1 HE1  sing N N 168 
HIS NE2 HE2  sing N N 169 
HIS OXT HXT  sing N N 170 
HOH O   H1   sing N N 171 
HOH O   H2   sing N N 172 
ILE N   CA   sing N N 173 
ILE N   H    sing N N 174 
ILE N   H2   sing N N 175 
ILE CA  C    sing N N 176 
ILE CA  CB   sing N N 177 
ILE CA  HA   sing N N 178 
ILE C   O    doub N N 179 
ILE C   OXT  sing N N 180 
ILE CB  CG1  sing N N 181 
ILE CB  CG2  sing N N 182 
ILE CB  HB   sing N N 183 
ILE CG1 CD1  sing N N 184 
ILE CG1 HG12 sing N N 185 
ILE CG1 HG13 sing N N 186 
ILE CG2 HG21 sing N N 187 
ILE CG2 HG22 sing N N 188 
ILE CG2 HG23 sing N N 189 
ILE CD1 HD11 sing N N 190 
ILE CD1 HD12 sing N N 191 
ILE CD1 HD13 sing N N 192 
ILE OXT HXT  sing N N 193 
LEU N   CA   sing N N 194 
LEU N   H    sing N N 195 
LEU N   H2   sing N N 196 
LEU CA  C    sing N N 197 
LEU CA  CB   sing N N 198 
LEU CA  HA   sing N N 199 
LEU C   O    doub N N 200 
LEU C   OXT  sing N N 201 
LEU CB  CG   sing N N 202 
LEU CB  HB2  sing N N 203 
LEU CB  HB3  sing N N 204 
LEU CG  CD1  sing N N 205 
LEU CG  CD2  sing N N 206 
LEU CG  HG   sing N N 207 
LEU CD1 HD11 sing N N 208 
LEU CD1 HD12 sing N N 209 
LEU CD1 HD13 sing N N 210 
LEU CD2 HD21 sing N N 211 
LEU CD2 HD22 sing N N 212 
LEU CD2 HD23 sing N N 213 
LEU OXT HXT  sing N N 214 
LYS N   CA   sing N N 215 
LYS N   H    sing N N 216 
LYS N   H2   sing N N 217 
LYS CA  C    sing N N 218 
LYS CA  CB   sing N N 219 
LYS CA  HA   sing N N 220 
LYS C   O    doub N N 221 
LYS C   OXT  sing N N 222 
LYS CB  CG   sing N N 223 
LYS CB  HB2  sing N N 224 
LYS CB  HB3  sing N N 225 
LYS CG  CD   sing N N 226 
LYS CG  HG2  sing N N 227 
LYS CG  HG3  sing N N 228 
LYS CD  CE   sing N N 229 
LYS CD  HD2  sing N N 230 
LYS CD  HD3  sing N N 231 
LYS CE  NZ   sing N N 232 
LYS CE  HE2  sing N N 233 
LYS CE  HE3  sing N N 234 
LYS NZ  HZ1  sing N N 235 
LYS NZ  HZ2  sing N N 236 
LYS NZ  HZ3  sing N N 237 
LYS OXT HXT  sing N N 238 
MET N   CA   sing N N 239 
MET N   H    sing N N 240 
MET N   H2   sing N N 241 
MET CA  C    sing N N 242 
MET CA  CB   sing N N 243 
MET CA  HA   sing N N 244 
MET C   O    doub N N 245 
MET C   OXT  sing N N 246 
MET CB  CG   sing N N 247 
MET CB  HB2  sing N N 248 
MET CB  HB3  sing N N 249 
MET CG  SD   sing N N 250 
MET CG  HG2  sing N N 251 
MET CG  HG3  sing N N 252 
MET SD  CE   sing N N 253 
MET CE  HE1  sing N N 254 
MET CE  HE2  sing N N 255 
MET CE  HE3  sing N N 256 
MET OXT HXT  sing N N 257 
PHE N   CA   sing N N 258 
PHE N   H    sing N N 259 
PHE N   H2   sing N N 260 
PHE CA  C    sing N N 261 
PHE CA  CB   sing N N 262 
PHE CA  HA   sing N N 263 
PHE C   O    doub N N 264 
PHE C   OXT  sing N N 265 
PHE CB  CG   sing N N 266 
PHE CB  HB2  sing N N 267 
PHE CB  HB3  sing N N 268 
PHE CG  CD1  doub Y N 269 
PHE CG  CD2  sing Y N 270 
PHE CD1 CE1  sing Y N 271 
PHE CD1 HD1  sing N N 272 
PHE CD2 CE2  doub Y N 273 
PHE CD2 HD2  sing N N 274 
PHE CE1 CZ   doub Y N 275 
PHE CE1 HE1  sing N N 276 
PHE CE2 CZ   sing Y N 277 
PHE CE2 HE2  sing N N 278 
PHE CZ  HZ   sing N N 279 
PHE OXT HXT  sing N N 280 
PRO N   CA   sing N N 281 
PRO N   CD   sing N N 282 
PRO N   H    sing N N 283 
PRO CA  C    sing N N 284 
PRO CA  CB   sing N N 285 
PRO CA  HA   sing N N 286 
PRO C   O    doub N N 287 
PRO C   OXT  sing N N 288 
PRO CB  CG   sing N N 289 
PRO CB  HB2  sing N N 290 
PRO CB  HB3  sing N N 291 
PRO CG  CD   sing N N 292 
PRO CG  HG2  sing N N 293 
PRO CG  HG3  sing N N 294 
PRO CD  HD2  sing N N 295 
PRO CD  HD3  sing N N 296 
PRO OXT HXT  sing N N 297 
SER N   CA   sing N N 298 
SER N   H    sing N N 299 
SER N   H2   sing N N 300 
SER CA  C    sing N N 301 
SER CA  CB   sing N N 302 
SER CA  HA   sing N N 303 
SER C   O    doub N N 304 
SER C   OXT  sing N N 305 
SER CB  OG   sing N N 306 
SER CB  HB2  sing N N 307 
SER CB  HB3  sing N N 308 
SER OG  HG   sing N N 309 
SER OXT HXT  sing N N 310 
THR N   CA   sing N N 311 
THR N   H    sing N N 312 
THR N   H2   sing N N 313 
THR CA  C    sing N N 314 
THR CA  CB   sing N N 315 
THR CA  HA   sing N N 316 
THR C   O    doub N N 317 
THR C   OXT  sing N N 318 
THR CB  OG1  sing N N 319 
THR CB  CG2  sing N N 320 
THR CB  HB   sing N N 321 
THR OG1 HG1  sing N N 322 
THR CG2 HG21 sing N N 323 
THR CG2 HG22 sing N N 324 
THR CG2 HG23 sing N N 325 
THR OXT HXT  sing N N 326 
TRP N   CA   sing N N 327 
TRP N   H    sing N N 328 
TRP N   H2   sing N N 329 
TRP CA  C    sing N N 330 
TRP CA  CB   sing N N 331 
TRP CA  HA   sing N N 332 
TRP C   O    doub N N 333 
TRP C   OXT  sing N N 334 
TRP CB  CG   sing N N 335 
TRP CB  HB2  sing N N 336 
TRP CB  HB3  sing N N 337 
TRP CG  CD1  doub Y N 338 
TRP CG  CD2  sing Y N 339 
TRP CD1 NE1  sing Y N 340 
TRP CD1 HD1  sing N N 341 
TRP CD2 CE2  doub Y N 342 
TRP CD2 CE3  sing Y N 343 
TRP NE1 CE2  sing Y N 344 
TRP NE1 HE1  sing N N 345 
TRP CE2 CZ2  sing Y N 346 
TRP CE3 CZ3  doub Y N 347 
TRP CE3 HE3  sing N N 348 
TRP CZ2 CH2  doub Y N 349 
TRP CZ2 HZ2  sing N N 350 
TRP CZ3 CH2  sing Y N 351 
TRP CZ3 HZ3  sing N N 352 
TRP CH2 HH2  sing N N 353 
TRP OXT HXT  sing N N 354 
TYR N   CA   sing N N 355 
TYR N   H    sing N N 356 
TYR N   H2   sing N N 357 
TYR CA  C    sing N N 358 
TYR CA  CB   sing N N 359 
TYR CA  HA   sing N N 360 
TYR C   O    doub N N 361 
TYR C   OXT  sing N N 362 
TYR CB  CG   sing N N 363 
TYR CB  HB2  sing N N 364 
TYR CB  HB3  sing N N 365 
TYR CG  CD1  doub Y N 366 
TYR CG  CD2  sing Y N 367 
TYR CD1 CE1  sing Y N 368 
TYR CD1 HD1  sing N N 369 
TYR CD2 CE2  doub Y N 370 
TYR CD2 HD2  sing N N 371 
TYR CE1 CZ   doub Y N 372 
TYR CE1 HE1  sing N N 373 
TYR CE2 CZ   sing Y N 374 
TYR CE2 HE2  sing N N 375 
TYR CZ  OH   sing N N 376 
TYR OH  HH   sing N N 377 
TYR OXT HXT  sing N N 378 
VAL N   CA   sing N N 379 
VAL N   H    sing N N 380 
VAL N   H2   sing N N 381 
VAL CA  C    sing N N 382 
VAL CA  CB   sing N N 383 
VAL CA  HA   sing N N 384 
VAL C   O    doub N N 385 
VAL C   OXT  sing N N 386 
VAL CB  CG1  sing N N 387 
VAL CB  CG2  sing N N 388 
VAL CB  HB   sing N N 389 
VAL CG1 HG11 sing N N 390 
VAL CG1 HG12 sing N N 391 
VAL CG1 HG13 sing N N 392 
VAL CG2 HG21 sing N N 393 
VAL CG2 HG22 sing N N 394 
VAL CG2 HG23 sing N N 395 
VAL OXT HXT  sing N N 396 
# 
_atom_sites.entry_id                    3X2I 
_atom_sites.fract_transf_matrix[1][1]   -0.01573288 
_atom_sites.fract_transf_matrix[1][2]   -0.00291224 
_atom_sites.fract_transf_matrix[1][3]   0.01459672 
_atom_sites.fract_transf_matrix[2][1]   -0.00906080 
_atom_sites.fract_transf_matrix[2][2]   -0.00855886 
_atom_sites.fract_transf_matrix[2][3]   -0.01147367 
_atom_sites.fract_transf_matrix[3][1]   0.00670612 
_atom_sites.fract_transf_matrix[3][2]   -0.01324627 
_atom_sites.fract_transf_matrix[3][3]   0.00458529 
_atom_sites.fract_transf_vector[1]      -0.215224 
_atom_sites.fract_transf_vector[2]      0.175182 
_atom_sites.fract_transf_vector[3]      -0.158288 
# 
loop_
_atom_type.symbol 
C 
H 
N 
O 
S 
# 
loop_
_atom_site.group_PDB 
_atom_site.id 
_atom_site.type_symbol 
_atom_site.label_atom_id 
_atom_site.label_alt_id 
_atom_site.label_comp_id 
_atom_site.label_asym_id 
_atom_site.label_entity_id 
_atom_site.label_seq_id 
_atom_site.pdbx_PDB_ins_code 
_atom_site.Cartn_x 
_atom_site.Cartn_y 
_atom_site.Cartn_z 
_atom_site.occupancy 
_atom_site.B_iso_or_equiv 
_atom_site.pdbx_formal_charge 
_atom_site.auth_seq_id 
_atom_site.auth_comp_id 
_atom_site.auth_asym_id 
_atom_site.auth_atom_id 
_atom_site.pdbx_PDB_model_num 
ATOM   1    N N    . ALA A 1 1   ? -6.208  5.575   14.356  1.00 12.23  ? 1   ALA A N    1 
ATOM   2    C CA   . ALA A 1 1   ? -4.956  5.265   15.048  1.00 11.92  ? 1   ALA A CA   1 
ATOM   3    C C    . ALA A 1 1   ? -4.276  6.550   15.539  1.00 10.50  ? 1   ALA A C    1 
ATOM   4    O O    . ALA A 1 1   ? -4.740  7.659   15.175  1.00 12.06  ? 1   ALA A O    1 
ATOM   5    C CB   . ALA A 1 1   ? -3.999  4.473   14.087  1.00 14.58  ? 1   ALA A CB   1 
ATOM   6    N N    . THR A 1 2   ? -3.201  6.404   16.317  1.00 9.65   ? 2   THR A N    1 
ATOM   7    C CA   . THR A 1 2   ? -2.462  7.554   16.825  1.00 10.30  ? 2   THR A CA   1 
ATOM   8    C C    . THR A 1 2   ? -2.097  8.474   15.664  1.00 13.18  ? 2   THR A C    1 
ATOM   9    O O    . THR A 1 2   ? -1.636  8.008   14.622  1.00 13.22  ? 2   THR A O    1 
ATOM   10   C CB   . THR A 1 2   ? -1.197  7.138   17.566  1.00 16.98  ? 2   THR A CB   1 
ATOM   11   O OG1  . THR A 1 2   ? -1.591  6.360   18.696  1.00 18.10  ? 2   THR A OG1  1 
ATOM   12   C CG2  . THR A 1 2   ? -0.454  8.358   18.073  1.00 19.95  ? 2   THR A CG2  1 
ATOM   13   N N    . GLY A 1 3   ? -2.300  9.776   15.837  1.00 11.17  ? 3   GLY A N    1 
ATOM   14   C CA   . GLY A 1 3   ? -2.029  10.715  14.772  1.00 12.99  ? 3   GLY A CA   1 
ATOM   15   C C    . GLY A 1 3   ? -3.216  10.961  13.888  1.00 10.06  ? 3   GLY A C    1 
ATOM   16   O O    . GLY A 1 3   ? -3.172  11.848  13.018  1.00 14.05  ? 3   GLY A O    1 
ATOM   17   N N    . GLY A 1 4   ? -4.309  10.212  14.089  1.00 9.60   ? 4   GLY A N    1 
ATOM   18   C CA   . GLY A 1 4   ? -5.503  10.398  13.321  1.00 10.14  ? 4   GLY A CA   1 
ATOM   19   C C    . GLY A 1 4   ? -5.492  9.610   12.019  1.00 11.19  ? 4   GLY A C    1 
ATOM   20   O O    . GLY A 1 4   ? -6.407  9.723   11.185  1.00 13.45  ? 4   GLY A O    1 
ATOM   21   N N    . TYR A 1 5   ? -4.444  8.798   11.841  1.00 9.83   ? 5   TYR A N    1 
ATOM   22   C CA   . TYR A 1 5   ? -4.405  7.983   10.626  1.00 8.76   ? 5   TYR A CA   1 
ATOM   23   C C    . TYR A 1 5   ? -5.491  6.916   10.627  1.00 10.10  ? 5   TYR A C    1 
ATOM   24   O O    . TYR A 1 5   ? -5.951  6.468   11.698  1.00 11.99  ? 5   TYR A O    1 
ATOM   25   C CB   . TYR A 1 5   ? -3.005  7.339   10.482  1.00 8.23   ? 5   TYR A CB   1 
ATOM   26   C CG   . TYR A 1 5   ? -1.907  8.373   10.286  1.00 7.51   ? 5   TYR A CG   1 
ATOM   27   C CD1  . TYR A 1 5   ? -1.622  8.867   9.035   1.00 7.28   ? 5   TYR A CD1  1 
ATOM   28   C CD2  . TYR A 1 5   ? -1.136  8.810   11.351  1.00 8.50   ? 5   TYR A CD2  1 
ATOM   29   C CE1  . TYR A 1 5   ? -0.595  9.772   8.802   1.00 7.29   ? 5   TYR A CE1  1 
ATOM   30   C CE2  . TYR A 1 5   ? -0.106  9.730   11.147  1.00 8.25   ? 5   TYR A CE2  1 
ATOM   31   C CZ   . TYR A 1 5   ? 0.189   10.208  9.875   1.00 8.52   ? 5   TYR A CZ   1 
ATOM   32   O OH   . TYR A 1 5   ? 1.214   11.088  9.610   1.00 10.29  ? 5   TYR A OH   1 
ATOM   33   H HB2  . TYR A 1 5   ? -2.803  6.837   11.286  1.00 9.87   ? 5   TYR A HB2  1 
ATOM   34   H HD1  . TYR A 1 5   ? -2.123  8.565   8.312   1.00 8.74   ? 5   TYR A HD1  1 
ATOM   35   N N    . VAL A 1 6   ? -5.908  6.516   9.413   1.00 9.13   ? 6   VAL A N    1 
ATOM   36   C CA   . VAL A 1 6   ? -6.990  5.530   9.287   1.00 7.98   ? 6   VAL A CA   1 
ATOM   37   C C    . VAL A 1 6   ? -6.354  4.198   8.838   1.00 8.22   ? 6   VAL A C    1 
ATOM   38   O O    . VAL A 1 6   ? -5.919  4.086   7.703   1.00 9.23   ? 6   VAL A O    1 
ATOM   39   C CB   . VAL A 1 6   ? -8.053  5.985   8.309   1.00 10.68  ? 6   VAL A CB   1 
ATOM   40   C CG1  . VAL A 1 6   ? -9.123  4.895   8.162   1.00 13.46  ? 6   VAL A CG1  1 
ATOM   41   C CG2  . VAL A 1 6   ? -8.707  7.319   8.764   1.00 14.25  ? 6   VAL A CG2  1 
ATOM   42   H HB   . VAL A 1 6   ? -7.645  6.128   7.440   1.00 12.82  ? 6   VAL A HB   1 
ATOM   43   H HG22 . VAL A 1 6   ? -9.109  7.192   9.637   1.00 17.10  ? 6   VAL A HG22 1 
ATOM   44   N N    . GLN A 1 7   ? -6.244  3.260   9.778   1.00 8.52   ? 7   GLN A N    1 
ATOM   45   C CA   . GLN A 1 7   ? -5.428  2.049   9.572   1.00 7.94   ? 7   GLN A CA   1 
ATOM   46   C C    . GLN A 1 7   ? -6.309  0.879   9.968   1.00 10.95  ? 7   GLN A C    1 
ATOM   47   O O    . GLN A 1 7   ? -6.464  0.599   11.163  1.00 14.88  ? 7   GLN A O    1 
ATOM   48   C CB   . GLN A 1 7   ? -4.184  2.134   10.429  1.00 7.50   ? 7   GLN A CB   1 
ATOM   49   C CG   . GLN A 1 7   ? -3.243  3.226   9.871   1.00 8.41   ? 7   GLN A CG   1 
ATOM   50   C CD   . GLN A 1 7   ? -1.986  3.429   10.717  1.00 7.06   ? 7   GLN A CD   1 
ATOM   51   O OE1  . GLN A 1 7   ? -2.028  3.290   11.951  1.00 10.27  ? 7   GLN A OE1  1 
ATOM   52   N NE2  . GLN A 1 7   ? -0.861  3.778   10.061  1.00 7.61   ? 7   GLN A NE2  1 
ATOM   53   N N    . GLN A 1 8   ? -6.893  0.225   8.975   1.00 10.08  ? 8   GLN A N    1 
ATOM   54   C CA   . GLN A 1 8   ? -7.818  -0.874  9.229   1.00 10.67  ? 8   GLN A CA   1 
ATOM   55   C C    . GLN A 1 8   ? -7.327  -2.107  8.533   1.00 9.36   ? 8   GLN A C    1 
ATOM   56   O O    . GLN A 1 8   ? -6.706  -1.986  7.468   1.00 10.60  ? 8   GLN A O    1 
ATOM   57   C CB   . GLN A 1 8   ? -9.215  -0.504  8.729   1.00 14.02  ? 8   GLN A CB   1 
ATOM   58   C CG   . GLN A 1 8   ? -9.716  0.727   9.479   1.00 17.74  ? 8   GLN A CG   1 
ATOM   59   C CD   . GLN A 1 8   ? -11.054 1.105   8.993   1.00 40.58  ? 8   GLN A CD   1 
ATOM   60   O OE1  . GLN A 1 8   ? -11.279 1.114   7.794   1.00 34.00  ? 8   GLN A OE1  1 
ATOM   61   N NE2  . GLN A 1 8   ? -11.970 1.385   9.906   1.00 50.10  ? 8   GLN A NE2  1 
ATOM   62   H HB2  . GLN A 1 8   ? -9.166  -0.282  7.787   1.00 16.83  ? 8   GLN A HB2  1 
ATOM   63   H HE21 . GLN A 1 8   ? -11.773 1.343   10.742  1.00 60.12  ? 8   GLN A HE21 1 
ATOM   64   H HE22 . GLN A 1 8   ? -12.764 1.610   9.663   1.00 60.12  ? 8   GLN A HE22 1 
ATOM   65   N N    . ALA A 1 9   ? -7.622  -3.276  9.102   1.00 9.03   ? 9   ALA A N    1 
ATOM   66   C CA   . ALA A 1 9   ? -7.021  -4.546  8.572   1.00 10.08  ? 9   ALA A CA   1 
ATOM   67   C C    . ALA A 1 9   ? -7.730  -5.021  7.321   1.00 12.32  ? 9   ALA A C    1 
ATOM   68   O O    . ALA A 1 9   ? -7.196  -5.820  6.587   1.00 13.62  ? 9   ALA A O    1 
ATOM   69   C CB   . ALA A 1 9   ? -7.062  -5.610  9.614   1.00 12.23  ? 9   ALA A CB   1 
ATOM   70   N N    . THR A 1 10  ? -8.902  -4.495  7.001   1.00 8.98   ? 10  THR A N    1 
ATOM   71   C CA   . THR A 1 10  ? -9.595  -4.913  5.785   1.00 9.15   ? 10  THR A CA   1 
ATOM   72   C C    . THR A 1 10  ? -10.434 -3.765  5.273   1.00 13.14  ? 10  THR A C    1 
ATOM   73   O O    . THR A 1 10  ? -10.821 -2.833  6.024   1.00 13.77  ? 10  THR A O    1 
ATOM   74   C CB   . THR A 1 10  ? -10.415 -6.195  6.015   1.00 14.36  ? 10  THR A CB   1 
ATOM   75   O OG1  . THR A 1 10  ? -10.961 -6.637  4.750   1.00 17.13  ? 10  THR A OG1  1 
ATOM   76   C CG2  . THR A 1 10  ? -11.576 -5.913  6.981   1.00 16.22  ? 10  THR A CG2  1 
ATOM   77   H H    . THR A 1 10  ? -9.317  -3.899  7.463   1.00 10.78  ? 10  THR A H    1 
ATOM   78   N N    . GLY A 1 11  ? -10.718 -3.771  3.981   1.00 9.23   ? 11  GLY A N    1 
ATOM   79   C CA   . GLY A 1 11  ? -11.486 -2.656  3.483   1.00 10.18  ? 11  GLY A CA   1 
ATOM   80   C C    . GLY A 1 11  ? -11.537 -2.677  1.984   1.00 11.53  ? 11  GLY A C    1 
ATOM   81   O O    . GLY A 1 11  ? -11.143 -3.672  1.371   1.00 11.30  ? 11  GLY A O    1 
ATOM   82   N N    . GLN A 1 12  ? -12.081 -1.601  1.408   1.00 8.11   ? 12  GLN A N    1 
ATOM   83   C CA   . GLN A 1 12  ? -12.096 -1.424  -0.046  1.00 9.64   ? 12  GLN A CA   1 
ATOM   84   C C    . GLN A 1 12  ? -10.975 -0.524  -0.471  1.00 9.85   ? 12  GLN A C    1 
ATOM   85   O O    . GLN A 1 12  ? -10.663 0.439   0.242   1.00 10.04  ? 12  GLN A O    1 
ATOM   86   C CB   . GLN A 1 12  ? -13.414 -0.799  -0.513  1.00 10.96  ? 12  GLN A CB   1 
ATOM   87   C CG   . GLN A 1 12  ? -14.521 -1.798  -0.284  1.00 13.34  ? 12  GLN A CG   1 
ATOM   88   C CD   . GLN A 1 12  ? -15.863 -1.308  -0.806  1.00 19.19  ? 12  GLN A CD   1 
ATOM   89   O OE1  . GLN A 1 12  ? -16.096 -1.199  -2.031  1.00 20.70  ? 12  GLN A OE1  1 
ATOM   90   N NE2  . GLN A 1 12  ? -16.756 -1.015  0.131   1.00 20.10  ? 12  GLN A NE2  1 
ATOM   91   H HA   . GLN A 1 12  ? -11.987 -2.284  -0.482  1.00 11.56  ? 12  GLN A HA   1 
ATOM   92   N N    . ALA A 1 13  ? -10.411 -0.760  -1.672  1.00 7.07   ? 13  ALA A N    1 
ATOM   93   C CA   . ALA A 1 13  ? -9.293  0.049   -2.135  1.00 5.96   ? 13  ALA A CA   1 
ATOM   94   C C    . ALA A 1 13  ? -9.273  0.161   -3.644  1.00 8.16   ? 13  ALA A C    1 
ATOM   95   O O    . ALA A 1 13  ? -9.824  -0.700  -4.334  1.00 10.69  ? 13  ALA A O    1 
ATOM   96   C CB   . ALA A 1 13  ? -7.922  -0.589  -1.660  1.00 9.25   ? 13  ALA A CB   1 
ATOM   97   N N    . SER A 1 14  ? -8.609  1.201   -4.133  1.00 7.69   ? 14  SER A N    1 
ATOM   98   C CA   . SER A 1 14  ? -8.242  1.258   -5.534  1.00 7.44   ? 14  SER A CA   1 
ATOM   99   C C    . SER A 1 14  ? -6.757  0.830   -5.669  1.00 8.03   ? 14  SER A C    1 
ATOM   100  O O    . SER A 1 14  ? -6.024  0.730   -4.664  1.00 8.02   ? 14  SER A O    1 
ATOM   101  C CB   . SER A 1 14  ? -8.485  2.640   -6.121  1.00 10.58  ? 14  SER A CB   1 
ATOM   102  O OG   . SER A 1 14  ? -8.001  3.674   -5.267  1.00 9.44   ? 14  SER A OG   1 
ATOM   103  N N    . PHE A 1 15  ? -6.376  0.523   -6.918  1.00 6.57   ? 15  PHE A N    1 
ATOM   104  C CA   . PHE A 1 15  ? -5.070  -0.093  -7.198  1.00 6.24   ? 15  PHE A CA   1 
ATOM   105  C C    . PHE A 1 15  ? -4.515  0.496   -8.478  1.00 9.71   ? 15  PHE A C    1 
ATOM   106  O O    . PHE A 1 15  ? -5.225  0.600   -9.475  1.00 9.74   ? 15  PHE A O    1 
ATOM   107  C CB   . PHE A 1 15  ? -5.186  -1.614  -7.384  1.00 8.44   ? 15  PHE A CB   1 
ATOM   108  C CG   . PHE A 1 15  ? -5.838  -2.313  -6.236  1.00 7.33   ? 15  PHE A CG   1 
ATOM   109  C CD1  . PHE A 1 15  ? -5.124  -2.542  -5.056  1.00 8.55   ? 15  PHE A CD1  1 
ATOM   110  C CD2  . PHE A 1 15  ? -7.171  -2.749  -6.327  1.00 8.16   ? 15  PHE A CD2  1 
ATOM   111  C CE1  . PHE A 1 15  ? -5.710  -3.209  -4.009  1.00 9.92   ? 15  PHE A CE1  1 
ATOM   112  C CE2  . PHE A 1 15  ? -7.736  -3.470  -5.225  1.00 7.83   ? 15  PHE A CE2  1 
ATOM   113  C CZ   . PHE A 1 15  ? -6.996  -3.659  -4.089  1.00 8.34   ? 15  PHE A CZ   1 
ATOM   114  H HE1  . PHE A 1 15  ? -5.222  -3.355  -3.230  1.00 11.90  ? 15  PHE A HE1  1 
ATOM   115  N N    . THR A 1 16  ? -3.228  0.835   -8.473  1.00 7.76   ? 16  THR A N    1 
ATOM   116  C CA   . THR A 1 16  ? -2.497  1.232   -9.678  1.00 8.81   ? 16  THR A CA   1 
ATOM   117  C C    . THR A 1 16  ? -1.133  0.569   -9.600  1.00 10.04  ? 16  THR A C    1 
ATOM   118  O O    . THR A 1 16  ? -0.869  -0.133  -8.648  1.00 7.79   ? 16  THR A O    1 
ATOM   119  C CB   . THR A 1 16  ? -2.297  2.753   -9.800  1.00 8.23   ? 16  THR A CB   1 
ATOM   120  O OG1  . THR A 1 16  ? -1.739  3.298   -8.597  1.00 10.25  ? 16  THR A OG1  1 
ATOM   121  C CG2  . THR A 1 16  ? -3.632  3.480   -10.101 1.00 11.78  ? 16  THR A CG2  1 
ATOM   122  H HA   . THR A 1 16  ? -2.960  0.909   -10.468 1.00 10.57  ? 16  THR A HA   1 
ATOM   123  H HB   . THR A 1 16  ? -1.689  2.930   -10.535 1.00 9.87   ? 16  THR A HB   1 
ATOM   124  H HG22 . THR A 1 16  ? -3.954  3.232   -10.981 1.00 14.14  ? 16  THR A HG22 1 
ATOM   125  N N    . MET A 1 17  ? -0.279  0.802   -10.611 1.00 10.10  ? 17  MET A N    1 
ATOM   126  C CA   . MET A 1 17  ? 1.090   0.316   -10.560 1.00 8.86   ? 17  MET A CA   1 
ATOM   127  C C    . MET A 1 17  ? 2.052   1.483   -10.712 1.00 11.34  ? 17  MET A C    1 
ATOM   128  O O    . MET A 1 17  ? 1.710   2.559   -11.231 1.00 9.81   ? 17  MET A O    1 
ATOM   129  C CB   . MET A 1 17  ? 1.329   -0.732  -11.656 1.00 10.95  ? 17  MET A CB   1 
ATOM   130  C CG   . MET A 1 17  ? 1.249   -0.114  -12.991 1.00 14.34  ? 17  MET A CG   1 
ATOM   131  S SD   . MET A 1 17  ? 1.545   -1.428  -14.215 1.00 25.24  ? 17  MET A SD   1 
ATOM   132  C CE   . MET A 1 17  ? -0.136  -2.002  -14.365 1.00 27.70  ? 17  MET A CE   1 
ATOM   133  N N    . TYR A 1 18  ? 3.256   1.295   -10.198 1.00 8.04   ? 18  TYR A N    1 
ATOM   134  C CA   . TYR A 1 18  ? 4.300   2.308   -10.374 1.00 7.54   ? 18  TYR A CA   1 
ATOM   135  C C    . TYR A 1 18  ? 5.663   1.666   -10.505 1.00 10.56  ? 18  TYR A C    1 
ATOM   136  O O    . TYR A 1 18  ? 5.868   0.503   -10.168 1.00 9.66   ? 18  TYR A O    1 
ATOM   137  C CB   . TYR A 1 18  ? 4.322   3.307   -9.220  1.00 10.67  ? 18  TYR A CB   1 
ATOM   138  C CG   . TYR A 1 18  ? 4.982   2.853   -7.917  1.00 8.67   ? 18  TYR A CG   1 
ATOM   139  C CD1  . TYR A 1 18  ? 4.357   1.908   -7.091  1.00 7.60   ? 18  TYR A CD1  1 
ATOM   140  C CD2  . TYR A 1 18  ? 6.186   3.410   -7.476  1.00 10.56  ? 18  TYR A CD2  1 
ATOM   141  C CE1  . TYR A 1 18  ? 4.905   1.531   -5.894  1.00 7.96   ? 18  TYR A CE1  1 
ATOM   142  C CE2  . TYR A 1 18  ? 6.746   3.053   -6.192  1.00 12.07  ? 18  TYR A CE2  1 
ATOM   143  C CZ   . TYR A 1 18  ? 6.089   2.116   -5.417  1.00 9.60   ? 18  TYR A CZ   1 
ATOM   144  O OH   . TYR A 1 18  ? 6.637   1.791   -4.210  1.00 10.05  ? 18  TYR A OH   1 
ATOM   145  H HA   . TYR A 1 18  ? 4.123   2.801   -11.191 1.00 9.05   ? 18  TYR A HA   1 
ATOM   146  H HE2  . TYR A 1 18  ? 7.542   3.434   -5.901  1.00 14.48  ? 18  TYR A HE2  1 
ATOM   147  N N    A SER A 1 19  ? 6.594   2.463   -11.029 0.67 11.27  ? 19  SER A N    1 
ATOM   148  N N    B SER A 1 19  ? 6.598   2.449   -11.035 0.33 11.30  ? 19  SER A N    1 
ATOM   149  C CA   A SER A 1 19  ? 7.971   2.057   -11.285 0.67 12.63  ? 19  SER A CA   1 
ATOM   150  C CA   B SER A 1 19  ? 7.954   1.992   -11.301 0.33 12.59  ? 19  SER A CA   1 
ATOM   151  C C    A SER A 1 19  ? 8.950   2.683   -10.339 0.67 12.57  ? 19  SER A C    1 
ATOM   152  C C    B SER A 1 19  ? 8.961   2.671   -10.389 0.33 12.56  ? 19  SER A C    1 
ATOM   153  O O    A SER A 1 19  ? 8.815   3.856   -10.009 0.67 13.65  ? 19  SER A O    1 
ATOM   154  O O    B SER A 1 19  ? 8.842   3.865   -10.133 0.33 13.39  ? 19  SER A O    1 
ATOM   155  C CB   A SER A 1 19  ? 8.352   2.462   -12.720 0.67 11.49  ? 19  SER A CB   1 
ATOM   156  C CB   B SER A 1 19  ? 8.327   2.285   -12.761 0.33 11.90  ? 19  SER A CB   1 
ATOM   157  O OG   A SER A 1 19  ? 7.646   1.607   -13.591 0.67 16.86  ? 19  SER A OG   1 
ATOM   158  O OG   B SER A 1 19  ? 9.639   1.845   -13.025 0.33 11.15  ? 19  SER A OG   1 
ATOM   159  N N    . GLY A 1 20  ? 9.953   1.919   -9.913  1.00 8.61   ? 20  GLY A N    1 
ATOM   160  C CA   . GLY A 1 20  ? 11.041  2.472   -9.138  1.00 11.38  ? 20  GLY A CA   1 
ATOM   161  C C    . GLY A 1 20  ? 10.827  2.470   -7.672  1.00 14.30  ? 20  GLY A C    1 
ATOM   162  O O    . GLY A 1 20  ? 10.674  3.548   -7.071  1.00 17.21  ? 20  GLY A O    1 
ATOM   163  H HA2  . GLY A 1 20  ? 11.849  1.965   -9.323  1.00 13.66  ? 20  GLY A HA2  1 
ATOM   164  H HA3  . GLY A 1 20  ? 11.193  3.388   -9.416  1.00 13.66  ? 20  GLY A HA3  1 
ATOM   165  N N    . CYS A 1 21  ? 10.824  1.284   -7.057  1.00 10.31  ? 21  CYS A N    1 
ATOM   166  C CA   . CYS A 1 21  ? 10.569  1.230   -5.636  1.00 11.22  ? 21  CYS A CA   1 
ATOM   167  C C    . CYS A 1 21  ? 11.779  0.795   -4.868  1.00 12.28  ? 21  CYS A C    1 
ATOM   168  O O    . CYS A 1 21  ? 11.667  0.279   -3.794  1.00 12.67  ? 21  CYS A O    1 
ATOM   169  C CB   . CYS A 1 21  ? 9.378   0.300   -5.312  1.00 11.64  ? 21  CYS A CB   1 
ATOM   170  S SG   . CYS A 1 21  ? 9.523   -1.380  -5.896  1.00 12.54  ? 21  CYS A SG   1 
ATOM   171  N N    . GLY A 1 22  ? 12.966  1.078   -5.387  1.00 12.75  ? 22  GLY A N    1 
ATOM   172  C CA   . GLY A 1 22  ? 14.178  0.669   -4.673  1.00 12.26  ? 22  GLY A CA   1 
ATOM   173  C C    . GLY A 1 22  ? 14.660  1.578   -3.545  1.00 12.19  ? 22  GLY A C    1 
ATOM   174  O O    . GLY A 1 22  ? 15.527  1.179   -2.767  1.00 16.87  ? 22  GLY A O    1 
ATOM   175  N N    A SER A 1 23  ? 14.103  2.779   -3.459  0.55 11.52  ? 23  SER A N    1 
ATOM   176  N N    B SER A 1 23  ? 14.099  2.770   -3.426  0.45 11.53  ? 23  SER A N    1 
ATOM   177  C CA   A SER A 1 23  ? 14.407  3.680   -2.362  0.55 13.11  ? 23  SER A CA   1 
ATOM   178  C CA   B SER A 1 23  ? 14.434  3.630   -2.303  0.45 13.12  ? 23  SER A CA   1 
ATOM   179  C C    A SER A 1 23  ? 13.130  4.195   -1.725  0.55 15.07  ? 23  SER A C    1 
ATOM   180  C C    B SER A 1 23  ? 13.167  4.185   -1.695  0.45 15.04  ? 23  SER A C    1 
ATOM   181  O O    A SER A 1 23  ? 12.803  5.372   -1.829  0.55 14.59  ? 23  SER A O    1 
ATOM   182  O O    B SER A 1 23  ? 12.881  5.371   -1.796  0.45 14.57  ? 23  SER A O    1 
ATOM   183  C CB   A SER A 1 23  ? 15.243  4.863   -2.839  0.55 19.26  ? 23  SER A CB   1 
ATOM   184  C CB   B SER A 1 23  ? 15.369  4.744   -2.753  0.45 19.19  ? 23  SER A CB   1 
ATOM   185  O OG   A SER A 1 23  ? 15.666  5.575   -1.702  0.55 22.46  ? 23  SER A OG   1 
ATOM   186  O OG   B SER A 1 23  ? 16.565  4.147   -3.206  0.45 21.00  ? 23  SER A OG   1 
ATOM   187  H H    A SER A 1 23  ? 13.542  3.096   -4.028  0.55 13.82  ? 23  SER A H    1 
ATOM   188  H H    B SER A 1 23  ? 13.527  3.103   -3.976  0.45 13.84  ? 23  SER A H    1 
ATOM   189  N N    . PRO A 1 24  ? 12.396  3.307   -1.048  1.00 10.41  ? 24  PRO A N    1 
ATOM   190  C CA   . PRO A 1 24  ? 11.032  3.661   -0.602  1.00 9.12   ? 24  PRO A CA   1 
ATOM   191  C C    . PRO A 1 24  ? 10.974  4.337   0.754   1.00 8.44   ? 24  PRO A C    1 
ATOM   192  O O    . PRO A 1 24  ? 11.956  4.335   1.526   1.00 10.66  ? 24  PRO A O    1 
ATOM   193  C CB   . PRO A 1 24  ? 10.329  2.299   -0.594  1.00 8.75   ? 24  PRO A CB   1 
ATOM   194  C CG   . PRO A 1 24  ? 11.407  1.353   -0.145  1.00 10.04  ? 24  PRO A CG   1 
ATOM   195  C CD   . PRO A 1 24  ? 12.704  1.892   -0.773  1.00 9.69   ? 24  PRO A CD   1 
ATOM   196  N N    . ALA A 1 25  ? 9.792   4.867   1.090   1.00 7.69   ? 25  ALA A N    1 
ATOM   197  C CA   . ALA A 1 25  ? 9.664   5.704   2.268   1.00 7.69   ? 25  ALA A CA   1 
ATOM   198  C C    . ALA A 1 25  ? 9.861   4.988   3.593   1.00 9.55   ? 25  ALA A C    1 
ATOM   199  O O    . ALA A 1 25  ? 10.149  5.628   4.604   1.00 12.26  ? 25  ALA A O    1 
ATOM   200  C CB   . ALA A 1 25  ? 8.258   6.378   2.262   1.00 9.32   ? 25  ALA A CB   1 
ATOM   201  H HB1  . ALA A 1 25  ? 8.069   6.723   3.149   1.00 11.18  ? 25  ALA A HB1  1 
ATOM   202  N N    . CYS A 1 26  ? 9.686   3.665   3.633   1.00 7.38   ? 26  CYS A N    1 
ATOM   203  C CA   . CYS A 1 26  ? 9.984   2.976   4.882   1.00 7.27   ? 26  CYS A CA   1 
ATOM   204  C C    . CYS A 1 26  ? 11.487  2.834   5.099   1.00 8.78   ? 26  CYS A C    1 
ATOM   205  O O    . CYS A 1 26  ? 11.871  2.452   6.182   1.00 10.67  ? 26  CYS A O    1 
ATOM   206  C CB   . CYS A 1 26  ? 9.335   1.571   4.903   1.00 7.46   ? 26  CYS A CB   1 
ATOM   207  S SG   . CYS A 1 26  ? 7.547   1.563   4.776   1.00 7.60   ? 26  CYS A SG   1 
ATOM   208  H HB2  . CYS A 1 26  ? 9.683   1.057   4.157   1.00 8.95   ? 26  CYS A HB2  1 
ATOM   209  H HB3  . CYS A 1 26  ? 9.570   1.134   5.737   1.00 8.95   ? 26  CYS A HB3  1 
ATOM   210  N N    . GLY A 1 27  ? 12.292  3.037   4.046   1.00 9.53   ? 27  GLY A N    1 
ATOM   211  C CA   . GLY A 1 27  ? 13.756  3.014   4.204   1.00 11.88  ? 27  GLY A CA   1 
ATOM   212  C C    . GLY A 1 27  ? 14.449  1.695   4.001   1.00 13.32  ? 27  GLY A C    1 
ATOM   213  O O    . GLY A 1 27  ? 15.673  1.584   4.164   1.00 13.08  ? 27  GLY A O    1 
ATOM   214  H HA3  . GLY A 1 27  ? 14.002  3.368   5.073   1.00 14.26  ? 27  GLY A HA3  1 
ATOM   215  N N    . LYS A 1 28  ? 13.673  0.670   3.666   1.00 9.20   ? 28  LYS A N    1 
ATOM   216  C CA   . LYS A 1 28  ? 14.177  -0.621  3.214   1.00 7.79   ? 28  LYS A CA   1 
ATOM   217  C C    . LYS A 1 28  ? 13.283  -1.063  2.109   1.00 11.56  ? 28  LYS A C    1 
ATOM   218  O O    . LYS A 1 28  ? 12.045  -0.940  2.245   1.00 11.50  ? 28  LYS A O    1 
ATOM   219  C CB   . LYS A 1 28  ? 14.137  -1.710  4.302   1.00 12.28  ? 28  LYS A CB   1 
ATOM   220  C CG   . LYS A 1 28  ? 14.873  -1.447  5.606   1.00 22.23  ? 28  LYS A CG   1 
ATOM   221  C CD   . LYS A 1 28  ? 14.990  -2.744  6.442   1.00 50.31  ? 28  LYS A CD   1 
ATOM   222  C CE   . LYS A 1 28  ? 15.956  -2.590  7.603   1.00 103.02 ? 28  LYS A CE   1 
ATOM   223  N NZ   . LYS A 1 28  ? 15.927  -3.748  8.526   1.00 154.18 ? 28  LYS A NZ   1 
ATOM   224  N N    . ALA A 1 29  ? 13.874  -1.553  1.031   1.00 9.84   ? 29  ALA A N    1 
ATOM   225  C CA   . ALA A 1 29  ? 13.118  -2.207  -0.018  1.00 12.50  ? 29  ALA A CA   1 
ATOM   226  C C    . ALA A 1 29  ? 12.992  -3.692  0.311   1.00 9.54   ? 29  ALA A C    1 
ATOM   227  O O    . ALA A 1 29  ? 13.425  -4.153  1.384   1.00 10.29  ? 29  ALA A O    1 
ATOM   228  C CB   . ALA A 1 29  ? 13.799  -2.005  -1.370  1.00 12.14  ? 29  ALA A CB   1 
ATOM   229  N N    . ALA A 1 30  ? 12.409  -4.434  -0.635  1.00 9.39   ? 30  ALA A N    1 
ATOM   230  C CA   . ALA A 1 30  ? 12.257  -5.875  -0.444  1.00 8.51   ? 30  ALA A CA   1 
ATOM   231  C C    . ALA A 1 30  ? 12.172  -6.534  -1.780  1.00 12.48  ? 30  ALA A C    1 
ATOM   232  O O    . ALA A 1 30  ? 11.715  -5.911  -2.758  1.00 12.59  ? 30  ALA A O    1 
ATOM   233  C CB   . ALA A 1 30  ? 11.024  -6.192  0.374   1.00 10.45  ? 30  ALA A CB   1 
ATOM   234  H HB1  . ALA A 1 30  ? 10.878  -7.150  0.365   1.00 12.54  ? 30  ALA A HB1  1 
ATOM   235  N N    . SER A 1 31  ? 12.607  -7.785  -1.840  1.00 10.44  ? 31  SER A N    1 
ATOM   236  C CA   . SER A 1 31  ? 12.662  -8.483  -3.124  1.00 9.92   ? 31  SER A CA   1 
ATOM   237  C C    . SER A 1 31  ? 11.327  -9.123  -3.550  1.00 13.08  ? 31  SER A C    1 
ATOM   238  O O    . SER A 1 31  ? 11.160  -9.501  -4.696  1.00 18.71  ? 31  SER A O    1 
ATOM   239  C CB   . SER A 1 31  ? 13.782  -9.554  -3.090  1.00 13.36  ? 31  SER A CB   1 
ATOM   240  O OG   . SER A 1 31  ? 13.417  -10.654 -2.220  1.00 16.68  ? 31  SER A OG   1 
ATOM   241  N N    . GLY A 1 32  ? 10.354  -9.213  -2.673  1.00 12.55  ? 32  GLY A N    1 
ATOM   242  C CA   . GLY A 1 32  ? 9.092   -9.805  -3.099  1.00 9.62   ? 32  GLY A CA   1 
ATOM   243  C C    . GLY A 1 32  ? 8.165   -8.713  -3.669  1.00 8.76   ? 32  GLY A C    1 
ATOM   244  O O    . GLY A 1 32  ? 8.573   -7.596  -3.985  1.00 9.61   ? 32  GLY A O    1 
ATOM   245  N N    . PHE A 1 33  ? 6.894   -9.045  -3.749  1.00 6.73   ? 33  PHE A N    1 
ATOM   246  C CA   . PHE A 1 33  ? 5.883   -8.086  -4.240  1.00 5.22   ? 33  PHE A CA   1 
ATOM   247  C C    . PHE A 1 33  ? 5.696   -6.990  -3.198  1.00 8.53   ? 33  PHE A C    1 
ATOM   248  O O    . PHE A 1 33  ? 5.508   -7.283  -1.994  1.00 7.57   ? 33  PHE A O    1 
ATOM   249  C CB   . PHE A 1 33  ? 4.547   -8.768  -4.501  1.00 6.87   ? 33  PHE A CB   1 
ATOM   250  C CG   . PHE A 1 33  ? 4.584   -9.840  -5.557  1.00 7.91   ? 33  PHE A CG   1 
ATOM   251  C CD1  . PHE A 1 33  ? 5.599   -9.877  -6.519  1.00 8.39   ? 33  PHE A CD1  1 
ATOM   252  C CD2  . PHE A 1 33  ? 3.582   -10.803 -5.582  1.00 12.54  ? 33  PHE A CD2  1 
ATOM   253  C CE1  . PHE A 1 33  ? 5.581   -10.880 -7.494  1.00 10.46  ? 33  PHE A CE1  1 
ATOM   254  C CE2  . PHE A 1 33  ? 3.591   -11.809 -6.537  1.00 14.58  ? 33  PHE A CE2  1 
ATOM   255  C CZ   . PHE A 1 33  ? 4.600   -11.833 -7.493  1.00 11.70  ? 33  PHE A CZ   1 
ATOM   256  H HA   . PHE A 1 33  ? 6.191   -7.680  -5.065  1.00 6.26   ? 33  PHE A HA   1 
ATOM   257  H HB3  . PHE A 1 33  ? 3.899   -8.100  -4.774  1.00 8.25   ? 33  PHE A HB3  1 
ATOM   258  N N    . THR A 1 34  ? 5.764   -5.720  -3.612  1.00 5.14   ? 34  THR A N    1 
ATOM   259  C CA   . THR A 1 34  ? 5.648   -4.624  -2.624  1.00 5.20   ? 34  THR A CA   1 
ATOM   260  C C    . THR A 1 34  ? 4.671   -3.600  -3.131  1.00 7.20   ? 34  THR A C    1 
ATOM   261  O O    . THR A 1 34  ? 4.383   -3.535  -4.316  1.00 6.31   ? 34  THR A O    1 
ATOM   262  C CB   . THR A 1 34  ? 6.989   -3.941  -2.327  1.00 7.14   ? 34  THR A CB   1 
ATOM   263  O OG1  . THR A 1 34  ? 7.572   -3.429  -3.540  1.00 7.72   ? 34  THR A OG1  1 
ATOM   264  C CG2  . THR A 1 34  ? 8.023   -4.987  -1.749  1.00 9.85   ? 34  THR A CG2  1 
ATOM   265  H HA   . THR A 1 34  ? 5.303   -4.983  -1.791  1.00 6.24   ? 34  THR A HA   1 
ATOM   266  H HG22 . THR A 1 34  ? 7.682   -5.370  -0.926  1.00 11.81  ? 34  THR A HG22 1 
ATOM   267  N N    . ALA A 1 35  ? 4.170   -2.797  -2.207  1.00 6.00   ? 35  ALA A N    1 
ATOM   268  C CA   . ALA A 1 35  ? 3.293   -1.690  -2.579  1.00 6.82   ? 35  ALA A CA   1 
ATOM   269  C C    . ALA A 1 35  ? 3.580   -0.451  -1.769  1.00 6.65   ? 35  ALA A C    1 
ATOM   270  O O    . ALA A 1 35  ? 4.163   -0.511  -0.679  1.00 7.73   ? 35  ALA A O    1 
ATOM   271  C CB   . ALA A 1 35  ? 1.816   -2.090  -2.416  1.00 6.80   ? 35  ALA A CB   1 
ATOM   272  H HA   . ALA A 1 35  ? 3.441   -1.473  -3.513  1.00 8.19   ? 35  ALA A HA   1 
ATOM   273  N N    . ALA A 1 36  ? 3.077   0.661   -2.293  1.00 6.03   ? 36  ALA A N    1 
ATOM   274  C CA   . ALA A 1 36  ? 2.948   1.896   -1.525  1.00 5.23   ? 36  ALA A CA   1 
ATOM   275  C C    . ALA A 1 36  ? 1.494   1.994   -1.088  1.00 8.64   ? 36  ALA A C    1 
ATOM   276  O O    . ALA A 1 36  ? 0.613   1.519   -1.798  1.00 9.54   ? 36  ALA A O    1 
ATOM   277  C CB   . ALA A 1 36  ? 3.314   3.103   -2.370  1.00 7.23   ? 36  ALA A CB   1 
ATOM   278  H HB3  . ALA A 1 36  ? 2.719   3.145   -3.135  1.00 8.68   ? 36  ALA A HB3  1 
ATOM   279  N N    . ILE A 1 37  ? 1.229   2.605   0.058   1.00 7.01   ? 37  ILE A N    1 
ATOM   280  C CA   . ILE A 1 37  ? -0.170  2.792   0.471   1.00 6.56   ? 37  ILE A CA   1 
ATOM   281  C C    . ILE A 1 37  ? -0.398  4.287   0.674   1.00 7.69   ? 37  ILE A C    1 
ATOM   282  O O    . ILE A 1 37  ? 0.544   5.010   0.947   1.00 7.71   ? 37  ILE A O    1 
ATOM   283  C CB   . ILE A 1 37  ? -0.464  1.954   1.752   1.00 6.63   ? 37  ILE A CB   1 
ATOM   284  C CG1  . ILE A 1 37  ? -1.981  1.711   1.914   1.00 9.48   ? 37  ILE A CG1  1 
ATOM   285  C CG2  . ILE A 1 37  ? 0.246   2.554   2.960   1.00 7.56   ? 37  ILE A CG2  1 
ATOM   286  C CD1  . ILE A 1 37  ? -2.313  0.870   3.154   1.00 9.84   ? 37  ILE A CD1  1 
ATOM   287  H HB   . ILE A 1 37  ? -0.064  1.082   1.608   1.00 7.96   ? 37  ILE A HB   1 
ATOM   288  H HG12 . ILE A 1 37  ? -2.432  2.565   2.003   1.00 11.38  ? 37  ILE A HG12 1 
ATOM   289  N N    . ASN A 1 38  ? -1.654  4.723   0.519   1.00 6.53   ? 38  ASN A N    1 
ATOM   290  C CA   . ASN A 1 38  ? -1.956  6.134   0.629   1.00 6.30   ? 38  ASN A CA   1 
ATOM   291  C C    . ASN A 1 38  ? -1.600  6.695   2.011   1.00 7.46   ? 38  ASN A C    1 
ATOM   292  O O    . ASN A 1 38  ? -1.643  5.981   3.027   1.00 7.48   ? 38  ASN A O    1 
ATOM   293  C CB   . ASN A 1 38  ? -3.458  6.348   0.301   1.00 7.23   ? 38  ASN A CB   1 
ATOM   294  C CG   . ASN A 1 38  ? -4.359  5.684   1.306   1.00 7.32   ? 38  ASN A CG   1 
ATOM   295  O OD1  . ASN A 1 38  ? -4.494  4.468   1.348   1.00 8.24   ? 38  ASN A OD1  1 
ATOM   296  N ND2  . ASN A 1 38  ? -5.007  6.514   2.193   1.00 8.88   ? 38  ASN A ND2  1 
ATOM   297  H H    . ASN A 1 38  ? -2.333  4.222   0.354   1.00 7.84   ? 38  ASN A H    1 
ATOM   298  H HB2  . ASN A 1 38  ? -3.651  7.298   0.307   1.00 8.68   ? 38  ASN A HB2  1 
ATOM   299  N N    . GLN A 1 39  ? -1.238  7.992   2.030   1.00 6.88   ? 39  GLN A N    1 
ATOM   300  C CA   . GLN A 1 39  ? -0.681  8.603   3.202   1.00 7.96   ? 39  GLN A CA   1 
ATOM   301  C C    . GLN A 1 39  ? -1.551  8.454   4.468   1.00 6.82   ? 39  GLN A C    1 
ATOM   302  O O    . GLN A 1 39  ? -1.023  8.255   5.584   1.00 7.80   ? 39  GLN A O    1 
ATOM   303  C CB   . GLN A 1 39  ? -0.440  10.109  2.866   1.00 8.83   ? 39  GLN A CB   1 
ATOM   304  C CG   . GLN A 1 39  ? 0.247   10.848  3.992   1.00 9.09   ? 39  GLN A CG   1 
ATOM   305  C CD   . GLN A 1 39  ? 0.692   12.221  3.523   1.00 12.64  ? 39  GLN A CD   1 
ATOM   306  O OE1  . GLN A 1 39  ? 0.878   12.433  2.335   1.00 14.43  ? 39  GLN A OE1  1 
ATOM   307  N NE2  . GLN A 1 39  ? 0.878   13.152  4.470   1.00 14.72  ? 39  GLN A NE2  1 
ATOM   308  H HG2  . GLN A 1 39  ? -0.381  10.970  4.721   1.00 10.91  ? 39  GLN A HG2  1 
ATOM   309  H HE21 . GLN A 1 39  ? 0.747   12.957  5.297   1.00 17.66  ? 39  GLN A HE21 1 
ATOM   310  H HE22 . GLN A 1 39  ? 1.131   13.944  4.251   1.00 17.66  ? 39  GLN A HE22 1 
ATOM   311  N N    . LEU A 1 40  ? -2.867  8.608   4.301   1.00 6.39   ? 40  LEU A N    1 
ATOM   312  C CA   . LEU A 1 40  ? -3.752  8.528   5.466   1.00 8.53   ? 40  LEU A CA   1 
ATOM   313  C C    . LEU A 1 40  ? -3.692  7.172   6.163   1.00 8.39   ? 40  LEU A C    1 
ATOM   314  O O    . LEU A 1 40  ? -3.928  7.099   7.364   1.00 9.94   ? 40  LEU A O    1 
ATOM   315  C CB   . LEU A 1 40  ? -5.174  8.878   5.020   1.00 8.58   ? 40  LEU A CB   1 
ATOM   316  C CG   . LEU A 1 40  ? -6.218  8.876   6.155   1.00 8.95   ? 40  LEU A CG   1 
ATOM   317  C CD1  . LEU A 1 40  ? -5.917  10.018  7.148   1.00 12.53  ? 40  LEU A CD1  1 
ATOM   318  C CD2  . LEU A 1 40  ? -7.588  9.117   5.491   1.00 11.71  ? 40  LEU A CD2  1 
ATOM   319  N N    . ALA A 1 41  ? -3.323  6.091   5.418   1.00 6.14   ? 41  ALA A N    1 
ATOM   320  C CA   . ALA A 1 41  ? -3.101  4.789   6.028   1.00 5.29   ? 41  ALA A CA   1 
ATOM   321  C C    . ALA A 1 41  ? -1.621  4.497   6.312   1.00 7.13   ? 41  ALA A C    1 
ATOM   322  O O    . ALA A 1 41  ? -1.305  3.643   7.124   1.00 7.94   ? 41  ALA A O    1 
ATOM   323  C CB   . ALA A 1 41  ? -3.657  3.672   5.089   1.00 8.40   ? 41  ALA A CB   1 
ATOM   324  N N    . PHE A 1 42  ? -0.702  5.164   5.605   1.00 6.33   ? 42  PHE A N    1 
ATOM   325  C CA   . PHE A 1 42  ? 0.718   4.851   5.784   1.00 6.71   ? 42  PHE A CA   1 
ATOM   326  C C    . PHE A 1 42  ? 1.203   5.157   7.188   1.00 6.97   ? 42  PHE A C    1 
ATOM   327  O O    . PHE A 1 42  ? 1.974   4.418   7.791   1.00 7.46   ? 42  PHE A O    1 
ATOM   328  C CB   . PHE A 1 42  ? 1.523   5.658   4.777   1.00 6.35   ? 42  PHE A CB   1 
ATOM   329  C CG   . PHE A 1 42  ? 3.018   5.342   4.810   1.00 6.37   ? 42  PHE A CG   1 
ATOM   330  C CD1  . PHE A 1 42  ? 3.510   4.176   4.212   1.00 7.78   ? 42  PHE A CD1  1 
ATOM   331  C CD2  . PHE A 1 42  ? 3.892   6.247   5.396   1.00 6.93   ? 42  PHE A CD2  1 
ATOM   332  C CE1  . PHE A 1 42  ? 4.887   3.882   4.200   1.00 7.88   ? 42  PHE A CE1  1 
ATOM   333  C CE2  . PHE A 1 42  ? 5.304   6.001   5.431   1.00 8.01   ? 42  PHE A CE2  1 
ATOM   334  C CZ   . PHE A 1 42  ? 5.800   4.809   4.812   1.00 7.47   ? 42  PHE A CZ   1 
ATOM   335  N N    . GLY A 1 43  ? 0.756   6.305   7.716   1.00 6.17   ? 43  GLY A N    1 
ATOM   336  C CA   . GLY A 1 43  ? 1.114   6.692   9.067   1.00 7.05   ? 43  GLY A CA   1 
ATOM   337  C C    . GLY A 1 43  ? 2.292   7.628   9.175   1.00 8.64   ? 43  GLY A C    1 
ATOM   338  O O    . GLY A 1 43  ? 2.903   7.713   10.255  1.00 10.14  ? 43  GLY A O    1 
ATOM   339  H H    . GLY A 1 43  ? 0.247   6.865   7.307   1.00 7.40   ? 43  GLY A H    1 
ATOM   340  N N    . SER A 1 44  ? 2.612   8.321   8.083   1.00 7.29   ? 44  SER A N    1 
ATOM   341  C CA   . SER A 1 44  ? 3.706   9.298   8.121   1.00 10.80  ? 44  SER A CA   1 
ATOM   342  C C    . SER A 1 44  ? 3.502   10.264  6.988   1.00 13.56  ? 44  SER A C    1 
ATOM   343  O O    . SER A 1 44  ? 2.579   10.139  6.217   1.00 15.42  ? 44  SER A O    1 
ATOM   344  C CB   . SER A 1 44  ? 5.058   8.579   8.059   1.00 13.05  ? 44  SER A CB   1 
ATOM   345  O OG   . SER A 1 44  ? 6.129   9.495   8.318   1.00 13.83  ? 44  SER A OG   1 
ATOM   346  N N    . ALA A 1 45  ? 4.364   11.273  6.893   1.00 12.34  ? 45  ALA A N    1 
ATOM   347  C CA   . ALA A 1 45  ? 4.331   12.207  5.776   1.00 13.16  ? 45  ALA A CA   1 
ATOM   348  C C    . ALA A 1 45  ? 5.679   12.182  5.057   1.00 14.51  ? 45  ALA A C    1 
ATOM   349  O O    . ALA A 1 45  ? 6.661   11.729  5.626   1.00 15.26  ? 45  ALA A O    1 
ATOM   350  C CB   . ALA A 1 45  ? 4.018   13.638  6.295   1.00 14.09  ? 45  ALA A CB   1 
ATOM   351  N N    . PRO A 1 46  ? 5.736   12.726  3.834   1.00 13.79  ? 46  PRO A N    1 
ATOM   352  C CA   . PRO A 1 46  ? 7.025   12.760  3.141   1.00 17.15  ? 46  PRO A CA   1 
ATOM   353  C C    . PRO A 1 46  ? 8.098   13.411  3.987   1.00 21.04  ? 46  PRO A C    1 
ATOM   354  O O    . PRO A 1 46  ? 7.876   14.483  4.548   1.00 19.57  ? 46  PRO A O    1 
ATOM   355  C CB   . PRO A 1 46  ? 6.735   13.600  1.894   1.00 23.47  ? 46  PRO A CB   1 
ATOM   356  C CG   . PRO A 1 46  ? 5.282   13.401  1.658   1.00 21.03  ? 46  PRO A CG   1 
ATOM   357  C CD   . PRO A 1 46  ? 4.667   13.349  3.042   1.00 19.02  ? 46  PRO A CD   1 
ATOM   358  N N    . GLY A 1 47  ? 9.241   12.754  4.115   1.00 21.84  ? 47  GLY A N    1 
ATOM   359  C CA   . GLY A 1 47  ? 10.341  13.325  4.878   1.00 22.47  ? 47  GLY A CA   1 
ATOM   360  C C    . GLY A 1 47  ? 10.396  12.949  6.344   1.00 28.15  ? 47  GLY A C    1 
ATOM   361  O O    . GLY A 1 47  ? 11.395  13.178  6.992   1.00 30.67  ? 47  GLY A O    1 
ATOM   362  N N    . LEU A 1 48  ? 9.338   12.355  6.884   1.00 18.47  ? 48  LEU A N    1 
ATOM   363  C CA   . LEU A 1 48  ? 9.297   12.026  8.308   1.00 18.37  ? 48  LEU A CA   1 
ATOM   364  C C    . LEU A 1 48  ? 9.649   10.548  8.574   1.00 20.06  ? 48  LEU A C    1 
ATOM   365  O O    . LEU A 1 48  ? 9.691   10.140  9.725   1.00 29.75  ? 48  LEU A O    1 
ATOM   366  C CB   . LEU A 1 48  ? 7.916   12.315  8.911   1.00 22.28  ? 48  LEU A CB   1 
ATOM   367  C CG   . LEU A 1 48  ? 7.581   13.728  9.360   1.00 37.42  ? 48  LEU A CG   1 
ATOM   368  C CD1  . LEU A 1 48  ? 7.772   14.652  8.195   1.00 52.62  ? 48  LEU A CD1  1 
ATOM   369  C CD2  . LEU A 1 48  ? 6.154   13.767  9.873   1.00 39.11  ? 48  LEU A CD2  1 
ATOM   370  H H    . LEU A 1 48  ? 8.630   12.130  6.451   1.00 22.16  ? 48  LEU A H    1 
ATOM   371  N N    . GLY A 1 49  ? 9.860   9.767   7.521   1.00 18.29  ? 49  GLY A N    1 
ATOM   372  C CA   . GLY A 1 49  ? 10.316  8.392   7.696   1.00 21.91  ? 49  GLY A CA   1 
ATOM   373  C C    . GLY A 1 49  ? 9.171   7.393   7.807   1.00 16.86  ? 49  GLY A C    1 
ATOM   374  O O    . GLY A 1 49  ? 8.079   7.667   7.308   1.00 15.73  ? 49  GLY A O    1 
ATOM   375  N N    . ALA A 1 50  ? 9.445   6.249   8.436   1.00 11.06  ? 50  ALA A N    1 
ATOM   376  C CA   . ALA A 1 50  ? 8.505   5.117   8.375   1.00 9.09   ? 50  ALA A CA   1 
ATOM   377  C C    . ALA A 1 50  ? 7.259   5.392   9.137   1.00 13.75  ? 50  ALA A C    1 
ATOM   378  O O    . ALA A 1 50  ? 7.306   6.025   10.203  1.00 16.41  ? 50  ALA A O    1 
ATOM   379  C CB   . ALA A 1 50  ? 9.162   3.892   8.931   1.00 13.01  ? 50  ALA A CB   1 
ATOM   380  H HB2  . ALA A 1 50  ? 9.862   3.606   8.324   1.00 15.61  ? 50  ALA A HB2  1 
ATOM   381  N N    . GLY A 1 51  ? 6.116   4.902   8.638   1.00 8.25   ? 51  GLY A N    1 
ATOM   382  C CA   . GLY A 1 51  ? 4.884   4.922   9.445   1.00 8.57   ? 51  GLY A CA   1 
ATOM   383  C C    . GLY A 1 51  ? 4.449   3.477   9.731   1.00 8.74   ? 51  GLY A C    1 
ATOM   384  O O    . GLY A 1 51  ? 5.162   2.526   9.387   1.00 9.08   ? 51  GLY A O    1 
ATOM   385  N N    . ASP A 1 52  ? 3.327   3.311   10.443  1.00 7.19   ? 52  ASP A N    1 
ATOM   386  C CA   . ASP A 1 52  ? 3.029   1.992   10.993  1.00 5.79   ? 52  ASP A CA   1 
ATOM   387  C C    . ASP A 1 52  ? 2.554   0.993   9.921   1.00 7.83   ? 52  ASP A C    1 
ATOM   388  O O    . ASP A 1 52  ? 2.487   -0.196  10.212  1.00 8.14   ? 52  ASP A O    1 
ATOM   389  C CB   . ASP A 1 52  ? 1.971   2.049   12.099  1.00 6.88   ? 52  ASP A CB   1 
ATOM   390  C CG   . ASP A 1 52  ? 2.025   0.826   12.981  1.00 7.58   ? 52  ASP A CG   1 
ATOM   391  O OD1  . ASP A 1 52  ? 3.095   0.590   13.587  1.00 10.33  ? 52  ASP A OD1  1 
ATOM   392  O OD2  . ASP A 1 52  ? 1.024   0.080   13.032  1.00 8.36   ? 52  ASP A OD2  1 
ATOM   393  H HB3  . ASP A 1 52  ? 1.091   2.086   11.693  1.00 8.26   ? 52  ASP A HB3  1 
ATOM   394  N N    . ALA A 1 53  ? 2.301   1.443   8.701   1.00 6.98   ? 53  ALA A N    1 
ATOM   395  C CA   . ALA A 1 53  ? 1.995   0.463   7.656   1.00 5.29   ? 53  ALA A CA   1 
ATOM   396  C C    . ALA A 1 53  ? 3.237   -0.330  7.266   1.00 6.26   ? 53  ALA A C    1 
ATOM   397  O O    . ALA A 1 53  ? 3.114   -1.388  6.647   1.00 6.33   ? 53  ALA A O    1 
ATOM   398  C CB   . ALA A 1 53  ? 1.400   1.180   6.436   1.00 6.68   ? 53  ALA A CB   1 
ATOM   399  N N    . CYS A 1 54  ? 4.415   0.206   7.578   1.00 8.11   ? 54  CYS A N    1 
ATOM   400  C CA   . CYS A 1 54  ? 5.673   -0.335  7.029   1.00 6.92   ? 54  CYS A CA   1 
ATOM   401  C C    . CYS A 1 54  ? 5.906   -1.787  7.407   1.00 5.28   ? 54  CYS A C    1 
ATOM   402  O O    . CYS A 1 54  ? 5.942   -2.140  8.594   1.00 8.20   ? 54  CYS A O    1 
ATOM   403  C CB   . CYS A 1 54  ? 6.862   0.491   7.533   1.00 7.70   ? 54  CYS A CB   1 
ATOM   404  S SG   . CYS A 1 54  ? 6.922   2.063   6.654   1.00 8.13   ? 54  CYS A SG   1 
ATOM   405  H HA   . CYS A 1 54  ? 5.651   -0.276  6.062   1.00 8.31   ? 54  CYS A HA   1 
ATOM   406  H HB3  . CYS A 1 54  ? 7.683   0.010   7.344   1.00 9.25   ? 54  CYS A HB3  1 
ATOM   407  N N    . GLY A 1 55  ? 6.024   -2.654  6.400   1.00 5.54   ? 55  GLY A N    1 
ATOM   408  C CA   . GLY A 1 55  ? 6.337   -4.046  6.644   1.00 5.14   ? 55  GLY A CA   1 
ATOM   409  C C    . GLY A 1 55  ? 5.120   -4.949  6.688   1.00 6.50   ? 55  GLY A C    1 
ATOM   410  O O    . GLY A 1 55  ? 5.282   -6.146  6.684   1.00 6.82   ? 55  GLY A O    1 
ATOM   411  H HA2  . GLY A 1 55  ? 6.948   -4.373  5.965   1.00 6.17   ? 55  GLY A HA2  1 
ATOM   412  N N    . ARG A 1 56  ? 3.920   -4.370  6.878   1.00 5.48   ? 56  ARG A N    1 
ATOM   413  C CA   . ARG A 1 56  ? 2.718   -5.222  6.974   1.00 5.75   ? 56  ARG A CA   1 
ATOM   414  C C    . ARG A 1 56  ? 2.408   -5.855  5.618   1.00 7.67   ? 56  ARG A C    1 
ATOM   415  O O    . ARG A 1 56  ? 2.725   -5.279  4.558   1.00 6.45   ? 56  ARG A O    1 
ATOM   416  C CB   . ARG A 1 56  ? 1.536   -4.361  7.493   1.00 4.94   ? 56  ARG A CB   1 
ATOM   417  C CG   . ARG A 1 56  ? 1.835   -3.939  8.984   1.00 5.28   ? 56  ARG A CG   1 
ATOM   418  C CD   . ARG A 1 56  ? 0.758   -2.979  9.445   1.00 5.74   ? 56  ARG A CD   1 
ATOM   419  N NE   . ARG A 1 56  ? 0.983   -2.588  10.840  1.00 6.74   ? 56  ARG A NE   1 
ATOM   420  C CZ   . ARG A 1 56  ? 0.678   -3.320  11.912  1.00 8.14   ? 56  ARG A CZ   1 
ATOM   421  N NH1  . ARG A 1 56  ? 0.114   -4.524  11.787  1.00 8.10   ? 56  ARG A NH1  1 
ATOM   422  N NH2  . ARG A 1 56  ? 0.950   -2.857  13.152  1.00 7.31   ? 56  ARG A NH2  1 
ATOM   423  H HD3  . ARG A 1 56  ? -0.103  -3.421  9.393   1.00 6.89   ? 56  ARG A HD3  1 
ATOM   424  N N    . CYS A 1 57  ? 1.761   -7.021  5.670   1.00 5.49   ? 57  CYS A N    1 
ATOM   425  C CA   . CYS A 1 57  ? 1.453   -7.765  4.469   1.00 5.08   ? 57  CYS A CA   1 
ATOM   426  C C    . CYS A 1 57  ? -0.063  -7.806  4.229   1.00 5.49   ? 57  CYS A C    1 
ATOM   427  O O    . CYS A 1 57  ? -0.850  -7.965  5.171   1.00 6.53   ? 57  CYS A O    1 
ATOM   428  C CB   . CYS A 1 57  ? 1.975   -9.189  4.559   1.00 4.96   ? 57  CYS A CB   1 
ATOM   429  S SG   . CYS A 1 57  ? 3.787   -9.234  4.583   1.00 7.42   ? 57  CYS A SG   1 
ATOM   430  N N    . PHE A 1 58  ? -0.455  -7.622  2.963   1.00 5.30   ? 58  PHE A N    1 
ATOM   431  C CA   . PHE A 1 58  ? -1.881  -7.526  2.632   1.00 5.96   ? 58  PHE A CA   1 
ATOM   432  C C    . PHE A 1 58  ? -2.174  -8.355  1.427   1.00 5.51   ? 58  PHE A C    1 
ATOM   433  O O    . PHE A 1 58  ? -1.415  -8.302  0.444   1.00 8.41   ? 58  PHE A O    1 
ATOM   434  C CB   . PHE A 1 58  ? -2.293  -6.070  2.333   1.00 6.91   ? 58  PHE A CB   1 
ATOM   435  C CG   . PHE A 1 58  ? -2.118  -5.150  3.499   1.00 7.36   ? 58  PHE A CG   1 
ATOM   436  C CD1  . PHE A 1 58  ? -0.910  -4.528  3.732   1.00 6.53   ? 58  PHE A CD1  1 
ATOM   437  C CD2  . PHE A 1 58  ? -3.199  -4.951  4.368   1.00 10.08  ? 58  PHE A CD2  1 
ATOM   438  C CE1  . PHE A 1 58  ? -0.769  -3.664  4.836   1.00 10.61  ? 58  PHE A CE1  1 
ATOM   439  C CE2  . PHE A 1 58  ? -3.093  -4.065  5.490   1.00 8.83   ? 58  PHE A CE2  1 
ATOM   440  C CZ   . PHE A 1 58  ? -1.887  -3.438  5.721   1.00 10.23  ? 58  PHE A CZ   1 
ATOM   441  N N    . ALA A 1 59  ? -3.270  -9.103  1.473   1.00 6.47   ? 59  ALA A N    1 
ATOM   442  C CA   . ALA A 1 59  ? -3.800  -9.747  0.260   1.00 4.94   ? 59  ALA A CA   1 
ATOM   443  C C    . ALA A 1 59  ? -4.718  -8.795  -0.517  1.00 8.15   ? 59  ALA A C    1 
ATOM   444  O O    . ALA A 1 59  ? -5.661  -8.224  0.045   1.00 9.76   ? 59  ALA A O    1 
ATOM   445  C CB   . ALA A 1 59  ? -4.553  -11.040 0.624   1.00 6.99   ? 59  ALA A CB   1 
ATOM   446  N N    . LEU A 1 60  ? -4.444  -8.628  -1.795  1.00 6.08   ? 60  LEU A N    1 
ATOM   447  C CA   . LEU A 1 60  ? -5.163  -7.673  -2.648  1.00 7.38   ? 60  LEU A CA   1 
ATOM   448  C C    . LEU A 1 60  ? -5.955  -8.396  -3.700  1.00 9.35   ? 60  LEU A C    1 
ATOM   449  O O    . LEU A 1 60  ? -5.440  -9.301  -4.351  1.00 9.14   ? 60  LEU A O    1 
ATOM   450  C CB   . LEU A 1 60  ? -4.183  -6.747  -3.339  1.00 6.63   ? 60  LEU A CB   1 
ATOM   451  C CG   . LEU A 1 60  ? -3.109  -6.051  -2.463  1.00 8.06   ? 60  LEU A CG   1 
ATOM   452  C CD1  . LEU A 1 60  ? -2.323  -5.091  -3.338  1.00 7.67   ? 60  LEU A CD1  1 
ATOM   453  C CD2  . LEU A 1 60  ? -3.753  -5.309  -1.298  1.00 9.06   ? 60  LEU A CD2  1 
ATOM   454  H HA   . LEU A 1 60  ? -5.769  -7.142  -2.109  1.00 8.86   ? 60  LEU A HA   1 
ATOM   455  H HB2  . LEU A 1 60  ? -3.727  -7.235  -4.041  1.00 7.96   ? 60  LEU A HB2  1 
ATOM   456  H HD11 . LEU A 1 60  ? -1.648  -4.652  -2.797  1.00 9.20   ? 60  LEU A HD11 1 
ATOM   457  H HD12 . LEU A 1 60  ? -1.900  -5.591  -4.054  1.00 9.20   ? 60  LEU A HD12 1 
ATOM   458  H HD13 . LEU A 1 60  ? -2.931  -4.432  -3.710  1.00 9.20   ? 60  LEU A HD13 1 
ATOM   459  H HD22 . LEU A 1 60  ? -4.353  -4.633  -1.647  1.00 10.88  ? 60  LEU A HD22 1 
ATOM   460  N N    . THR A 1 61  ? -7.200  -7.945  -3.924  1.00 7.60   ? 61  THR A N    1 
ATOM   461  C CA   . THR A 1 61  ? -8.072  -8.561  -4.930  1.00 7.94   ? 61  THR A CA   1 
ATOM   462  C C    . THR A 1 61  ? -8.788  -7.481  -5.716  1.00 10.69  ? 61  THR A C    1 
ATOM   463  O O    . THR A 1 61  ? -9.498  -6.661  -5.120  1.00 11.52  ? 61  THR A O    1 
ATOM   464  C CB   . THR A 1 61  ? -9.143  -9.477  -4.237  1.00 10.46  ? 61  THR A CB   1 
ATOM   465  O OG1  . THR A 1 61  ? -8.488  -10.492 -3.456  1.00 12.70  ? 61  THR A OG1  1 
ATOM   466  C CG2  . THR A 1 61  ? -10.064 -10.136 -5.311  1.00 15.80  ? 61  THR A CG2  1 
ATOM   467  N N    . GLY A 1 62  ? -8.638  -7.495  -7.042  1.00 10.56  ? 62  GLY A N    1 
ATOM   468  C CA   . GLY A 1 62  ? -9.286  -6.500  -7.875  1.00 8.60   ? 62  GLY A CA   1 
ATOM   469  C C    . GLY A 1 62  ? -10.567 -7.097  -8.459  1.00 12.79  ? 62  GLY A C    1 
ATOM   470  O O    . GLY A 1 62  ? -10.618 -8.298  -8.785  1.00 13.02  ? 62  GLY A O    1 
ATOM   471  N N    . ASN A 1 63  ? -11.611 -6.271  -8.581  1.00 8.36   ? 63  ASN A N    1 
ATOM   472  C CA   . ASN A 1 63  ? -12.868 -6.831  -9.122  1.00 9.95   ? 63  ASN A CA   1 
ATOM   473  C C    . ASN A 1 63  ? -13.655 -5.852  -10.004 1.00 11.41  ? 63  ASN A C    1 
ATOM   474  O O    . ASN A 1 63  ? -14.802 -6.131  -10.345 1.00 14.31  ? 63  ASN A O    1 
ATOM   475  C CB   . ASN A 1 63  ? -13.766 -7.387  -8.000  1.00 10.87  ? 63  ASN A CB   1 
ATOM   476  C CG   . ASN A 1 63  ? -14.191 -6.347  -6.991  1.00 9.18   ? 63  ASN A CG   1 
ATOM   477  O OD1  . ASN A 1 63  ? -14.119 -5.177  -7.262  1.00 10.30  ? 63  ASN A OD1  1 
ATOM   478  N ND2  . ASN A 1 63  ? -14.564 -6.777  -5.814  1.00 13.80  ? 63  ASN A ND2  1 
ATOM   479  N N    A HIS A 1 64  ? -13.051 -4.734  -10.368 0.64 10.01  ? 64  HIS A N    1 
ATOM   480  N N    B HIS A 1 64  ? -13.015 -4.769  -10.418 0.36 10.15  ? 64  HIS A N    1 
ATOM   481  C CA   A HIS A 1 64  ? -13.706 -3.745  -11.212 0.64 10.57  ? 64  HIS A CA   1 
ATOM   482  C CA   B HIS A 1 64  ? -13.697 -3.712  -11.145 0.36 10.64  ? 64  HIS A CA   1 
ATOM   483  C C    A HIS A 1 64  ? -12.683 -2.827  -11.824 0.64 12.22  ? 64  HIS A C    1 
ATOM   484  C C    B HIS A 1 64  ? -12.709 -2.751  -11.795 0.36 12.20  ? 64  HIS A C    1 
ATOM   485  O O    A HIS A 1 64  ? -11.693 -2.471  -11.168 0.64 12.03  ? 64  HIS A O    1 
ATOM   486  O O    B HIS A 1 64  ? -11.762 -2.302  -11.141 0.36 11.84  ? 64  HIS A O    1 
ATOM   487  C CB   A HIS A 1 64  ? -14.710 -2.904  -10.399 0.64 9.90   ? 64  HIS A CB   1 
ATOM   488  C CB   B HIS A 1 64  ? -14.622 -2.954  -10.181 0.36 9.95   ? 64  HIS A CB   1 
ATOM   489  C CG   A HIS A 1 64  ? -15.438 -1.866  -11.217 0.64 13.07  ? 64  HIS A CG   1 
ATOM   490  C CG   B HIS A 1 64  ? -15.163 -1.674  -10.735 0.36 12.45  ? 64  HIS A CG   1 
ATOM   491  N ND1  A HIS A 1 64  ? -16.148 -2.172  -12.363 0.64 13.63  ? 64  HIS A ND1  1 
ATOM   492  N ND1  B HIS A 1 64  ? -14.932 -0.447  -10.153 0.36 14.60  ? 64  HIS A ND1  1 
ATOM   493  C CD2  A HIS A 1 64  ? -15.564 -0.527  -11.048 0.64 13.27  ? 64  HIS A CD2  1 
ATOM   494  C CD2  B HIS A 1 64  ? -15.937 -1.435  -11.823 0.36 13.06  ? 64  HIS A CD2  1 
ATOM   495  C CE1  A HIS A 1 64  ? -16.672 -1.069  -12.868 0.64 13.38  ? 64  HIS A CE1  1 
ATOM   496  C CE1  B HIS A 1 64  ? -15.530 0.493   -10.865 0.36 15.48  ? 64  HIS A CE1  1 
ATOM   497  N NE2  A HIS A 1 64  ? -16.337 -0.059  -12.087 0.64 16.96  ? 64  HIS A NE2  1 
ATOM   498  N NE2  B HIS A 1 64  ? -16.149 -0.081  -11.880 0.36 16.27  ? 64  HIS A NE2  1 
ATOM   499  H HB2  A HIS A 1 64  ? -15.372 -3.493  -10.006 0.64 11.88  ? 64  HIS A HB2  1 
ATOM   500  H HB2  B HIS A 1 64  ? -15.374 -3.523  -9.952  0.36 11.94  ? 64  HIS A HB2  1 
ATOM   501  N N    . ASP A 1 65  ? -12.902 -2.442  -13.077 1.00 11.10  ? 65  ASP A N    1 
ATOM   502  C CA   . ASP A 1 65  ? -12.093 -1.431  -13.723 1.00 11.20  ? 65  ASP A CA   1 
ATOM   503  C C    . ASP A 1 65  ? -12.943 -0.196  -13.952 1.00 13.67  ? 65  ASP A C    1 
ATOM   504  O O    . ASP A 1 65  ? -13.783 -0.229  -14.833 1.00 17.35  ? 65  ASP A O    1 
ATOM   505  C CB   . ASP A 1 65  ? -11.568 -1.913  -15.075 1.00 13.74  ? 65  ASP A CB   1 
ATOM   506  C CG   . ASP A 1 65  ? -10.717 -0.867  -15.761 1.00 14.87  ? 65  ASP A CG   1 
ATOM   507  O OD1  . ASP A 1 65  ? -10.678 0.307   -15.329 1.00 17.10  ? 65  ASP A OD1  1 
ATOM   508  O OD2  . ASP A 1 65  ? -10.043 -1.280  -16.740 1.00 22.13  ? 65  ASP A OD2  1 
ATOM   509  N N    . PRO A 1 66  ? -12.717 0.885   -13.173 1.00 13.10  ? 66  PRO A N    1 
ATOM   510  C CA   . PRO A 1 66  ? -13.596 2.055   -13.222 1.00 15.51  ? 66  PRO A CA   1 
ATOM   511  C C    . PRO A 1 66  ? -13.454 2.770   -14.560 1.00 25.13  ? 66  PRO A C    1 
ATOM   512  O O    . PRO A 1 66  ? -14.369 3.477   -14.945 1.00 23.00  ? 66  PRO A O    1 
ATOM   513  C CB   . PRO A 1 66  ? -13.113 2.920   -12.039 1.00 18.98  ? 66  PRO A CB   1 
ATOM   514  C CG   . PRO A 1 66  ? -11.727 2.449   -11.741 1.00 22.43  ? 66  PRO A CG   1 
ATOM   515  C CD   . PRO A 1 66  ? -11.728 0.969   -12.088 1.00 14.44  ? 66  PRO A CD   1 
ATOM   516  N N    . TYR A 1 67  ? -12.360 2.538   -15.282 1.00 17.07  ? 67  TYR A N    1 
ATOM   517  C CA   . TYR A 1 67  ? -12.192 3.179   -16.591 1.00 22.00  ? 67  TYR A CA   1 
ATOM   518  C C    . TYR A 1 67  ? -12.747 2.349   -17.741 1.00 20.30  ? 67  TYR A C    1 
ATOM   519  O O    . TYR A 1 67  ? -12.840 2.830   -18.886 1.00 26.55  ? 67  TYR A O    1 
ATOM   520  C CB   . TYR A 1 67  ? -10.704 3.491   -16.823 1.00 21.25  ? 67  TYR A CB   1 
ATOM   521  C CG   . TYR A 1 67  ? -10.183 4.540   -15.888 1.00 24.50  ? 67  TYR A CG   1 
ATOM   522  C CD1  . TYR A 1 67  ? -10.286 5.893   -16.185 1.00 30.83  ? 67  TYR A CD1  1 
ATOM   523  C CD2  . TYR A 1 67  ? -9.614  4.177   -14.670 1.00 27.49  ? 67  TYR A CD2  1 
ATOM   524  C CE1  . TYR A 1 67  ? -9.805  6.855   -15.291 1.00 34.04  ? 67  TYR A CE1  1 
ATOM   525  C CE2  . TYR A 1 67  ? -9.130  5.117   -13.801 1.00 33.47  ? 67  TYR A CE2  1 
ATOM   526  C CZ   . TYR A 1 67  ? -9.219  6.444   -14.118 1.00 31.98  ? 67  TYR A CZ   1 
ATOM   527  O OH   . TYR A 1 67  ? -8.728  7.356   -13.220 1.00 49.51  ? 67  TYR A OH   1 
ATOM   528  N N    . SER A 1 68  ? -13.175 1.125   -17.465 1.00 17.35  ? 68  SER A N    1 
ATOM   529  C CA   . SER A 1 68  ? -13.734 0.272   -18.477 1.00 21.12  ? 68  SER A CA   1 
ATOM   530  C C    . SER A 1 68  ? -14.938 -0.404  -17.833 1.00 23.16  ? 68  SER A C    1 
ATOM   531  O O    . SER A 1 68  ? -14.908 -1.582  -17.501 1.00 21.22  ? 68  SER A O    1 
ATOM   532  C CB   . SER A 1 68  ? -12.713 -0.753  -18.975 1.00 28.62  ? 68  SER A CB   1 
ATOM   533  O OG   . SER A 1 68  ? -13.235 -1.419  -20.115 1.00 41.56  ? 68  SER A OG   1 
ATOM   534  N N    . PRO A 1 69  ? -15.999 0.374   -17.612 1.00 23.71  ? 69  PRO A N    1 
ATOM   535  C CA   . PRO A 1 69  ? -17.082 -0.139  -16.770 1.00 27.11  ? 69  PRO A CA   1 
ATOM   536  C C    . PRO A 1 69  ? -17.838 -1.313  -17.391 1.00 26.49  ? 69  PRO A C    1 
ATOM   537  O O    . PRO A 1 69  ? -18.495 -2.045  -16.663 1.00 29.82  ? 69  PRO A O    1 
ATOM   538  C CB   . PRO A 1 69  ? -18.010 1.092   -16.583 1.00 31.89  ? 69  PRO A CB   1 
ATOM   539  C CG   . PRO A 1 69  ? -17.584 2.100   -17.570 1.00 28.77  ? 69  PRO A CG   1 
ATOM   540  C CD   . PRO A 1 69  ? -16.120 1.812   -17.888 1.00 24.30  ? 69  PRO A CD   1 
ATOM   541  H HA   . PRO A 1 69  ? -16.733 -0.408  -15.906 1.00 32.53  ? 69  PRO A HA   1 
ATOM   542  N N    . ASN A 1 70  ? -17.734 -1.517  -18.697 1.00 27.54  ? 70  ASN A N    1 
ATOM   543  C CA   . ASN A 1 70  ? -18.384 -2.684  -19.281 1.00 32.89  ? 70  ASN A CA   1 
ATOM   544  C C    . ASN A 1 70  ? -17.605 -3.984  -19.116 1.00 50.51  ? 70  ASN A C    1 
ATOM   545  O O    . ASN A 1 70  ? -18.136 -5.073  -19.328 1.00 42.17  ? 70  ASN A O    1 
ATOM   546  C CB   . ASN A 1 70  ? -18.650 -2.439  -20.761 1.00 31.66  ? 70  ASN A CB   1 
ATOM   547  C CG   . ASN A 1 70  ? -19.780 -1.465  -20.971 1.00 53.57  ? 70  ASN A CG   1 
ATOM   548  O OD1  . ASN A 1 70  ? -20.799 -1.527  -20.269 1.00 45.74  ? 70  ASN A OD1  1 
ATOM   549  N ND2  . ASN A 1 70  ? -19.599 -0.533  -21.898 1.00 52.43  ? 70  ASN A ND2  1 
ATOM   550  N N    . TYR A 1 71  ? -16.341 -3.870  -18.731 1.00 30.67  ? 71  TYR A N    1 
ATOM   551  C CA   . TYR A 1 71  ? -15.490 -5.041  -18.621 1.00 29.38  ? 71  TYR A CA   1 
ATOM   552  C C    . TYR A 1 71  ? -15.920 -5.940  -17.469 1.00 37.60  ? 71  TYR A C    1 
ATOM   553  O O    . TYR A 1 71  ? -15.945 -5.514  -16.315 1.00 35.53  ? 71  TYR A O    1 
ATOM   554  C CB   . TYR A 1 71  ? -14.037 -4.596  -18.447 1.00 28.33  ? 71  TYR A CB   1 
ATOM   555  C CG   . TYR A 1 71  ? -13.040 -5.710  -18.414 1.00 30.59  ? 71  TYR A CG   1 
ATOM   556  C CD1  . TYR A 1 71  ? -12.677 -6.372  -19.578 1.00 29.39  ? 71  TYR A CD1  1 
ATOM   557  C CD2  . TYR A 1 71  ? -12.392 -6.049  -17.227 1.00 25.78  ? 71  TYR A CD2  1 
ATOM   558  C CE1  . TYR A 1 71  ? -11.735 -7.386  -19.554 1.00 34.79  ? 71  TYR A CE1  1 
ATOM   559  C CE2  . TYR A 1 71  ? -11.452 -7.056  -17.198 1.00 25.29  ? 71  TYR A CE2  1 
ATOM   560  C CZ   . TYR A 1 71  ? -11.128 -7.729  -18.360 1.00 37.39  ? 71  TYR A CZ   1 
ATOM   561  O OH   . TYR A 1 71  ? -10.180 -8.738  -18.335 1.00 31.86  ? 71  TYR A OH   1 
ATOM   562  H HB2  . TYR A 1 71  ? -13.799 -4.002  -19.176 1.00 33.99  ? 71  TYR A HB2  1 
ATOM   563  N N    . THR A 1 72  ? -16.227 -7.192  -17.790 1.00 46.50  ? 72  THR A N    1 
ATOM   564  C CA   . THR A 1 72  ? -16.767 -8.144  -16.835 1.00 70.01  ? 72  THR A CA   1 
ATOM   565  C C    . THR A 1 72  ? -15.662 -9.023  -16.233 1.00 58.08  ? 72  THR A C    1 
ATOM   566  O O    . THR A 1 72  ? -15.900 -9.763  -15.279 1.00 42.76  ? 72  THR A O    1 
ATOM   567  C CB   . THR A 1 72  ? -17.829 -9.035  -17.507 1.00 121.14 ? 72  THR A CB   1 
ATOM   568  O OG1  . THR A 1 72  ? -17.179 -10.022 -18.310 1.00 140.06 ? 72  THR A OG1  1 
ATOM   569  C CG2  . THR A 1 72  ? -18.728 -8.207  -18.402 1.00 178.61 ? 72  THR A CG2  1 
ATOM   570  N N    . GLY A 1 73  ? -14.446 -8.949  -16.776 1.00 37.06  ? 73  GLY A N    1 
ATOM   571  C CA   . GLY A 1 73  ? -13.405 -9.868  -16.347 1.00 35.76  ? 73  GLY A CA   1 
ATOM   572  C C    . GLY A 1 73  ? -12.770 -10.515 -17.557 1.00 36.91  ? 73  GLY A C    1 
ATOM   573  O O    . GLY A 1 73  ? -13.180 -10.241 -18.672 1.00 33.87  ? 73  GLY A O    1 
ATOM   574  N N    . PRO A 1 74  ? -11.763 -11.380 -17.344 1.00 32.68  ? 74  PRO A N    1 
ATOM   575  C CA   . PRO A 1 74  ? -11.334 -11.760 -16.002 1.00 29.18  ? 74  PRO A CA   1 
ATOM   576  C C    . PRO A 1 74  ? -10.390 -10.713 -15.407 1.00 20.98  ? 74  PRO A C    1 
ATOM   577  O O    . PRO A 1 74  ? -9.840  -9.851  -16.118 1.00 24.54  ? 74  PRO A O    1 
ATOM   578  C CB   . PRO A 1 74  ? -10.609 -13.085 -16.238 1.00 39.25  ? 74  PRO A CB   1 
ATOM   579  C CG   . PRO A 1 74  ? -9.942  -12.879 -17.555 1.00 37.06  ? 74  PRO A CG   1 
ATOM   580  C CD   . PRO A 1 74  ? -10.903 -11.991 -18.380 1.00 34.03  ? 74  PRO A CD   1 
ATOM   581  H HD2  . PRO A 1 74  ? -10.391 -11.291 -18.817 1.00 40.83  ? 74  PRO A HD2  1 
ATOM   582  N N    . PHE A 1 75  ? -10.218 -10.793 -14.095 1.00 24.19  ? 75  PHE A N    1 
ATOM   583  C CA   . PHE A 1 75  ? -9.310  -9.893  -13.425 1.00 19.38  ? 75  PHE A CA   1 
ATOM   584  C C    . PHE A 1 75  ? -8.023  -10.691 -13.173 1.00 27.28  ? 75  PHE A C    1 
ATOM   585  O O    . PHE A 1 75  ? -7.859  -11.789 -13.709 1.00 28.85  ? 75  PHE A O    1 
ATOM   586  C CB   . PHE A 1 75  ? -9.990  -9.310  -12.182 1.00 20.14  ? 75  PHE A CB   1 
ATOM   587  C CG   . PHE A 1 75  ? -11.119 -8.377  -12.548 1.00 19.42  ? 75  PHE A CG   1 
ATOM   588  C CD1  . PHE A 1 75  ? -10.846 -7.091  -13.017 1.00 17.11  ? 75  PHE A CD1  1 
ATOM   589  C CD2  . PHE A 1 75  ? -12.432 -8.820  -12.552 1.00 21.93  ? 75  PHE A CD2  1 
ATOM   590  C CE1  . PHE A 1 75  ? -11.848 -6.255  -13.427 1.00 23.73  ? 75  PHE A CE1  1 
ATOM   591  C CE2  . PHE A 1 75  ? -13.452 -7.968  -12.965 1.00 25.14  ? 75  PHE A CE2  1 
ATOM   592  C CZ   . PHE A 1 75  ? -13.157 -6.709  -13.415 1.00 20.63  ? 75  PHE A CZ   1 
ATOM   593  N N    . GLY A 1 76  ? -7.073  -10.146 -12.447 1.00 20.73  ? 76  GLY A N    1 
ATOM   594  C CA   . GLY A 1 76  ? -5.854  -10.890 -12.234 1.00 18.49  ? 76  GLY A CA   1 
ATOM   595  C C    . GLY A 1 76  ? -5.994  -11.804 -11.032 1.00 17.60  ? 76  GLY A C    1 
ATOM   596  O O    . GLY A 1 76  ? -7.102  -12.135 -10.591 1.00 21.73  ? 76  GLY A O    1 
ATOM   597  N N    . GLN A 1 77  ? -4.853  -12.229 -10.490 1.00 15.25  ? 77  GLN A N    1 
ATOM   598  C CA   . GLN A 1 77  ? -4.800  -13.071 -9.323  1.00 12.46  ? 77  GLN A CA   1 
ATOM   599  C C    . GLN A 1 77  ? -4.858  -12.210 -8.053  1.00 13.24  ? 77  GLN A C    1 
ATOM   600  O O    . GLN A 1 77  ? -4.464  -11.052 -8.088  1.00 12.50  ? 77  GLN A O    1 
ATOM   601  C CB   . GLN A 1 77  ? -3.493  -13.903 -9.324  1.00 21.17  ? 77  GLN A CB   1 
ATOM   602  C CG   . GLN A 1 77  ? -3.299  -14.741 -10.603 1.00 30.26  ? 77  GLN A CG   1 
ATOM   603  C CD   . GLN A 1 77  ? -2.004  -15.560 -10.616 1.00 55.39  ? 77  GLN A CD   1 
ATOM   604  O OE1  . GLN A 1 77  ? -1.319  -15.688 -9.605  1.00 46.29  ? 77  GLN A OE1  1 
ATOM   605  N NE2  . GLN A 1 77  ? -1.674  -16.116 -11.773 1.00 111.00 ? 77  GLN A NE2  1 
ATOM   606  H HB2  . GLN A 1 77  ? -2.737  -13.301 -9.242  1.00 25.41  ? 77  GLN A HB2  1 
ATOM   607  N N    . THR A 1 78  ? -5.267  -12.816 -6.958  1.00 11.27  ? 78  THR A N    1 
ATOM   608  C CA   . THR A 1 78  ? -5.033  -12.226 -5.619  1.00 10.11  ? 78  THR A CA   1 
ATOM   609  C C    . THR A 1 78  ? -3.547  -12.348 -5.316  1.00 14.20  ? 78  THR A C    1 
ATOM   610  O O    . THR A 1 78  ? -2.996  -13.449 -5.475  1.00 16.94  ? 78  THR A O    1 
ATOM   611  C CB   . THR A 1 78  ? -5.854  -12.947 -4.573  1.00 11.05  ? 78  THR A CB   1 
ATOM   612  O OG1  . THR A 1 78  ? -7.240  -12.606 -4.811  1.00 14.67  ? 78  THR A OG1  1 
ATOM   613  C CG2  . THR A 1 78  ? -5.445  -12.513 -3.159  1.00 12.76  ? 78  THR A CG2  1 
ATOM   614  N N    . ILE A 1 79  ? -2.902  -11.252 -4.899  1.00 9.78   ? 79  ILE A N    1 
ATOM   615  C CA   . ILE A 1 79  ? -1.496  -11.311 -4.544  1.00 8.29   ? 79  ILE A CA   1 
ATOM   616  C C    . ILE A 1 79  ? -1.332  -10.824 -3.133  1.00 7.51   ? 79  ILE A C    1 
ATOM   617  O O    . ILE A 1 79  ? -2.164  -10.064 -2.626  1.00 9.53   ? 79  ILE A O    1 
ATOM   618  C CB   . ILE A 1 79  ? -0.596  -10.457 -5.451  1.00 8.67   ? 79  ILE A CB   1 
ATOM   619  C CG1  . ILE A 1 79  ? -0.952  -8.974  -5.397  1.00 10.33  ? 79  ILE A CG1  1 
ATOM   620  C CG2  . ILE A 1 79  ? -0.683  -10.959 -6.956  1.00 13.78  ? 79  ILE A CG2  1 
ATOM   621  C CD1  . ILE A 1 79  ? 0.087   -8.092  -6.183  1.00 15.33  ? 79  ILE A CD1  1 
ATOM   622  N N    . VAL A 1 80  ? -0.236  -11.229 -2.527  1.00 7.79   ? 80  VAL A N    1 
ATOM   623  C CA   . VAL A 1 80  ? 0.143   -10.691 -1.202  1.00 6.71   ? 80  VAL A CA   1 
ATOM   624  C C    . VAL A 1 80  ? 1.325   -9.777  -1.351  1.00 7.13   ? 80  VAL A C    1 
ATOM   625  O O    . VAL A 1 80  ? 2.364   -10.156 -1.952  1.00 9.48   ? 80  VAL A O    1 
ATOM   626  C CB   . VAL A 1 80  ? 0.521   -11.814 -0.235  1.00 7.62   ? 80  VAL A CB   1 
ATOM   627  C CG1  . VAL A 1 80  ? 0.940   -11.255 1.120   1.00 9.94   ? 80  VAL A CG1  1 
ATOM   628  C CG2  . VAL A 1 80  ? -0.671  -12.789 -0.052  1.00 8.98   ? 80  VAL A CG2  1 
ATOM   629  N N    . VAL A 1 81  ? 1.161   -8.544  -0.883  1.00 5.83   ? 81  VAL A N    1 
ATOM   630  C CA   . VAL A 1 81  ? 2.221   -7.541  -0.988  1.00 5.34   ? 81  VAL A CA   1 
ATOM   631  C C    . VAL A 1 81  ? 2.711   -7.187  0.395   1.00 7.51   ? 81  VAL A C    1 
ATOM   632  O O    . VAL A 1 81  ? 1.984   -7.360  1.373   1.00 7.79   ? 81  VAL A O    1 
ATOM   633  C CB   . VAL A 1 81  ? 1.749   -6.259  -1.690  1.00 5.24   ? 81  VAL A CB   1 
ATOM   634  C CG1  . VAL A 1 81  ? 1.309   -6.576  -3.151  1.00 9.35   ? 81  VAL A CG1  1 
ATOM   635  C CG2  . VAL A 1 81  ? 0.603   -5.566  -0.899  1.00 8.16   ? 81  VAL A CG2  1 
ATOM   636  H HG21 . VAL A 1 81  ? 0.407   -4.710  -1.313  1.00 9.79   ? 81  VAL A HG21 1 
ATOM   637  N N    . LYS A 1 82  ? 3.961   -6.736  0.491   1.00 5.52   ? 82  LYS A N    1 
ATOM   638  C CA   . LYS A 1 82  ? 4.451   -6.094  1.733   1.00 5.10   ? 82  LYS A CA   1 
ATOM   639  C C    . LYS A 1 82  ? 4.513   -4.591  1.467   1.00 7.01   ? 82  LYS A C    1 
ATOM   640  O O    . LYS A 1 82  ? 5.060   -4.173  0.457   1.00 6.51   ? 82  LYS A O    1 
ATOM   641  C CB   . LYS A 1 82  ? 5.850   -6.646  2.125   1.00 6.26   ? 82  LYS A CB   1 
ATOM   642  C CG   . LYS A 1 82  ? 6.417   -5.994  3.412   1.00 6.57   ? 82  LYS A CG   1 
ATOM   643  C CD   . LYS A 1 82  ? 7.792   -6.605  3.798   1.00 6.84   ? 82  LYS A CD   1 
ATOM   644  C CE   . LYS A 1 82  ? 7.562   -8.030  4.320   1.00 6.37   ? 82  LYS A CE   1 
ATOM   645  N NZ   . LYS A 1 82  ? 8.855   -8.586  4.909   1.00 9.93   ? 82  LYS A NZ   1 
ATOM   646  H HD2  . LYS A 1 82  ? 8.346   -6.663  3.004   1.00 8.21   ? 82  LYS A HD2  1 
ATOM   647  N N    . VAL A 1 83  ? 3.965   -3.778  2.377   1.00 4.65   ? 83  VAL A N    1 
ATOM   648  C CA   . VAL A 1 83  ? 4.040   -2.323  2.195   1.00 3.67   ? 83  VAL A CA   1 
ATOM   649  C C    . VAL A 1 83  ? 5.423   -1.820  2.574   1.00 6.17   ? 83  VAL A C    1 
ATOM   650  O O    . VAL A 1 83  ? 5.884   -2.046  3.680   1.00 8.14   ? 83  VAL A O    1 
ATOM   651  C CB   . VAL A 1 83  ? 2.974   -1.642  3.031   1.00 7.58   ? 83  VAL A CB   1 
ATOM   652  C CG1  . VAL A 1 83  ? 3.150   -0.092  2.974   1.00 9.45   ? 83  VAL A CG1  1 
ATOM   653  C CG2  . VAL A 1 83  ? 1.560   -2.031  2.524   1.00 12.05  ? 83  VAL A CG2  1 
ATOM   654  H HA   . VAL A 1 83  ? 3.882   -2.107  1.262   1.00 4.40   ? 83  VAL A HA   1 
ATOM   655  N N    . THR A 1 84  ? 6.084   -1.164  1.622   1.00 6.10   ? 84  THR A N    1 
ATOM   656  C CA   . THR A 1 84  ? 7.358   -0.532  1.848   1.00 5.60   ? 84  THR A CA   1 
ATOM   657  C C    . THR A 1 84  ? 7.378   0.957   1.559   1.00 5.38   ? 84  THR A C    1 
ATOM   658  O O    . THR A 1 84  ? 8.405   1.611   1.812   1.00 7.31   ? 84  THR A O    1 
ATOM   659  C CB   . THR A 1 84  ? 8.448   -1.170  0.947   1.00 6.33   ? 84  THR A CB   1 
ATOM   660  O OG1  . THR A 1 84  ? 8.113   -0.918  -0.440  1.00 7.31   ? 84  THR A OG1  1 
ATOM   661  C CG2  . THR A 1 84  ? 8.595   -2.684  1.237   1.00 9.31   ? 84  THR A CG2  1 
ATOM   662  H H    . THR A 1 84  ? 5.796   -1.074  0.817   1.00 7.32   ? 84  THR A H    1 
ATOM   663  H HA   . THR A 1 84  ? 7.616   -0.663  2.774   1.00 6.72   ? 84  THR A HA   1 
ATOM   664  H HB   . THR A 1 84  ? 9.300   -0.748  1.143   1.00 7.60   ? 84  THR A HB   1 
ATOM   665  N N    . ASP A 1 85  ? 6.268   1.520   1.082   1.00 6.53   ? 85  ASP A N    1 
ATOM   666  C CA   . ASP A 1 85  ? 6.359   2.845   0.485   1.00 5.93   ? 85  ASP A CA   1 
ATOM   667  C C    . ASP A 1 85  ? 5.063   3.642   0.718   1.00 7.04   ? 85  ASP A C    1 
ATOM   668  O O    . ASP A 1 85  ? 4.048   3.094   1.144   1.00 6.72   ? 85  ASP A O    1 
ATOM   669  C CB   . ASP A 1 85  ? 6.674   2.701   -1.025  1.00 7.39   ? 85  ASP A CB   1 
ATOM   670  C CG   . ASP A 1 85  ? 7.382   3.940   -1.634  1.00 8.53   ? 85  ASP A CG   1 
ATOM   671  O OD1  . ASP A 1 85  ? 7.719   4.906   -0.910  1.00 9.11   ? 85  ASP A OD1  1 
ATOM   672  O OD2  . ASP A 1 85  ? 7.585   3.873   -2.862  1.00 9.97   ? 85  ASP A OD2  1 
ATOM   673  N N    . LEU A 1 86  ? 5.174   4.946   0.459   1.00 7.90   ? 86  LEU A N    1 
ATOM   674  C CA   . LEU A 1 86  ? 4.142   5.956   0.729   1.00 7.41   ? 86  LEU A CA   1 
ATOM   675  C C    . LEU A 1 86  ? 3.650   6.489   -0.586  1.00 7.74   ? 86  LEU A C    1 
ATOM   676  O O    . LEU A 1 86  ? 4.467   6.892   -1.433  1.00 10.08  ? 86  LEU A O    1 
ATOM   677  C CB   . LEU A 1 86  ? 4.774   7.102   1.579   1.00 7.80   ? 86  LEU A CB   1 
ATOM   678  C CG   . LEU A 1 86  ? 3.952   8.399   1.636   1.00 13.06  ? 86  LEU A CG   1 
ATOM   679  C CD1  . LEU A 1 86  ? 2.612   8.215   2.351   1.00 11.89  ? 86  LEU A CD1  1 
ATOM   680  C CD2  . LEU A 1 86  ? 4.835   9.443   2.374   1.00 13.67  ? 86  LEU A CD2  1 
ATOM   681  H H    . LEU A 1 86  ? 5.878   5.288   0.106   1.00 9.48   ? 86  LEU A H    1 
ATOM   682  H HG   . LEU A 1 86  ? 3.782   8.717   0.736   1.00 15.67  ? 86  LEU A HG   1 
ATOM   683  N N    . CYS A 1 87  ? 2.321   6.547   -0.749  1.00 7.55   ? 87  CYS A N    1 
ATOM   684  C CA   . CYS A 1 87  ? 1.647   7.217   -1.858  1.00 8.19   ? 87  CYS A CA   1 
ATOM   685  C C    . CYS A 1 87  ? 1.084   8.534   -1.300  1.00 9.42   ? 87  CYS A C    1 
ATOM   686  O O    . CYS A 1 87  ? 0.143   8.494   -0.526  1.00 8.76   ? 87  CYS A O    1 
ATOM   687  C CB   . CYS A 1 87  ? 0.553   6.311   -2.399  1.00 8.75   ? 87  CYS A CB   1 
ATOM   688  S SG   . CYS A 1 87  ? -0.205  7.020   -3.938  1.00 10.64  ? 87  CYS A SG   1 
ATOM   689  H HA   . CYS A 1 87  ? 2.279   7.413   -2.567  1.00 9.83   ? 87  CYS A HA   1 
ATOM   690  N N    . PRO A 1 88  ? 1.745   9.675   -1.570  1.00 10.54  ? 88  PRO A N    1 
ATOM   691  C CA   . PRO A 1 88  ? 1.446   10.857  -0.771  1.00 9.32   ? 88  PRO A CA   1 
ATOM   692  C C    . PRO A 1 88  ? 0.238   11.624  -1.270  1.00 9.59   ? 88  PRO A C    1 
ATOM   693  O O    . PRO A 1 88  ? -0.097  11.538  -2.449  1.00 13.75  ? 88  PRO A O    1 
ATOM   694  C CB   . PRO A 1 88  ? 2.694   11.736  -0.946  1.00 12.93  ? 88  PRO A CB   1 
ATOM   695  C CG   . PRO A 1 88  ? 3.279   11.313  -2.226  1.00 17.20  ? 88  PRO A CG   1 
ATOM   696  C CD   . PRO A 1 88  ? 2.923   9.856   -2.438  1.00 12.25  ? 88  PRO A CD   1 
ATOM   697  H HB3  . PRO A 1 88  ? 3.313   11.553  -0.221  1.00 15.51  ? 88  PRO A HB3  1 
ATOM   698  H HD2  . PRO A 1 88  ? 2.658   9.727   -3.362  1.00 14.70  ? 88  PRO A HD2  1 
ATOM   699  N N    . VAL A 1 89  ? -0.364  12.397  -0.357  1.00 10.71  ? 89  VAL A N    1 
ATOM   700  C CA   . VAL A 1 89  ? -1.532  13.202  -0.725  1.00 13.52  ? 89  VAL A CA   1 
ATOM   701  C C    . VAL A 1 89  ? -1.138  14.226  -1.814  1.00 18.15  ? 89  VAL A C    1 
ATOM   702  O O    . VAL A 1 89  ? -1.808  14.326  -2.847  1.00 26.88  ? 89  VAL A O    1 
ATOM   703  C CB   . VAL A 1 89  ? -2.124  13.907  0.505   1.00 18.88  ? 89  VAL A CB   1 
ATOM   704  C CG1  . VAL A 1 89  ? -3.102  14.983  0.053   1.00 23.86  ? 89  VAL A CG1  1 
ATOM   705  C CG2  . VAL A 1 89  ? -2.845  12.953  1.340   1.00 16.49  ? 89  VAL A CG2  1 
ATOM   706  N N    . GLN A 1 90  ? -0.002  14.883  -1.626  1.00 16.89  ? 90  GLN A N    1 
ATOM   707  C CA   . GLN A 1 90  ? 0.406   15.924  -2.580  1.00 28.87  ? 90  GLN A CA   1 
ATOM   708  C C    . GLN A 1 90  ? 0.835   15.341  -3.942  1.00 35.15  ? 90  GLN A C    1 
ATOM   709  O O    . GLN A 1 90  ? 0.726   15.990  -4.980  1.00 38.57  ? 90  GLN A O    1 
ATOM   710  C CB   . GLN A 1 90  ? 1.535   16.758  -1.984  1.00 28.93  ? 90  GLN A CB   1 
ATOM   711  N N    . GLY A 1 91  ? 1.303   14.101  -3.941  1.00 33.78  ? 91  GLY A N    1 
ATOM   712  C CA   . GLY A 1 91  ? 1.840   13.508  -5.154  1.00 34.43  ? 91  GLY A CA   1 
ATOM   713  C C    . GLY A 1 91  ? 0.789   12.964  -6.102  1.00 34.74  ? 91  GLY A C    1 
ATOM   714  O O    . GLY A 1 91  ? 0.940   13.045  -7.311  1.00 45.30  ? 91  GLY A O    1 
ATOM   715  N N    . ASP A 1 92  ? -0.289  12.414  -5.561  1.00 35.05  ? 92  ASP A N    1 
ATOM   716  C CA   . ASP A 1 92  ? -1.309  11.778  -6.391  1.00 24.40  ? 92  ASP A CA   1 
ATOM   717  C C    . ASP A 1 92  ? -2.717  12.046  -5.848  1.00 32.24  ? 92  ASP A C    1 
ATOM   718  O O    . ASP A 1 92  ? -3.181  11.326  -4.960  1.00 28.69  ? 92  ASP A O    1 
ATOM   719  C CB   . ASP A 1 92  ? -1.036  10.263  -6.440  1.00 38.29  ? 92  ASP A CB   1 
ATOM   720  C CG   . ASP A 1 92  ? -1.972  9.511   -7.360  1.00 44.82  ? 92  ASP A CG   1 
ATOM   721  O OD1  . ASP A 1 92  ? -3.071  10.023  -7.723  1.00 37.63  ? 92  ASP A OD1  1 
ATOM   722  O OD2  . ASP A 1 92  ? -1.581  8.368   -7.708  1.00 46.25  ? 92  ASP A OD2  1 
ATOM   723  N N    . GLN A 1 93  ? -3.402  13.062  -6.371  1.00 26.99  ? 93  GLN A N    1 
ATOM   724  C CA   . GLN A 1 93  ? -4.646  13.507  -5.744  1.00 33.58  ? 93  GLN A CA   1 
ATOM   725  C C    . GLN A 1 93  ? -5.771  12.536  -6.075  1.00 33.70  ? 93  GLN A C    1 
ATOM   726  O O    . GLN A 1 93  ? -6.596  12.185  -5.209  1.00 40.77  ? 93  GLN A O    1 
ATOM   727  N N    . GLU A 1 94  ? -5.798  12.087  -7.327  1.00 26.21  ? 94  GLU A N    1 
ATOM   728  C CA   . GLU A 1 94  ? -6.867  11.210  -7.784  1.00 25.42  ? 94  GLU A CA   1 
ATOM   729  C C    . GLU A 1 94  ? -7.007  9.943   -6.944  1.00 23.77  ? 94  GLU A C    1 
ATOM   730  O O    . GLU A 1 94  ? -8.123  9.485   -6.659  1.00 21.19  ? 94  GLU A O    1 
ATOM   731  C CB   . GLU A 1 94  ? -6.657  10.792  -9.244  1.00 23.15  ? 94  GLU A CB   1 
ATOM   732  C CG   . GLU A 1 94  ? -7.765  9.825   -9.719  1.00 32.97  ? 94  GLU A CG   1 
ATOM   733  C CD   . GLU A 1 94  ? -7.628  9.414   -11.175 1.00 41.52  ? 94  GLU A CD   1 
ATOM   734  O OE1  . GLU A 1 94  ? -6.726  9.938   -11.877 1.00 34.85  ? 94  GLU A OE1  1 
ATOM   735  O OE2  . GLU A 1 94  ? -8.419  8.540   -11.607 1.00 34.99  ? 94  GLU A OE2  1 
ATOM   736  N N    . PHE A 1 95  ? -5.860  9.351   -6.602  1.00 15.84  ? 95  PHE A N    1 
ATOM   737  C CA   . PHE A 1 95  ? -5.886  8.047   -5.966  1.00 13.28  ? 95  PHE A CA   1 
ATOM   738  C C    . PHE A 1 95  ? -5.474  8.083   -4.509  1.00 10.50  ? 95  PHE A C    1 
ATOM   739  O O    . PHE A 1 95  ? -5.997  7.284   -3.744  1.00 10.74  ? 95  PHE A O    1 
ATOM   740  C CB   . PHE A 1 95  ? -4.971  7.046   -6.710  1.00 11.94  ? 95  PHE A CB   1 
ATOM   741  C CG   . PHE A 1 95  ? -5.474  6.669   -8.067  1.00 13.58  ? 95  PHE A CG   1 
ATOM   742  C CD1  . PHE A 1 95  ? -6.546  5.804   -8.197  1.00 16.89  ? 95  PHE A CD1  1 
ATOM   743  C CD2  . PHE A 1 95  ? -4.867  7.189   -9.206  1.00 21.05  ? 95  PHE A CD2  1 
ATOM   744  C CE1  . PHE A 1 95  ? -7.033  5.443   -9.435  1.00 15.64  ? 95  PHE A CE1  1 
ATOM   745  C CE2  . PHE A 1 95  ? -5.346  6.837   -10.470 1.00 20.90  ? 95  PHE A CE2  1 
ATOM   746  C CZ   . PHE A 1 95  ? -6.405  5.946   -10.574 1.00 16.15  ? 95  PHE A CZ   1 
ATOM   747  H HA   . PHE A 1 95  ? -6.793  7.701   -6.005  1.00 15.93  ? 95  PHE A HA   1 
ATOM   748  H HD1  . PHE A 1 95  ? -6.947  5.459   -7.432  1.00 20.27  ? 95  PHE A HD1  1 
ATOM   749  H HD2  . PHE A 1 95  ? -4.147  7.772   -9.126  1.00 25.26  ? 95  PHE A HD2  1 
ATOM   750  N N    . CYS A 1 96  ? -4.559  8.973   -4.132  1.00 11.97  ? 96  CYS A N    1 
ATOM   751  C CA   . CYS A 1 96  ? -4.035  8.912   -2.759  1.00 8.53   ? 96  CYS A CA   1 
ATOM   752  C C    . CYS A 1 96  ? -4.363  10.128  -1.913  1.00 12.20  ? 96  CYS A C    1 
ATOM   753  O O    . CYS A 1 96  ? -3.707  10.348  -0.906  1.00 10.79  ? 96  CYS A O    1 
ATOM   754  C CB   . CYS A 1 96  ? -2.537  8.728   -2.807  1.00 8.86   ? 96  CYS A CB   1 
ATOM   755  S SG   . CYS A 1 96  ? -2.191  7.074   -3.496  1.00 11.65  ? 96  CYS A SG   1 
ATOM   756  H HB2  . CYS A 1 96  ? -2.140  9.399   -3.383  1.00 10.64  ? 96  CYS A HB2  1 
ATOM   757  H HB3  . CYS A 1 96  ? -2.169  8.779   -1.910  1.00 10.64  ? 96  CYS A HB3  1 
ATOM   758  N N    . GLY A 1 97  ? -5.351  10.901  -2.362  1.00 13.10  ? 97  GLY A N    1 
ATOM   759  C CA   . GLY A 1 97  ? -5.669  12.151  -1.692  1.00 12.66  ? 97  GLY A CA   1 
ATOM   760  C C    . GLY A 1 97  ? -6.613  12.058  -0.515  1.00 13.23  ? 97  GLY A C    1 
ATOM   761  O O    . GLY A 1 97  ? -7.130  13.112  -0.090  1.00 13.27  ? 97  GLY A O    1 
ATOM   762  N N    . GLN A 1 98  ? -6.819  10.874  0.070   1.00 11.46  ? 98  GLN A N    1 
ATOM   763  C CA   . GLN A 1 98  ? -7.693  10.767  1.257   1.00 11.58  ? 98  GLN A CA   1 
ATOM   764  C C    . GLN A 1 98  ? -7.135  11.562  2.418   1.00 12.66  ? 98  GLN A C    1 
ATOM   765  O O    . GLN A 1 98  ? -5.922  11.469  2.719   1.00 12.60  ? 98  GLN A O    1 
ATOM   766  C CB   . GLN A 1 98  ? -7.843  9.301   1.706   1.00 10.73  ? 98  GLN A CB   1 
ATOM   767  C CG   . GLN A 1 98  ? -8.406  8.370   0.593   1.00 11.11  ? 98  GLN A CG   1 
ATOM   768  C CD   . GLN A 1 98  ? -7.317  7.711   -0.296  1.00 11.41  ? 98  GLN A CD   1 
ATOM   769  O OE1  . GLN A 1 98  ? -6.173  8.198   -0.425  1.00 10.06  ? 98  GLN A OE1  1 
ATOM   770  N NE2  . GLN A 1 98  ? -7.709  6.630   -0.949  1.00 12.06  ? 98  GLN A NE2  1 
ATOM   771  H HA   . GLN A 1 98  ? -8.573  11.114  1.042   1.00 13.89  ? 98  GLN A HA   1 
ATOM   772  N N    . THR A 1 99  ? -8.020  12.286  3.131   1.00 13.20  ? 99  THR A N    1 
ATOM   773  C CA   . THR A 1 99  ? -7.635  13.115  4.272   1.00 12.62  ? 99  THR A CA   1 
ATOM   774  C C    . THR A 1 99  ? -8.651  12.903  5.361   1.00 14.37  ? 99  THR A C    1 
ATOM   775  O O    . THR A 1 99  ? -9.667  12.265  5.117   1.00 13.77  ? 99  THR A O    1 
ATOM   776  C CB   . THR A 1 99  ? -7.584  14.633  3.915   1.00 15.81  ? 99  THR A CB   1 
ATOM   777  O OG1  . THR A 1 99  ? -8.893  15.009  3.556   1.00 18.73  ? 99  THR A OG1  1 
ATOM   778  C CG2  . THR A 1 99  ? -6.658  14.913  2.728   1.00 13.42  ? 99  THR A CG2  1 
ATOM   779  N N    . THR A 1 100 ? -8.399  13.415  6.579   1.00 12.22  ? 100 THR A N    1 
ATOM   780  C CA   . THR A 1 100 ? -9.364  13.121  7.650   1.00 14.43  ? 100 THR A CA   1 
ATOM   781  C C    . THR A 1 100 ? -10.705 13.809  7.380   1.00 19.55  ? 100 THR A C    1 
ATOM   782  O O    . THR A 1 100 ? -11.740 13.307  7.824   1.00 24.68  ? 100 THR A O    1 
ATOM   783  C CB   . THR A 1 100 ? -8.850  13.517  9.063   1.00 20.14  ? 100 THR A CB   1 
ATOM   784  O OG1  . THR A 1 100 ? -8.463  14.883  9.067   1.00 20.32  ? 100 THR A OG1  1 
ATOM   785  C CG2  . THR A 1 100 ? -7.676  12.668  9.520   1.00 16.18  ? 100 THR A CG2  1 
ATOM   786  N N    . SER A 1 101 ? -10.691 14.893  6.623   1.00 18.43  ? 101 SER A N    1 
ATOM   787  C CA   . SER A 1 101 ? -11.927 15.618  6.361   1.00 26.62  ? 101 SER A CA   1 
ATOM   788  C C    . SER A 1 101 ? -12.651 15.086  5.115   1.00 36.87  ? 101 SER A C    1 
ATOM   789  O O    . SER A 1 101 ? -13.847 15.324  4.947   1.00 29.76  ? 101 SER A O    1 
ATOM   790  C CB   . SER A 1 101 ? -11.642 17.124  6.239   1.00 21.05  ? 101 SER A CB   1 
ATOM   791  O OG   . SER A 1 101 ? -10.956 17.486  5.056   1.00 29.03  ? 101 SER A OG   1 
ATOM   792  N N    . ASN A 1 102 ? -11.932 14.335  4.280   1.00 25.26  ? 102 ASN A N    1 
ATOM   793  C CA   . ASN A 1 102 ? -12.442 13.781  3.027   1.00 21.98  ? 102 ASN A CA   1 
ATOM   794  C C    . ASN A 1 102 ? -11.752 12.424  2.782   1.00 15.48  ? 102 ASN A C    1 
ATOM   795  O O    . ASN A 1 102 ? -10.760 12.387  2.061   1.00 17.40  ? 102 ASN A O    1 
ATOM   796  C CB   . ASN A 1 102 ? -12.164 14.715  1.876   1.00 22.98  ? 102 ASN A CB   1 
ATOM   797  C CG   . ASN A 1 102 ? -12.751 14.214  0.564   1.00 42.64  ? 102 ASN A CG   1 
ATOM   798  O OD1  . ASN A 1 102 ? -13.518 13.240  0.541   1.00 48.03  ? 102 ASN A OD1  1 
ATOM   799  N ND2  . ASN A 1 102 ? -12.393 14.877  -0.536  1.00 50.64  ? 102 ASN A ND2  1 
ATOM   800  N N    . PRO A 1 103 ? -12.228 11.393  3.456   1.00 16.17  ? 103 PRO A N    1 
ATOM   801  C CA   . PRO A 1 103 ? -11.464 10.138  3.558   1.00 14.84  ? 103 PRO A CA   1 
ATOM   802  C C    . PRO A 1 103 ? -11.676 9.198   2.376   1.00 18.61  ? 103 PRO A C    1 
ATOM   803  O O    . PRO A 1 103 ? -11.314 8.047   2.538   1.00 21.44  ? 103 PRO A O    1 
ATOM   804  C CB   . PRO A 1 103 ? -11.976 9.500   4.847   1.00 21.10  ? 103 PRO A CB   1 
ATOM   805  C CG   . PRO A 1 103 ? -13.402 10.053  4.988   1.00 24.10  ? 103 PRO A CG   1 
ATOM   806  C CD   . PRO A 1 103 ? -13.338 11.446  4.432   1.00 26.31  ? 103 PRO A CD   1 
ATOM   807  N N    . THR A 1 104 ? -12.177 9.666   1.248   1.00 17.54  ? 104 THR A N    1 
ATOM   808  C CA   . THR A 1 104 ? -12.211 8.820   0.044   1.00 14.47  ? 104 THR A CA   1 
ATOM   809  C C    . THR A 1 104 ? -11.557 9.519   -1.120  1.00 18.09  ? 104 THR A C    1 
ATOM   810  O O    . THR A 1 104 ? -11.486 10.745  -1.176  1.00 23.25  ? 104 THR A O    1 
ATOM   811  C CB   . THR A 1 104 ? -13.653 8.385   -0.361  1.00 23.26  ? 104 THR A CB   1 
ATOM   812  O OG1  . THR A 1 104 ? -14.443 9.551   -0.611  1.00 24.77  ? 104 THR A OG1  1 
ATOM   813  C CG2  . THR A 1 104 ? -14.301 7.581   0.749   1.00 22.75  ? 104 THR A CG2  1 
ATOM   814  N N    . ASN A 1 105 ? -11.075 8.756   -2.094  1.00 14.03  ? 105 ASN A N    1 
ATOM   815  C CA   . ASN A 1 105 ? -10.482 9.378   -3.248  1.00 14.92  ? 105 ASN A CA   1 
ATOM   816  C C    . ASN A 1 105 ? -11.548 9.582   -4.337  1.00 17.29  ? 105 ASN A C    1 
ATOM   817  O O    . ASN A 1 105 ? -12.750 9.428   -4.053  1.00 19.25  ? 105 ASN A O    1 
ATOM   818  C CB   . ASN A 1 105 ? -9.256  8.563   -3.770  1.00 14.79  ? 105 ASN A CB   1 
ATOM   819  C CG   . ASN A 1 105 ? -9.614  7.142   -4.227  1.00 15.14  ? 105 ASN A CG   1 
ATOM   820  O OD1  . ASN A 1 105 ? -10.773 6.823   -4.516  1.00 13.75  ? 105 ASN A OD1  1 
ATOM   821  N ND2  . ASN A 1 105 ? -8.574  6.273   -4.351  1.00 12.16  ? 105 ASN A ND2  1 
ATOM   822  H HB3  . ASN A 1 105 ? -8.598  8.493   -3.061  1.00 17.75  ? 105 ASN A HB3  1 
ATOM   823  N N    . GLN A 1 106 ? -11.094 9.893   -5.551  1.00 17.08  ? 106 GLN A N    1 
ATOM   824  C CA   . GLN A 1 106 ? -11.976 10.242  -6.665  1.00 22.12  ? 106 GLN A CA   1 
ATOM   825  C C    . GLN A 1 106 ? -12.784 9.066   -7.137  1.00 25.88  ? 106 GLN A C    1 
ATOM   826  O O    . GLN A 1 106 ? -13.793 9.242   -7.832  1.00 26.28  ? 106 GLN A O    1 
ATOM   827  C CB   . GLN A 1 106 ? -11.161 10.834  -7.827  1.00 28.09  ? 106 GLN A CB   1 
ATOM   828  C CG   . GLN A 1 106 ? -10.700 12.277  -7.574  1.00 62.09  ? 106 GLN A CG   1 
ATOM   829  C CD   . GLN A 1 106 ? -10.005 12.889  -8.777  1.00 125.24 ? 106 GLN A CD   1 
ATOM   830  O OE1  . GLN A 1 106 ? -10.140 12.402  -9.900  1.00 124.49 ? 106 GLN A OE1  1 
ATOM   831  N NE2  . GLN A 1 106 ? -9.254  13.960  -8.548  1.00 193.00 ? 106 GLN A NE2  1 
ATOM   832  N N    . HIS A 1 107 ? -12.377 7.845   -6.761  1.00 16.34  ? 107 HIS A N    1 
ATOM   833  C CA   . HIS A 1 107 ? -13.188 6.652   -7.036  1.00 15.89  ? 107 HIS A CA   1 
ATOM   834  C C    . HIS A 1 107 ? -13.980 6.136   -5.885  1.00 15.69  ? 107 HIS A C    1 
ATOM   835  O O    . HIS A 1 107 ? -14.462 5.002   -5.923  1.00 21.05  ? 107 HIS A O    1 
ATOM   836  C CB   . HIS A 1 107 ? -12.281 5.527   -7.560  1.00 20.20  ? 107 HIS A CB   1 
ATOM   837  C CG   . HIS A 1 107 ? -11.538 5.915   -8.787  1.00 22.03  ? 107 HIS A CG   1 
ATOM   838  N ND1  . HIS A 1 107 ? -12.086 5.789   -10.049 1.00 23.81  ? 107 HIS A ND1  1 
ATOM   839  C CD2  . HIS A 1 107 ? -10.345 6.533   -8.955  1.00 22.04  ? 107 HIS A CD2  1 
ATOM   840  C CE1  . HIS A 1 107 ? -11.225 6.245   -10.942 1.00 23.38  ? 107 HIS A CE1  1 
ATOM   841  N NE2  . HIS A 1 107 ? -10.168 6.712   -10.305 1.00 25.58  ? 107 HIS A NE2  1 
ATOM   842  N N    . GLY A 1 108 ? -14.108 6.955   -4.843  1.00 16.68  ? 108 GLY A N    1 
ATOM   843  C CA   . GLY A 1 108 ? -14.865 6.594   -3.669  1.00 16.65  ? 108 GLY A CA   1 
ATOM   844  C C    . GLY A 1 108 ? -14.193 5.604   -2.750  1.00 19.91  ? 108 GLY A C    1 
ATOM   845  O O    . GLY A 1 108 ? -14.829 5.052   -1.888  1.00 16.86  ? 108 GLY A O    1 
ATOM   846  N N    . MET A 1 109 ? -12.880 5.392   -2.901  1.00 15.30  ? 109 MET A N    1 
ATOM   847  C CA   . MET A 1 109 ? -12.212 4.354   -2.096  1.00 12.62  ? 109 MET A CA   1 
ATOM   848  C C    . MET A 1 109 ? -11.423 5.002   -0.951  1.00 9.85   ? 109 MET A C    1 
ATOM   849  O O    . MET A 1 109 ? -10.736 6.012   -1.162  1.00 12.03  ? 109 MET A O    1 
ATOM   850  C CB   . MET A 1 109 ? -11.249 3.515   -2.992  1.00 11.52  ? 109 MET A CB   1 
ATOM   851  C CG   . MET A 1 109 ? -11.955 2.822   -4.157  1.00 13.27  ? 109 MET A CG   1 
ATOM   852  S SD   . MET A 1 109 ? -12.893 1.415   -3.530  1.00 16.53  ? 109 MET A SD   1 
ATOM   853  C CE   . MET A 1 109 ? -14.522 1.742   -4.222  1.00 18.67  ? 109 MET A CE   1 
ATOM   854  H HB2  . MET A 1 109 ? -10.569 4.101   -3.360  1.00 13.82  ? 109 MET A HB2  1 
ATOM   855  N N    . PRO A 1 110 ? -11.556 4.456   0.252   1.00 11.33  ? 110 PRO A N    1 
ATOM   856  C CA   . PRO A 1 110 ? -10.877 5.013   1.429   1.00 9.69   ? 110 PRO A CA   1 
ATOM   857  C C    . PRO A 1 110 ? -9.376  4.641   1.494   1.00 9.69   ? 110 PRO A C    1 
ATOM   858  O O    . PRO A 1 110 ? -8.658  5.176   2.328   1.00 12.03  ? 110 PRO A O    1 
ATOM   859  C CB   . PRO A 1 110 ? -11.646 4.402   2.600   1.00 14.56  ? 110 PRO A CB   1 
ATOM   860  C CG   . PRO A 1 110 ? -12.270 3.119   2.041   1.00 15.18  ? 110 PRO A CG   1 
ATOM   861  C CD   . PRO A 1 110 ? -12.469 3.333   0.574   1.00 13.67  ? 110 PRO A CD   1 
ATOM   862  N N    . PHE A 1 111 ? -8.929  3.689   0.653   1.00 8.67   ? 111 PHE A N    1 
ATOM   863  C CA   . PHE A 1 111 ? -7.516  3.246   0.667   1.00 9.36   ? 111 PHE A CA   1 
ATOM   864  C C    . PHE A 1 111 ? -7.053  3.115   -0.742  1.00 9.35   ? 111 PHE A C    1 
ATOM   865  O O    . PHE A 1 111 ? -7.880  2.874   -1.652  1.00 8.63   ? 111 PHE A O    1 
ATOM   866  C CB   . PHE A 1 111 ? -7.361  1.881   1.349   1.00 7.69   ? 111 PHE A CB   1 
ATOM   867  C CG   . PHE A 1 111 ? -7.754  1.914   2.811   1.00 10.07  ? 111 PHE A CG   1 
ATOM   868  C CD1  . PHE A 1 111 ? -6.822  2.221   3.777   1.00 13.39  ? 111 PHE A CD1  1 
ATOM   869  C CD2  . PHE A 1 111 ? -9.073  1.621   3.194   1.00 9.97   ? 111 PHE A CD2  1 
ATOM   870  C CE1  . PHE A 1 111 ? -7.209  2.228   5.158   1.00 13.65  ? 111 PHE A CE1  1 
ATOM   871  C CE2  . PHE A 1 111 ? -9.447  1.644   4.543   1.00 11.22  ? 111 PHE A CE2  1 
ATOM   872  C CZ   . PHE A 1 111 ? -8.535  1.961   5.512   1.00 11.45  ? 111 PHE A CZ   1 
ATOM   873  N N    . HIS A 1 112 ? -5.725  3.166   -0.933  1.00 7.60   ? 112 HIS A N    1 
ATOM   874  C CA   . HIS A 1 112 ? -5.173  2.945   -2.249  1.00 8.35   ? 112 HIS A CA   1 
ATOM   875  C C    . HIS A 1 112 ? -3.852  2.194   -2.123  1.00 8.00   ? 112 HIS A C    1 
ATOM   876  O O    . HIS A 1 112 ? -3.040  2.534   -1.272  1.00 7.65   ? 112 HIS A O    1 
ATOM   877  C CB   . HIS A 1 112 ? -4.922  4.271   -2.998  1.00 7.78   ? 112 HIS A CB   1 
ATOM   878  C CG   . HIS A 1 112 ? -4.439  4.053   -4.386  1.00 8.36   ? 112 HIS A CG   1 
ATOM   879  N ND1  . HIS A 1 112 ? -5.294  3.737   -5.429  1.00 10.20  ? 112 HIS A ND1  1 
ATOM   880  C CD2  . HIS A 1 112 ? -3.177  4.046   -4.894  1.00 9.19   ? 112 HIS A CD2  1 
ATOM   881  C CE1  . HIS A 1 112 ? -4.572  3.550   -6.532  1.00 11.13  ? 112 HIS A CE1  1 
ATOM   882  N NE2  . HIS A 1 112 ? -3.287  3.744   -6.239  1.00 7.57   ? 112 HIS A NE2  1 
ATOM   883  N N    . PHE A 1 113 ? -3.640  1.209   -2.987  1.00 6.21   ? 113 PHE A N    1 
ATOM   884  C CA   . PHE A 1 113 ? -2.320  0.525   -3.038  1.00 6.02   ? 113 PHE A CA   1 
ATOM   885  C C    . PHE A 1 113 ? -1.743  0.788   -4.412  1.00 7.77   ? 113 PHE A C    1 
ATOM   886  O O    . PHE A 1 113 ? -2.378  0.513   -5.430  1.00 9.17   ? 113 PHE A O    1 
ATOM   887  C CB   . PHE A 1 113 ? -2.415  -1.000  -2.818  1.00 5.50   ? 113 PHE A CB   1 
ATOM   888  C CG   . PHE A 1 113 ? -2.771  -1.396  -1.394  1.00 5.78   ? 113 PHE A CG   1 
ATOM   889  C CD1  . PHE A 1 113 ? -4.109  -1.327  -0.956  1.00 8.25   ? 113 PHE A CD1  1 
ATOM   890  C CD2  . PHE A 1 113 ? -1.799  -1.800  -0.494  1.00 8.82   ? 113 PHE A CD2  1 
ATOM   891  C CE1  . PHE A 1 113 ? -4.485  -1.659  0.391   1.00 8.73   ? 113 PHE A CE1  1 
ATOM   892  C CE2  . PHE A 1 113 ? -2.137  -2.149  0.835   1.00 9.91   ? 113 PHE A CE2  1 
ATOM   893  C CZ   . PHE A 1 113 ? -3.496  -2.084  1.296   1.00 9.03   ? 113 PHE A CZ   1 
ATOM   894  H HD1  . PHE A 1 113 ? -4.765  -1.043  -1.552  1.00 9.90   ? 113 PHE A HD1  1 
ATOM   895  N N    . ASP A 1 114 ? -0.518  1.253   -4.425  1.00 5.18   ? 114 ASP A N    1 
ATOM   896  C CA   . ASP A 1 114 ? 0.226   1.414   -5.689  1.00 6.73   ? 114 ASP A CA   1 
ATOM   897  C C    . ASP A 1 114 ? 1.204   0.266   -5.740  1.00 7.03   ? 114 ASP A C    1 
ATOM   898  O O    . ASP A 1 114 ? 2.076   0.203   -4.896  1.00 7.31   ? 114 ASP A O    1 
ATOM   899  C CB   . ASP A 1 114 ? 0.950   2.755   -5.633  1.00 6.40   ? 114 ASP A CB   1 
ATOM   900  C CG   . ASP A 1 114 ? 1.156   3.424   -7.007  1.00 10.74  ? 114 ASP A CG   1 
ATOM   901  O OD1  . ASP A 1 114 ? 0.857   2.841   -8.051  1.00 11.29  ? 114 ASP A OD1  1 
ATOM   902  O OD2  . ASP A 1 114 ? 1.704   4.550   -6.987  1.00 13.59  ? 114 ASP A OD2  1 
ATOM   903  N N    . ILE A 1 115 ? 1.047   -0.645  -6.695  1.00 5.23   ? 115 ILE A N    1 
ATOM   904  C CA   . ILE A 1 115 ? 1.799   -1.895  -6.639  1.00 5.87   ? 115 ILE A CA   1 
ATOM   905  C C    . ILE A 1 115 ? 3.102   -1.692  -7.445  1.00 8.82   ? 115 ILE A C    1 
ATOM   906  O O    . ILE A 1 115 ? 3.058   -1.271  -8.581  1.00 8.86   ? 115 ILE A O    1 
ATOM   907  C CB   . ILE A 1 115 ? 0.954   -3.036  -7.230  1.00 6.24   ? 115 ILE A CB   1 
ATOM   908  C CG1  . ILE A 1 115 ? -0.315  -3.252  -6.357  1.00 10.05  ? 115 ILE A CG1  1 
ATOM   909  C CG2  . ILE A 1 115 ? 1.847   -4.349  -7.306  1.00 11.21  ? 115 ILE A CG2  1 
ATOM   910  C CD1  . ILE A 1 115 ? -1.377  -4.139  -7.087  1.00 14.05  ? 115 ILE A CD1  1 
ATOM   911  N N    . CYS A 1 116 ? 4.237   -2.067  -6.877  1.00 5.26   ? 116 CYS A N    1 
ATOM   912  C CA   . CYS A 1 116 ? 5.516   -1.865  -7.594  1.00 6.34   ? 116 CYS A CA   1 
ATOM   913  C C    . CYS A 1 116 ? 5.686   -2.822  -8.771  1.00 7.58   ? 116 CYS A C    1 
ATOM   914  O O    . CYS A 1 116 ? 5.529   -4.029  -8.619  1.00 9.94   ? 116 CYS A O    1 
ATOM   915  C CB   . CYS A 1 116 ? 6.652   -2.068  -6.611  1.00 7.75   ? 116 CYS A CB   1 
ATOM   916  S SG   . CYS A 1 116 ? 8.219   -1.506  -7.424  1.00 12.75  ? 116 CYS A SG   1 
ATOM   917  H HA   . CYS A 1 116 ? 5.557   -0.956  -7.929  1.00 7.61   ? 116 CYS A HA   1 
ATOM   918  H HB2  . CYS A 1 116 ? 6.500   -1.508  -5.833  1.00 9.30   ? 116 CYS A HB2  1 
ATOM   919  N N    . GLU A 1 117 ? 5.972   -2.264  -9.960  1.00 6.25   ? 117 GLU A N    1 
ATOM   920  C CA   . GLU A 1 117 ? 6.115   -3.098  -11.144 1.00 7.41   ? 117 GLU A CA   1 
ATOM   921  C C    . GLU A 1 117 ? 7.466   -3.861  -11.108 1.00 8.32   ? 117 GLU A C    1 
ATOM   922  O O    . GLU A 1 117 ? 7.541   -5.016  -11.573 1.00 8.05   ? 117 GLU A O    1 
ATOM   923  C CB   . GLU A 1 117 ? 6.044   -2.193  -12.385 1.00 8.19   ? 117 GLU A CB   1 
ATOM   924  C CG   . GLU A 1 117 ? 5.923   -2.964  -13.710 1.00 8.27   ? 117 GLU A CG   1 
ATOM   925  C CD   . GLU A 1 117 ? 7.258   -3.446  -14.287 1.00 10.61  ? 117 GLU A CD   1 
ATOM   926  O OE1  . GLU A 1 117 ? 7.153   -4.305  -15.183 1.00 11.70  ? 117 GLU A OE1  1 
ATOM   927  O OE2  . GLU A 1 117 ? 8.326   -2.974  -13.875 1.00 10.88  ? 117 GLU A OE2  1 
ATOM   928  N N    . ASP A 1 118 ? 8.486   -3.244  -10.522 1.00 6.15   ? 118 ASP A N    1 
ATOM   929  C CA   . ASP A 1 118 ? 9.864   -3.752  -10.653 1.00 7.83   ? 118 ASP A CA   1 
ATOM   930  C C    . ASP A 1 118 ? 10.018  -5.210  -10.296 1.00 9.56   ? 118 ASP A C    1 
ATOM   931  O O    . ASP A 1 118 ? 10.748  -5.956  -10.987 1.00 8.87   ? 118 ASP A O    1 
ATOM   932  C CB   . ASP A 1 118 ? 10.819  -3.013  -9.738  1.00 6.13   ? 118 ASP A CB   1 
ATOM   933  C CG   . ASP A 1 118 ? 10.715  -1.467  -9.836  1.00 8.58   ? 118 ASP A CG   1 
ATOM   934  O OD1  . ASP A 1 118 ? 9.906   -0.918  -10.629 1.00 9.64   ? 118 ASP A OD1  1 
ATOM   935  O OD2  . ASP A 1 118 ? 11.502  -0.857  -9.062  1.00 11.21  ? 118 ASP A OD2  1 
ATOM   936  N N    . THR A 1 119 ? 9.382   -5.635  -9.199  1.00 7.40   ? 119 THR A N    1 
ATOM   937  C CA   . THR A 1 119 ? 9.616   -6.970  -8.680  1.00 6.06   ? 119 THR A CA   1 
ATOM   938  C C    . THR A 1 119 ? 8.519   -7.926  -9.074  1.00 9.20   ? 119 THR A C    1 
ATOM   939  O O    . THR A 1 119 ? 8.528   -9.056  -8.601  1.00 13.07  ? 119 THR A O    1 
ATOM   940  C CB   . THR A 1 119 ? 9.795   -6.971  -7.149  1.00 10.51  ? 119 THR A CB   1 
ATOM   941  O OG1  . THR A 1 119 ? 8.728   -6.212  -6.572  1.00 13.55  ? 119 THR A OG1  1 
ATOM   942  C CG2  . THR A 1 119 ? 11.110  -6.268  -6.768  1.00 14.44  ? 119 THR A CG2  1 
ATOM   943  N N    . GLY A 1 120 ? 7.612   -7.535  -9.974  1.00 7.78   ? 120 GLY A N    1 
ATOM   944  C CA   . GLY A 1 120 ? 6.735   -8.556  -10.574 1.00 9.70   ? 120 GLY A CA   1 
ATOM   945  C C    . GLY A 1 120 ? 5.273   -8.517  -10.106 1.00 9.48   ? 120 GLY A C    1 
ATOM   946  O O    . GLY A 1 120 ? 4.433   -9.236  -10.665 1.00 10.12  ? 120 GLY A O    1 
ATOM   947  N N    . GLY A 1 121 ? 4.957   -7.717  -9.079  1.00 7.81   ? 121 GLY A N    1 
ATOM   948  C CA   . GLY A 1 121 ? 3.628   -7.844  -8.491  1.00 9.55   ? 121 GLY A CA   1 
ATOM   949  C C    . GLY A 1 121 ? 2.550   -7.380  -9.443  1.00 9.73   ? 121 GLY A C    1 
ATOM   950  O O    . GLY A 1 121 ? 1.484   -7.992  -9.518  1.00 10.88  ? 121 GLY A O    1 
ATOM   951  H HA3  . GLY A 1 121 ? 3.574   -7.323  -7.675  1.00 11.46  ? 121 GLY A HA3  1 
ATOM   952  N N    . SER A 1 122 ? 2.829   -6.358  -10.228 1.00 8.42   ? 122 SER A N    1 
ATOM   953  C CA   . SER A 1 122 ? 1.757   -5.826  -11.065 1.00 10.23  ? 122 SER A CA   1 
ATOM   954  C C    . SER A 1 122 ? 1.418   -6.769  -12.199 1.00 11.61  ? 122 SER A C    1 
ATOM   955  O O    . SER A 1 122 ? 0.260   -6.829  -12.630 1.00 10.79  ? 122 SER A O    1 
ATOM   956  C CB   . SER A 1 122 ? 2.104   -4.423  -11.600 1.00 15.80  ? 122 SER A CB   1 
ATOM   957  O OG   . SER A 1 122 ? 3.274   -4.424  -12.344 1.00 18.46  ? 122 SER A OG   1 
ATOM   958  N N    . ALA A 1 123 ? 2.394   -7.548  -12.690 1.00 10.42  ? 123 ALA A N    1 
ATOM   959  C CA   . ALA A 1 123 ? 2.102   -8.454  -13.794 1.00 9.34   ? 123 ALA A CA   1 
ATOM   960  C C    . ALA A 1 123 ? 1.170   -9.602  -13.385 1.00 10.92  ? 123 ALA A C    1 
ATOM   961  O O    . ALA A 1 123 ? 0.505   -10.167 -14.226 1.00 13.82  ? 123 ALA A O    1 
ATOM   962  C CB   . ALA A 1 123 ? 3.426   -9.025  -14.374 1.00 11.31  ? 123 ALA A CB   1 
ATOM   963  N N    . LYS A 1 124 ? 1.138   -9.966  -12.097 1.00 9.07   ? 124 LYS A N    1 
ATOM   964  C CA   . LYS A 1 124 ? 0.213   -10.974 -11.608 1.00 10.02  ? 124 LYS A CA   1 
ATOM   965  C C    . LYS A 1 124 ? -1.183  -10.405 -11.341 1.00 13.39  ? 124 LYS A C    1 
ATOM   966  O O    . LYS A 1 124 ? -2.183  -11.128 -11.310 1.00 13.71  ? 124 LYS A O    1 
ATOM   967  C CB   . LYS A 1 124 ? 0.706   -11.571 -10.300 1.00 11.70  ? 124 LYS A CB   1 
ATOM   968  C CG   . LYS A 1 124 ? 2.041   -12.364 -10.387 1.00 16.63  ? 124 LYS A CG   1 
ATOM   969  C CD   . LYS A 1 124 ? 1.769   -13.781 -10.824 1.00 15.15  ? 124 LYS A CD   1 
ATOM   970  C CE   . LYS A 1 124 ? 3.054   -14.614 -10.925 1.00 15.72  ? 124 LYS A CE   1 
ATOM   971  N NZ   . LYS A 1 124 ? 2.684   -15.980 -11.332 1.00 14.04  ? 124 LYS A NZ   1 
ATOM   972  N N    . PHE A 1 125 ? -1.204  -9.114  -11.024 1.00 10.85  ? 125 PHE A N    1 
ATOM   973  C CA   . PHE A 1 125 ? -2.463  -8.490  -10.550 1.00 13.29  ? 125 PHE A CA   1 
ATOM   974  C C    . PHE A 1 125 ? -3.298  -7.808  -11.628 1.00 12.06  ? 125 PHE A C    1 
ATOM   975  O O    . PHE A 1 125 ? -4.561  -7.937  -11.607 1.00 14.11  ? 125 PHE A O    1 
ATOM   976  C CB   . PHE A 1 125 ? -2.103  -7.490  -9.459  1.00 9.44   ? 125 PHE A CB   1 
ATOM   977  C CG   . PHE A 1 125 ? -3.315  -6.913  -8.736  1.00 8.52   ? 125 PHE A CG   1 
ATOM   978  C CD1  . PHE A 1 125 ? -3.907  -7.623  -7.714  1.00 8.13   ? 125 PHE A CD1  1 
ATOM   979  C CD2  . PHE A 1 125 ? -3.779  -5.660  -9.059  1.00 9.60   ? 125 PHE A CD2  1 
ATOM   980  C CE1  . PHE A 1 125 ? -5.021  -7.118  -7.045  1.00 8.57   ? 125 PHE A CE1  1 
ATOM   981  C CE2  . PHE A 1 125 ? -4.865  -5.127  -8.385  1.00 11.79  ? 125 PHE A CE2  1 
ATOM   982  C CZ   . PHE A 1 125 ? -5.463  -5.847  -7.360  1.00 9.03   ? 125 PHE A CZ   1 
ATOM   983  H HA   . PHE A 1 125 ? -3.015  -9.179  -10.146 1.00 15.95  ? 125 PHE A HA   1 
ATOM   984  N N    . PHE A 1 126 ? -2.682  -7.102  -12.575 1.00 10.00  ? 126 PHE A N    1 
ATOM   985  C CA   . PHE A 1 126 ? -3.453  -6.355  -13.571 1.00 13.74  ? 126 PHE A CA   1 
ATOM   986  C C    . PHE A 1 126 ? -3.539  -7.106  -14.873 1.00 20.20  ? 126 PHE A C    1 
ATOM   987  O O    . PHE A 1 126 ? -2.511  -7.374  -15.464 1.00 20.27  ? 126 PHE A O    1 
ATOM   988  C CB   . PHE A 1 126 ? -2.829  -5.008  -13.876 1.00 11.92  ? 126 PHE A CB   1 
ATOM   989  C CG   . PHE A 1 126 ? -2.823  -4.073  -12.692 1.00 11.65  ? 126 PHE A CG   1 
ATOM   990  C CD1  . PHE A 1 126 ? -3.949  -3.328  -12.398 1.00 14.11  ? 126 PHE A CD1  1 
ATOM   991  C CD2  . PHE A 1 126 ? -1.698  -3.969  -11.880 1.00 11.35  ? 126 PHE A CD2  1 
ATOM   992  C CE1  . PHE A 1 126 ? -3.955  -2.481  -11.286 1.00 12.86  ? 126 PHE A CE1  1 
ATOM   993  C CE2  . PHE A 1 126 ? -1.688  -3.106  -10.791 1.00 11.68  ? 126 PHE A CE2  1 
ATOM   994  C CZ   . PHE A 1 126 ? -2.822  -2.346  -10.502 1.00 10.17  ? 126 PHE A CZ   1 
ATOM   995  N N    . PRO A 1 127 ? -4.760  -7.374  -15.346 1.00 18.58  ? 127 PRO A N    1 
ATOM   996  C CA   . PRO A 1 127 ? -4.861  -7.942  -16.696 1.00 22.39  ? 127 PRO A CA   1 
ATOM   997  C C    . PRO A 1 127 ? -4.366  -6.949  -17.732 1.00 26.93  ? 127 PRO A C    1 
ATOM   998  O O    . PRO A 1 127 ? -4.449  -5.745  -17.557 1.00 21.56  ? 127 PRO A O    1 
ATOM   999  C CB   . PRO A 1 127 ? -6.354  -8.243  -16.831 1.00 25.58  ? 127 PRO A CB   1 
ATOM   1000 C CG   . PRO A 1 127 ? -7.043  -7.362  -15.836 1.00 32.33  ? 127 PRO A CG   1 
ATOM   1001 C CD   . PRO A 1 127 ? -6.063  -7.189  -14.694 1.00 17.91  ? 127 PRO A CD   1 
ATOM   1002 N N    . SER A 1 128 ? -3.815  -7.444  -18.838 1.00 27.70  ? 128 SER A N    1 
ATOM   1003 C CA   . SER A 1 128 ? -3.273  -6.563  -19.854 1.00 27.19  ? 128 SER A CA   1 
ATOM   1004 C C    . SER A 1 128 ? -4.306  -5.547  -20.368 1.00 23.16  ? 128 SER A C    1 
ATOM   1005 O O    . SER A 1 128 ? -5.457  -5.896  -20.649 1.00 31.38  ? 128 SER A O    1 
ATOM   1006 C CB   . SER A 1 128 ? -2.713  -7.408  -21.010 1.00 40.58  ? 128 SER A CB   1 
ATOM   1007 O OG   . SER A 1 128 ? -1.824  -6.651  -21.808 1.00 49.38  ? 128 SER A OG   1 
ATOM   1008 N N    . GLY A 1 129 ? -3.892  -4.280  -20.415 1.00 28.70  ? 129 GLY A N    1 
ATOM   1009 C CA   . GLY A 1 129 ? -4.750  -3.193  -20.848 1.00 28.93  ? 129 GLY A CA   1 
ATOM   1010 C C    . GLY A 1 129 ? -5.645  -2.625  -19.763 1.00 43.25  ? 129 GLY A C    1 
ATOM   1011 O O    . GLY A 1 129 ? -6.576  -1.857  -20.071 1.00 37.56  ? 129 GLY A O    1 
ATOM   1012 N N    . HIS A 1 130 ? -5.385  -3.001  -18.502 1.00 25.48  ? 130 HIS A N    1 
ATOM   1013 C CA   . HIS A 1 130 ? -6.179  -2.477  -17.383 1.00 22.70  ? 130 HIS A CA   1 
ATOM   1014 C C    . HIS A 1 130 ? -5.255  -2.075  -16.214 1.00 26.31  ? 130 HIS A C    1 
ATOM   1015 O O    . HIS A 1 130 ? -4.994  -2.889  -15.333 1.00 38.22  ? 130 HIS A O    1 
ATOM   1016 C CB   . HIS A 1 130 ? -7.192  -3.513  -16.899 1.00 22.89  ? 130 HIS A CB   1 
ATOM   1017 C CG   . HIS A 1 130 ? -8.157  -3.973  -17.948 1.00 25.26  ? 130 HIS A CG   1 
ATOM   1018 N ND1  . HIS A 1 130 ? -9.400  -3.393  -18.129 1.00 27.21  ? 130 HIS A ND1  1 
ATOM   1019 C CD2  . HIS A 1 130 ? -8.070  -4.970  -18.867 1.00 29.70  ? 130 HIS A CD2  1 
ATOM   1020 C CE1  . HIS A 1 130 ? -10.036 -4.020  -19.108 1.00 28.05  ? 130 HIS A CE1  1 
ATOM   1021 N NE2  . HIS A 1 130 ? -9.249  -4.979  -19.573 1.00 29.87  ? 130 HIS A NE2  1 
ATOM   1022 N N    . GLY A 1 131 ? -4.839  -0.820  -16.190 1.00 18.26  ? 131 GLY A N    1 
ATOM   1023 C CA   . GLY A 1 131 ? -3.843  -0.343  -15.246 1.00 22.80  ? 131 GLY A CA   1 
ATOM   1024 C C    . GLY A 1 131 ? -4.406  0.288   -13.984 1.00 22.04  ? 131 GLY A C    1 
ATOM   1025 O O    . GLY A 1 131 ? -3.647  0.798   -13.154 1.00 19.37  ? 131 GLY A O    1 
ATOM   1026 N N    . ALA A 1 132 ? -5.734  0.307   -13.836 1.00 15.61  ? 132 ALA A N    1 
ATOM   1027 C CA   . ALA A 1 132 ? -6.315  0.787   -12.577 1.00 10.95  ? 132 ALA A CA   1 
ATOM   1028 C C    . ALA A 1 132 ? -7.529  -0.061  -12.257 1.00 13.57  ? 132 ALA A C    1 
ATOM   1029 O O    . ALA A 1 132 ? -8.355  -0.298  -13.127 1.00 17.27  ? 132 ALA A O    1 
ATOM   1030 C CB   . ALA A 1 132 ? -6.694  2.258   -12.678 1.00 18.05  ? 132 ALA A CB   1 
ATOM   1031 N N    . LEU A 1 133 ? -7.662  -0.490  -11.009 1.00 10.18  ? 133 LEU A N    1 
ATOM   1032 C CA   . LEU A 1 133 ? -8.747  -1.354  -10.614 1.00 9.19   ? 133 LEU A CA   1 
ATOM   1033 C C    . LEU A 1 133 ? -9.266  -0.887  -9.263  1.00 9.81   ? 133 LEU A C    1 
ATOM   1034 O O    . LEU A 1 133 ? -8.575  -0.143  -8.550  1.00 11.27  ? 133 LEU A O    1 
ATOM   1035 C CB   . LEU A 1 133 ? -8.321  -2.818  -10.468 1.00 11.26  ? 133 LEU A CB   1 
ATOM   1036 C CG   . LEU A 1 133 ? -7.733  -3.432  -11.733 1.00 12.70  ? 133 LEU A CG   1 
ATOM   1037 C CD1  . LEU A 1 133 ? -7.291  -4.850  -11.365 1.00 15.83  ? 133 LEU A CD1  1 
ATOM   1038 C CD2  . LEU A 1 133 ? -8.807  -3.477  -12.827 1.00 15.71  ? 133 LEU A CD2  1 
ATOM   1039 N N    . THR A 1 134 ? -10.454 -1.353  -8.880  1.00 9.56   ? 134 THR A N    1 
ATOM   1040 C CA   . THR A 1 134 ? -10.841 -1.226  -7.479  1.00 9.04   ? 134 THR A CA   1 
ATOM   1041 C C    . THR A 1 134 ? -11.150 -2.606  -6.977  1.00 9.99   ? 134 THR A C    1 
ATOM   1042 O O    . THR A 1 134 ? -11.298 -3.559  -7.765  1.00 10.03  ? 134 THR A O    1 
ATOM   1043 C CB   . THR A 1 134 ? -12.076 -0.277  -7.258  1.00 11.40  ? 134 THR A CB   1 
ATOM   1044 O OG1  . THR A 1 134 ? -13.200 -0.818  -7.969  1.00 11.78  ? 134 THR A OG1  1 
ATOM   1045 C CG2  . THR A 1 134 ? -11.770 1.097   -7.787  1.00 10.35  ? 134 THR A CG2  1 
ATOM   1046 N N    . GLY A 1 135 ? -11.216 -2.757  -5.656  1.00 8.66   ? 135 GLY A N    1 
ATOM   1047 C CA   . GLY A 1 135 ? -11.468 -4.082  -5.114  1.00 7.14   ? 135 GLY A CA   1 
ATOM   1048 C C    . GLY A 1 135 ? -11.302 -4.051  -3.592  1.00 8.25   ? 135 GLY A C    1 
ATOM   1049 O O    . GLY A 1 135 ? -11.756 -3.110  -2.939  1.00 9.80   ? 135 GLY A O    1 
ATOM   1050 N N    . THR A 1 136 ? -10.723 -5.118  -3.042  1.00 8.89   ? 136 THR A N    1 
ATOM   1051 C CA   . THR A 1 136 ? -10.644 -5.238  -1.586  1.00 9.38   ? 136 THR A CA   1 
ATOM   1052 C C    . THR A 1 136 ? -9.228  -5.621  -1.140  1.00 10.33  ? 136 THR A C    1 
ATOM   1053 O O    . THR A 1 136 ? -8.403  -6.035  -1.939  1.00 9.33   ? 136 THR A O    1 
ATOM   1054 C CB   . THR A 1 136 ? -11.574 -6.317  -1.052  1.00 14.13  ? 136 THR A CB   1 
ATOM   1055 O OG1  . THR A 1 136 ? -11.186 -7.581  -1.626  1.00 15.52  ? 136 THR A OG1  1 
ATOM   1056 C CG2  . THR A 1 136 ? -13.039 -6.010  -1.446  1.00 14.49  ? 136 THR A CG2  1 
ATOM   1057 N N    . PHE A 1 137 ? -8.939  -5.399  0.138   1.00 8.29   ? 137 PHE A N    1 
ATOM   1058 C CA   . PHE A 1 137 ? -7.700  -5.904  0.721   1.00 7.74   ? 137 PHE A CA   1 
ATOM   1059 C C    . PHE A 1 137 ? -8.019  -6.474  2.071   1.00 9.80   ? 137 PHE A C    1 
ATOM   1060 O O    . PHE A 1 137 ? -8.989  -6.082  2.725   1.00 9.70   ? 137 PHE A O    1 
ATOM   1061 C CB   . PHE A 1 137 ? -6.663  -4.801  0.878   1.00 8.44   ? 137 PHE A CB   1 
ATOM   1062 C CG   . PHE A 1 137 ? -7.055  -3.739  1.897   1.00 10.23  ? 137 PHE A CG   1 
ATOM   1063 C CD1  . PHE A 1 137 ? -7.875  -2.654  1.528   1.00 8.49   ? 137 PHE A CD1  1 
ATOM   1064 C CD2  . PHE A 1 137 ? -6.597  -3.832  3.200   1.00 10.92  ? 137 PHE A CD2  1 
ATOM   1065 C CE1  . PHE A 1 137 ? -8.205  -1.660  2.460   1.00 11.42  ? 137 PHE A CE1  1 
ATOM   1066 C CE2  . PHE A 1 137 ? -6.923  -2.840  4.155   1.00 10.30  ? 137 PHE A CE2  1 
ATOM   1067 C CZ   . PHE A 1 137 ? -7.749  -1.755  3.771   1.00 11.72  ? 137 PHE A CZ   1 
ATOM   1068 N N    . THR A 1 138 ? -7.144  -7.380  2.512   1.00 8.11   ? 138 THR A N    1 
ATOM   1069 C CA   A THR A 1 138 ? -7.196  -7.957  3.844   0.46 7.84   ? 138 THR A CA   1 
ATOM   1070 C CA   B THR A 1 138 ? -7.200  -7.857  3.887   0.54 7.82   ? 138 THR A CA   1 
ATOM   1071 C C    . THR A 1 138 ? -5.784  -8.119  4.378   1.00 7.01   ? 138 THR A C    1 
ATOM   1072 O O    . THR A 1 138 ? -4.945  -8.685  3.650   1.00 7.74   ? 138 THR A O    1 
ATOM   1073 C CB   A THR A 1 138 ? -7.875  -9.331  3.813   0.46 10.73  ? 138 THR A CB   1 
ATOM   1074 C CB   B THR A 1 138 ? -8.096  -9.132  4.032   0.54 12.14  ? 138 THR A CB   1 
ATOM   1075 O OG1  A THR A 1 138 ? -9.278  -9.170  3.549   0.46 11.47  ? 138 THR A OG1  1 
ATOM   1076 O OG1  B THR A 1 138 ? -8.225  -9.471  5.424   0.54 10.64  ? 138 THR A OG1  1 
ATOM   1077 C CG2  A THR A 1 138 ? -7.666  -10.027 5.136   0.46 9.98   ? 138 THR A CG2  1 
ATOM   1078 C CG2  B THR A 1 138 ? -7.568  -10.323 3.214   0.54 12.91  ? 138 THR A CG2  1 
ATOM   1079 N N    . GLU A 1 139 ? -5.512  -7.640  5.612   1.00 6.28   ? 139 GLU A N    1 
ATOM   1080 C CA   . GLU A 1 139 ? -4.207  -7.903  6.214   1.00 6.60   ? 139 GLU A CA   1 
ATOM   1081 C C    . GLU A 1 139 ? -4.034  -9.363  6.549   1.00 8.38   ? 139 GLU A C    1 
ATOM   1082 O O    . GLU A 1 139 ? -4.939  -9.988  7.093   1.00 9.26   ? 139 GLU A O    1 
ATOM   1083 C CB   . GLU A 1 139 ? -3.995  -7.069  7.471   1.00 7.73   ? 139 GLU A CB   1 
ATOM   1084 C CG   . GLU A 1 139 ? -2.506  -7.026  7.847   1.00 6.85   ? 139 GLU A CG   1 
ATOM   1085 C CD   . GLU A 1 139 ? -2.126  -6.164  9.030   1.00 8.31   ? 139 GLU A CD   1 
ATOM   1086 O OE1  . GLU A 1 139 ? -3.004  -5.453  9.551   1.00 9.12   ? 139 GLU A OE1  1 
ATOM   1087 O OE2  . GLU A 1 139 ? -0.912  -6.232  9.480   1.00 7.84   ? 139 GLU A OE2  1 
ATOM   1088 H HA   . GLU A 1 139 ? -3.515  -7.662  5.579   1.00 7.92   ? 139 GLU A HA   1 
ATOM   1089 H HB2  . GLU A 1 139 ? -4.297  -6.162  7.310   1.00 9.27   ? 139 GLU A HB2  1 
ATOM   1090 H HB3  . GLU A 1 139 ? -4.485  -7.465  8.208   1.00 9.27   ? 139 GLU A HB3  1 
ATOM   1091 N N    . VAL A 1 140 ? -2.877  -9.905  6.200   1.00 6.18   ? 140 VAL A N    1 
ATOM   1092 C CA   . VAL A 1 140 ? -2.597  -11.322 6.470   1.00 6.43   ? 140 VAL A CA   1 
ATOM   1093 C C    . VAL A 1 140 ? -1.251  -11.443 7.131   1.00 8.75   ? 140 VAL A C    1 
ATOM   1094 O O    . VAL A 1 140 ? -0.471  -10.499 7.204   1.00 8.33   ? 140 VAL A O    1 
ATOM   1095 C CB   . VAL A 1 140 ? -2.596  -12.170 5.182   1.00 9.42   ? 140 VAL A CB   1 
ATOM   1096 C CG1  . VAL A 1 140 ? -4.047  -12.179 4.494   1.00 12.73  ? 140 VAL A CG1  1 
ATOM   1097 C CG2  . VAL A 1 140 ? -1.517  -11.663 4.177   1.00 9.05   ? 140 VAL A CG2  1 
ATOM   1098 N N    . SER A 1 141 ? -0.942  -12.638 7.629   1.00 5.97   ? 141 SER A N    1 
ATOM   1099 C CA   . SER A 1 141 ? 0.419   -12.845 8.110   1.00 5.86   ? 141 SER A CA   1 
ATOM   1100 C C    . SER A 1 141 ? 1.427   -12.766 6.995   1.00 7.30   ? 141 SER A C    1 
ATOM   1101 O O    . SER A 1 141 ? 1.151   -13.206 5.882   1.00 7.55   ? 141 SER A O    1 
ATOM   1102 C CB   . SER A 1 141 ? 0.485   -14.221 8.766   1.00 9.68   ? 141 SER A CB   1 
ATOM   1103 O OG   . SER A 1 141 ? 1.823   -14.513 9.124   1.00 8.69   ? 141 SER A OG   1 
ATOM   1104 H HA   . SER A 1 141 ? 0.637   -12.171 8.774   1.00 7.03   ? 141 SER A HA   1 
ATOM   1105 N N    . CYS A 1 142 ? 2.595   -12.210 7.320   1.00 8.12   ? 142 CYS A N    1 
ATOM   1106 C CA   . CYS A 1 142 ? 3.644   -12.239 6.308   1.00 6.21   ? 142 CYS A CA   1 
ATOM   1107 C C    . CYS A 1 142 ? 4.210   -13.616 6.054   1.00 8.22   ? 142 CYS A C    1 
ATOM   1108 O O    . CYS A 1 142 ? 5.023   -13.737 5.148   1.00 10.39  ? 142 CYS A O    1 
ATOM   1109 C CB   . CYS A 1 142 ? 4.778   -11.285 6.679   1.00 8.65   ? 142 CYS A CB   1 
ATOM   1110 S SG   . CYS A 1 142 ? 4.281   -9.465  6.544   1.00 7.72   ? 142 CYS A SG   1 
ATOM   1111 H HA   . CYS A 1 142 ? 3.265   -11.926 5.472   1.00 7.45   ? 142 CYS A HA   1 
ATOM   1112 N N    . SER A 1 143 ? 3.771   -14.652 6.789   1.00 6.79   ? 143 SER A N    1 
ATOM   1113 C CA   . SER A 1 143 ? 4.008   -16.013 6.311   1.00 9.09   ? 143 SER A CA   1 
ATOM   1114 C C    . SER A 1 143 ? 3.499   -16.268 4.918   1.00 9.69   ? 143 SER A C    1 
ATOM   1115 O O    . SER A 1 143 ? 3.984   -17.194 4.231   1.00 11.74  ? 143 SER A O    1 
ATOM   1116 C CB   . SER A 1 143 ? 3.337   -17.023 7.280   1.00 9.33   ? 143 SER A CB   1 
ATOM   1117 O OG   . SER A 1 143 ? 1.926   -16.888 7.106   1.00 9.43   ? 143 SER A OG   1 
ATOM   1118 N N    . GLN A 1 144 ? 2.563   -15.428 4.426   1.00 6.68   ? 144 GLN A N    1 
ATOM   1119 C CA   . GLN A 1 144 ? 1.944   -15.619 3.155   1.00 7.51   ? 144 GLN A CA   1 
ATOM   1120 C C    . GLN A 1 144 ? 2.661   -14.839 2.027   1.00 9.41   ? 144 GLN A C    1 
ATOM   1121 O O    . GLN A 1 144 ? 2.266   -14.919 0.865   1.00 11.49  ? 144 GLN A O    1 
ATOM   1122 C CB   . GLN A 1 144 ? 0.465   -15.161 3.185   1.00 9.33   ? 144 GLN A CB   1 
ATOM   1123 C CG   . GLN A 1 144 ? -0.395  -15.872 4.289   1.00 10.07  ? 144 GLN A CG   1 
ATOM   1124 C CD   . GLN A 1 144 ? -0.356  -17.389 4.074   1.00 11.29  ? 144 GLN A CD   1 
ATOM   1125 O OE1  . GLN A 1 144 ? -0.913  -17.859 3.099   1.00 16.29  ? 144 GLN A OE1  1 
ATOM   1126 N NE2  . GLN A 1 144 ? 0.348   -18.131 4.923   1.00 12.14  ? 144 GLN A NE2  1 
ATOM   1127 N N    . TRP A 1 145 ? 3.687   -14.116 2.436   1.00 8.02   ? 145 TRP A N    1 
ATOM   1128 C CA   . TRP A 1 145 ? 4.506   -13.318 1.504   1.00 9.19   ? 145 TRP A CA   1 
ATOM   1129 C C    . TRP A 1 145 ? 5.836   -14.012 1.229   1.00 11.10  ? 145 TRP A C    1 
ATOM   1130 O O    . TRP A 1 145 ? 6.490   -14.454 2.146   1.00 15.87  ? 145 TRP A O    1 
ATOM   1131 C CB   . TRP A 1 145 ? 4.765   -11.953 2.145   1.00 8.41   ? 145 TRP A CB   1 
ATOM   1132 C CG   . TRP A 1 145 ? 5.590   -10.986 1.313   1.00 7.91   ? 145 TRP A CG   1 
ATOM   1133 C CD1  . TRP A 1 145 ? 5.148   -10.219 0.304   1.00 6.36   ? 145 TRP A CD1  1 
ATOM   1134 C CD2  . TRP A 1 145 ? 6.972   -10.678 1.504   1.00 7.26   ? 145 TRP A CD2  1 
ATOM   1135 N NE1  . TRP A 1 145 ? 6.173   -9.420  -0.163  1.00 6.02   ? 145 TRP A NE1  1 
ATOM   1136 C CE2  . TRP A 1 145 ? 7.306   -9.680  0.564   1.00 5.98   ? 145 TRP A CE2  1 
ATOM   1137 C CE3  . TRP A 1 145 ? 7.944   -11.123 2.396   1.00 8.76   ? 145 TRP A CE3  1 
ATOM   1138 C CZ2  . TRP A 1 145 ? 8.597   -9.138  0.464   1.00 8.18   ? 145 TRP A CZ2  1 
ATOM   1139 C CZ3  . TRP A 1 145 ? 9.216   -10.568 2.328   1.00 9.12   ? 145 TRP A CZ3  1 
ATOM   1140 C CH2  . TRP A 1 145 ? 9.543   -9.575  1.375   1.00 8.59   ? 145 TRP A CH2  1 
ATOM   1141 H HA   . TRP A 1 145 ? 4.033   -13.193 0.666   1.00 11.03  ? 145 TRP A HA   1 
ATOM   1142 H HD1  . TRP A 1 145 ? 4.280   -10.222 -0.027  1.00 7.64   ? 145 TRP A HD1  1 
ATOM   1143 N N    . SER A 1 146 ? 6.269   -13.958 -0.020  1.00 9.89   ? 146 SER A N    1 
ATOM   1144 C CA   . SER A 1 146 ? 7.553   -14.532 -0.448  1.00 11.34  ? 146 SER A CA   1 
ATOM   1145 C C    . SER A 1 146 ? 8.580   -13.450 -0.729  1.00 11.00  ? 146 SER A C    1 
ATOM   1146 O O    . SER A 1 146 ? 8.278   -12.474 -1.405  1.00 13.56  ? 146 SER A O    1 
ATOM   1147 C CB   . SER A 1 146 ? 7.332   -15.374 -1.700  1.00 15.87  ? 146 SER A CB   1 
ATOM   1148 O OG   . SER A 1 146 ? 8.585   -15.815 -2.227  1.00 25.89  ? 146 SER A OG   1 
ATOM   1149 H HA   . SER A 1 146 ? 7.898   -15.109 0.252   1.00 13.61  ? 146 SER A HA   1 
ATOM   1150 H HB2  . SER A 1 146 ? 6.793   -16.147 -1.472  1.00 19.04  ? 146 SER A HB2  1 
ATOM   1151 H HB3  . SER A 1 146 ? 6.879   -14.837 -2.368  1.00 19.04  ? 146 SER A HB3  1 
ATOM   1152 N N    . GLY A 1 147 ? 9.787   -13.587 -0.189  1.00 10.39  ? 147 GLY A N    1 
ATOM   1153 C CA   . GLY A 1 147 ? 10.833  -12.621 -0.523  1.00 10.65  ? 147 GLY A CA   1 
ATOM   1154 C C    . GLY A 1 147 ? 11.701  -12.350 0.661   1.00 13.35  ? 147 GLY A C    1 
ATOM   1155 O O    . GLY A 1 147 ? 11.565  -13.004 1.715   1.00 14.88  ? 147 GLY A O    1 
ATOM   1156 N N    A SER A 1 148 ? 12.610  -11.391 0.491   0.41 11.01  ? 148 SER A N    1 
ATOM   1157 N N    B SER A 1 148 ? 12.600  -11.380 0.521   0.59 10.94  ? 148 SER A N    1 
ATOM   1158 C CA   A SER A 1 148 ? 13.513  -10.989 1.555   0.41 11.90  ? 148 SER A CA   1 
ATOM   1159 C CA   B SER A 1 148 ? 13.451  -11.004 1.640   0.59 11.83  ? 148 SER A CA   1 
ATOM   1160 C C    A SER A 1 148 ? 13.516  -9.478  1.649   0.41 10.87  ? 148 SER A C    1 
ATOM   1161 C C    B SER A 1 148 ? 13.668  -9.508  1.627   0.59 10.83  ? 148 SER A C    1 
ATOM   1162 O O    A SER A 1 148 ? 13.168  -8.791  0.687   0.41 11.86  ? 148 SER A O    1 
ATOM   1163 O O    B SER A 1 148 ? 13.660  -8.866  0.567   0.59 12.72  ? 148 SER A O    1 
ATOM   1164 C CB   A SER A 1 148 ? 14.939  -11.506 1.304   0.41 17.70  ? 148 SER A CB   1 
ATOM   1165 C CB   B SER A 1 148 ? 14.806  -11.706 1.578   0.59 18.87  ? 148 SER A CB   1 
ATOM   1166 O OG   A SER A 1 148 ? 14.924  -12.905 1.080   0.41 17.36  ? 148 SER A OG   1 
ATOM   1167 O OG   B SER A 1 148 ? 15.396  -11.389 0.346   0.59 19.04  ? 148 SER A OG   1 
ATOM   1168 N N    . ASP A 1 149 ? 13.901  -8.956  2.809   1.00 10.41  ? 149 ASP A N    1 
ATOM   1169 C CA   . ASP A 1 149 ? 14.039  -7.520  2.971   1.00 8.26   ? 149 ASP A CA   1 
ATOM   1170 C C    . ASP A 1 149 ? 15.428  -7.079  2.552   1.00 12.14  ? 149 ASP A C    1 
ATOM   1171 O O    . ASP A 1 149 ? 16.398  -7.826  2.730   1.00 14.33  ? 149 ASP A O    1 
ATOM   1172 C CB   . ASP A 1 149 ? 13.858  -7.104  4.429   1.00 8.93   ? 149 ASP A CB   1 
ATOM   1173 C CG   . ASP A 1 149 ? 12.451  -7.356  4.963   1.00 11.10  ? 149 ASP A CG   1 
ATOM   1174 O OD1  . ASP A 1 149 ? 11.544  -7.676  4.162   1.00 10.63  ? 149 ASP A OD1  1 
ATOM   1175 O OD2  . ASP A 1 149 ? 12.304  -7.185  6.197   1.00 12.35  ? 149 ASP A OD2  1 
ATOM   1176 N N    . GLY A 1 150 ? 15.510  -5.879  2.024   1.00 12.07  ? 150 GLY A N    1 
ATOM   1177 C CA   . GLY A 1 150 ? 16.809  -5.262  1.736   1.00 12.78  ? 150 GLY A CA   1 
ATOM   1178 C C    . GLY A 1 150 ? 17.402  -4.620  2.959   1.00 12.29  ? 150 GLY A C    1 
ATOM   1179 O O    . GLY A 1 150 ? 16.789  -4.608  4.034   1.00 16.30  ? 150 GLY A O    1 
ATOM   1180 N N    . GLY A 1 151 ? 18.602  -4.050  2.774   1.00 12.27  ? 151 GLY A N    1 
ATOM   1181 C CA   . GLY A 1 151 ? 19.280  -3.365  3.852   1.00 15.49  ? 151 GLY A CA   1 
ATOM   1182 C C    . GLY A 1 151 ? 18.772  -1.953  4.081   1.00 17.28  ? 151 GLY A C    1 
ATOM   1183 O O    . GLY A 1 151 ? 18.157  -1.357  3.197   1.00 16.02  ? 151 GLY A O    1 
ATOM   1184 N N    . GLN A 1 152 ? 19.026  -1.430  5.278   1.00 16.50  ? 152 GLN A N    1 
ATOM   1185 C CA   . GLN A 1 152 ? 18.577  -0.079  5.602   1.00 17.94  ? 152 GLN A CA   1 
ATOM   1186 C C    . GLN A 1 152 ? 19.305  0.965   4.770   1.00 23.77  ? 152 GLN A C    1 
ATOM   1187 O O    . GLN A 1 152 ? 20.528  0.931   4.585   1.00 21.15  ? 152 GLN A O    1 
ATOM   1188 C CB   . GLN A 1 152 ? 18.715  0.203   7.080   1.00 25.27  ? 152 GLN A CB   1 
ATOM   1189 C CG   . GLN A 1 152 ? 20.086  0.368   7.542   1.00 34.80  ? 152 GLN A CG   1 
ATOM   1190 C CD   . GLN A 1 152 ? 20.088  0.933   8.935   1.00 51.45  ? 152 GLN A CD   1 
ATOM   1191 O OE1  . GLN A 1 152 ? 19.144  0.707   9.706   1.00 54.38  ? 152 GLN A OE1  1 
ATOM   1192 N NE2  . GLN A 1 152 ? 21.122  1.708   9.262   1.00 51.35  ? 152 GLN A NE2  1 
ATOM   1193 N N    . LEU A 1 153 ? 18.515  1.883   4.230   1.00 17.79  ? 153 LEU A N    1 
ATOM   1194 C CA   . LEU A 1 153 ? 19.007  2.995   3.441   1.00 18.23  ? 153 LEU A CA   1 
ATOM   1195 C C    . LEU A 1 153 ? 19.373  4.197   4.309   1.00 20.97  ? 153 LEU A C    1 
ATOM   1196 O O    . LEU A 1 153 ? 20.138  5.067   3.893   1.00 25.33  ? 153 LEU A O    1 
ATOM   1197 C CB   . LEU A 1 153 ? 17.935  3.383   2.401   1.00 18.34  ? 153 LEU A CB   1 
ATOM   1198 C CG   . LEU A 1 153 ? 17.598  2.268   1.401   1.00 28.05  ? 153 LEU A CG   1 
ATOM   1199 C CD1  . LEU A 1 153 ? 16.431  2.686   0.502   1.00 29.56  ? 153 LEU A CD1  1 
ATOM   1200 C CD2  . LEU A 1 153 ? 18.802  1.868   0.565   1.00 34.33  ? 153 LEU A CD2  1 
ATOM   1201 N N    . TRP A 1 154 ? 18.824  4.264   5.506   1.00 18.98  ? 154 TRP A N    1 
ATOM   1202 C CA   . TRP A 1 154 ? 19.136  5.362   6.411   1.00 24.81  ? 154 TRP A CA   1 
ATOM   1203 C C    . TRP A 1 154 ? 18.747  4.973   7.816   1.00 31.60  ? 154 TRP A C    1 
ATOM   1204 O O    . TRP A 1 154 ? 17.995  4.020   8.027   1.00 22.99  ? 154 TRP A O    1 
ATOM   1205 C CB   . TRP A 1 154 ? 18.441  6.660   5.983   1.00 19.91  ? 154 TRP A CB   1 
ATOM   1206 C CG   . TRP A 1 154 ? 17.082  6.511   5.246   1.00 21.40  ? 154 TRP A CG   1 
ATOM   1207 C CD1  . TRP A 1 154 ? 16.869  6.515   3.889   1.00 23.82  ? 154 TRP A CD1  1 
ATOM   1208 C CD2  . TRP A 1 154 ? 15.794  6.367   5.851   1.00 22.43  ? 154 TRP A CD2  1 
ATOM   1209 N NE1  . TRP A 1 154 ? 15.522  6.382   3.617   1.00 24.97  ? 154 TRP A NE1  1 
ATOM   1210 C CE2  . TRP A 1 154 ? 14.843  6.288   4.805   1.00 22.73  ? 154 TRP A CE2  1 
ATOM   1211 C CE3  . TRP A 1 154 ? 15.347  6.304   7.179   1.00 23.97  ? 154 TRP A CE3  1 
ATOM   1212 C CZ2  . TRP A 1 154 ? 13.449  6.145   5.041   1.00 26.56  ? 154 TRP A CZ2  1 
ATOM   1213 C CZ3  . TRP A 1 154 ? 13.959  6.137   7.423   1.00 29.02  ? 154 TRP A CZ3  1 
ATOM   1214 C CH2  . TRP A 1 154 ? 13.030  6.053   6.345   1.00 22.68  ? 154 TRP A CH2  1 
ATOM   1215 N N    . ASN A 1 155 ? 19.255  5.692   8.804   1.00 25.73  ? 155 ASN A N    1 
ATOM   1216 C CA   . ASN A 1 155 ? 18.893  5.321   10.159  1.00 35.19  ? 155 ASN A CA   1 
ATOM   1217 C C    . ASN A 1 155 ? 17.427  5.604   10.399  1.00 29.65  ? 155 ASN A C    1 
ATOM   1218 O O    . ASN A 1 155 ? 16.886  6.587   9.909   1.00 34.91  ? 155 ASN A O    1 
ATOM   1219 C CB   . ASN A 1 155 ? 19.772  6.048   11.171  1.00 45.98  ? 155 ASN A CB   1 
ATOM   1220 C CG   . ASN A 1 155 ? 21.212  5.609   11.080  1.00 55.08  ? 155 ASN A CG   1 
ATOM   1221 O OD1  . ASN A 1 155 ? 21.529  4.443   11.340  1.00 54.70  ? 155 ASN A OD1  1 
ATOM   1222 N ND2  . ASN A 1 155 ? 22.099  6.531   10.688  1.00 67.44  ? 155 ASN A ND2  1 
ATOM   1223 N N    . GLY A 1 156 ? 16.786  4.708   11.133  1.00 25.67  ? 156 GLY A N    1 
ATOM   1224 C CA   . GLY A 1 156 ? 15.378  4.848   11.416  1.00 29.92  ? 156 GLY A CA   1 
ATOM   1225 C C    . GLY A 1 156 ? 14.545  4.057   10.420  1.00 23.05  ? 156 GLY A C    1 
ATOM   1226 O O    . GLY A 1 156 ? 13.310  4.005   10.574  1.00 22.16  ? 156 GLY A O    1 
ATOM   1227 N N    . ALA A 1 157 ? 15.189  3.450   9.419   1.00 15.48  ? 157 ALA A N    1 
ATOM   1228 C CA   . ALA A 1 157 ? 14.390  2.615   8.487   1.00 12.98  ? 157 ALA A CA   1 
ATOM   1229 C C    . ALA A 1 157 ? 13.669  1.539   9.286   1.00 13.26  ? 157 ALA A C    1 
ATOM   1230 O O    . ALA A 1 157 ? 14.190  1.057   10.302  1.00 15.26  ? 157 ALA A O    1 
ATOM   1231 C CB   . ALA A 1 157 ? 15.262  1.969   7.429   1.00 14.54  ? 157 ALA A CB   1 
ATOM   1232 H HA   . ALA A 1 157 ? 13.726  3.168   8.045   1.00 15.58  ? 157 ALA A HA   1 
ATOM   1233 N N    . CYS A 1 158 ? 12.495  1.074   8.824   1.00 10.03  ? 158 CYS A N    1 
ATOM   1234 C CA   . CYS A 1 158 ? 11.751  0.141   9.638   1.00 9.05   ? 158 CYS A CA   1 
ATOM   1235 C C    . CYS A 1 158 ? 10.784  -0.658  8.752   1.00 10.04  ? 158 CYS A C    1 
ATOM   1236 O O    . CYS A 1 158 ? 10.021  -0.043  8.020   1.00 10.24  ? 158 CYS A O    1 
ATOM   1237 C CB   . CYS A 1 158 ? 10.951  0.891   10.730  1.00 10.88  ? 158 CYS A CB   1 
ATOM   1238 S SG   . CYS A 1 158 ? 9.986   -0.105  11.832  1.00 10.75  ? 158 CYS A SG   1 
ATOM   1239 H HB3  . CYS A 1 158 ? 10.357  1.529   10.304  1.00 13.06  ? 158 CYS A HB3  1 
ATOM   1240 N N    . LEU A 1 159 ? 10.844  -1.990  8.851   1.00 10.05  ? 159 LEU A N    1 
ATOM   1241 C CA   . LEU A 1 159 ? 9.806   -2.855  8.269   1.00 7.15   ? 159 LEU A CA   1 
ATOM   1242 C C    . LEU A 1 159 ? 9.265   -3.789  9.375   1.00 9.10   ? 159 LEU A C    1 
ATOM   1243 O O    . LEU A 1 159 ? 8.755   -4.861  9.073   1.00 9.80   ? 159 LEU A O    1 
ATOM   1244 C CB   . LEU A 1 159 ? 10.337  -3.697  7.109   1.00 7.96   ? 159 LEU A CB   1 
ATOM   1245 C CG   . LEU A 1 159 ? 10.707  -2.954  5.820   1.00 9.63   ? 159 LEU A CG   1 
ATOM   1246 C CD1  . LEU A 1 159 ? 11.277  -3.901  4.748   1.00 13.96  ? 159 LEU A CD1  1 
ATOM   1247 C CD2  . LEU A 1 159 ? 9.435   -2.274  5.264   1.00 11.37  ? 159 LEU A CD2  1 
ATOM   1248 H HD12 . LEU A 1 159 ? 11.914  -4.503  5.163   1.00 16.75  ? 159 LEU A HD12 1 
ATOM   1249 H HD21 . LEU A 1 159 ? 9.661   -1.802  4.447   1.00 13.65  ? 159 LEU A HD21 1 
ATOM   1250 H HD23 . LEU A 1 159 ? 9.097   -1.648  5.925   1.00 13.65  ? 159 LEU A HD23 1 
ATOM   1251 N N    A SER A 1 160 ? 9.305   -3.348  10.630  0.67 9.13   ? 160 SER A N    1 
ATOM   1252 N N    B SER A 1 160 ? 9.328   -3.369  10.635  0.33 9.22   ? 160 SER A N    1 
ATOM   1253 C CA   A SER A 1 160 ? 8.932   -4.247  11.726  0.67 9.95   ? 160 SER A CA   1 
ATOM   1254 C CA   B SER A 1 160 ? 8.955   -4.281  11.720  0.33 10.03  ? 160 SER A CA   1 
ATOM   1255 C C    A SER A 1 160 ? 7.488   -4.633  11.750  0.67 9.54   ? 160 SER A C    1 
ATOM   1256 C C    B SER A 1 160 ? 7.475   -4.610  11.781  0.33 9.52   ? 160 SER A C    1 
ATOM   1257 O O    A SER A 1 160 ? 7.142   -5.598  12.417  0.67 11.58  ? 160 SER A O    1 
ATOM   1258 O O    B SER A 1 160 ? 7.085   -5.488  12.541  0.33 11.49  ? 160 SER A O    1 
ATOM   1259 C CB   A SER A 1 160 ? 9.290   -3.640  13.083  0.67 11.51  ? 160 SER A CB   1 
ATOM   1260 C CB   B SER A 1 160 ? 9.385   -3.724  13.077  0.33 11.56  ? 160 SER A CB   1 
ATOM   1261 O OG   A SER A 1 160 ? 10.683  -3.402  13.120  0.67 15.34  ? 160 SER A OG   1 
ATOM   1262 O OG   B SER A 1 160 ? 8.737   -2.499  13.329  0.33 10.44  ? 160 SER A OG   1 
ATOM   1263 N N    . GLY A 1 161 ? 6.645   -3.939  10.984  1.00 8.13   ? 161 GLY A N    1 
ATOM   1264 C CA   . GLY A 1 161 ? 5.261   -4.419  10.832  1.00 8.98   ? 161 GLY A CA   1 
ATOM   1265 C C    . GLY A 1 161 ? 5.191   -5.850  10.298  1.00 9.77   ? 161 GLY A C    1 
ATOM   1266 O O    . GLY A 1 161 ? 4.148   -6.483  10.416  1.00 9.19   ? 161 GLY A O    1 
ATOM   1267 N N    . GLU A 1 162 ? 6.288   -6.336  9.701   1.00 7.72   ? 162 GLU A N    1 
ATOM   1268 C CA   . GLU A 1 162 ? 6.272   -7.684  9.111   1.00 6.37   ? 162 GLU A CA   1 
ATOM   1269 C C    . GLU A 1 162 ? 6.140   -8.794  10.178  1.00 9.02   ? 162 GLU A C    1 
ATOM   1270 O O    . GLU A 1 162 ? 5.861   -9.946  9.796   1.00 10.62  ? 162 GLU A O    1 
ATOM   1271 C CB   . GLU A 1 162 ? 7.556   -7.881  8.269   1.00 7.14   ? 162 GLU A CB   1 
ATOM   1272 C CG   . GLU A 1 162 ? 8.808   -8.008  9.143   1.00 8.34   ? 162 GLU A CG   1 
ATOM   1273 C CD   . GLU A 1 162 ? 10.085  -7.720  8.387   1.00 14.02  ? 162 GLU A CD   1 
ATOM   1274 O OE1  . GLU A 1 162 ? 10.039  -7.569  7.158   1.00 10.92  ? 162 GLU A OE1  1 
ATOM   1275 O OE2  . GLU A 1 162 ? 11.198  -7.644  8.994   1.00 15.45  ? 162 GLU A OE2  1 
ATOM   1276 N N    . THR A 1 163 ? 6.368   -8.481  11.459  1.00 10.26  ? 163 THR A N    1 
ATOM   1277 C CA   . THR A 1 163 ? 6.143   -9.512  12.485  1.00 12.35  ? 163 THR A CA   1 
ATOM   1278 C C    . THR A 1 163 ? 5.042   -9.142  13.455  1.00 15.45  ? 163 THR A C    1 
ATOM   1279 O O    . THR A 1 163 ? 4.871   -9.815  14.473  1.00 17.02  ? 163 THR A O    1 
ATOM   1280 C CB   . THR A 1 163 ? 7.419   -9.787  13.294  1.00 16.98  ? 163 THR A CB   1 
ATOM   1281 O OG1  . THR A 1 163 ? 7.848   -8.565  13.906  1.00 18.20  ? 163 THR A OG1  1 
ATOM   1282 C CG2  . THR A 1 163 ? 8.525   -10.383 12.360  1.00 18.93  ? 163 THR A CG2  1 
ATOM   1283 N N    . ALA A 1 164 ? 4.286   -8.088  13.149  1.00 9.91   ? 164 ALA A N    1 
ATOM   1284 C CA   . ALA A 1 164 ? 3.279   -7.597  14.067  1.00 10.26  ? 164 ALA A CA   1 
ATOM   1285 C C    . ALA A 1 164 ? 1.936   -8.271  13.873  1.00 9.78   ? 164 ALA A C    1 
ATOM   1286 O O    . ALA A 1 164 ? 1.600   -8.680  12.765  1.00 10.62  ? 164 ALA A O    1 
ATOM   1287 C CB   . ALA A 1 164 ? 3.110   -6.096  13.887  1.00 11.79  ? 164 ALA A CB   1 
ATOM   1288 H HB3  . ALA A 1 164 ? 2.833   -5.916  12.974  1.00 14.15  ? 164 ALA A HB3  1 
ATOM   1289 N N    . PRO A 1 165 ? 1.145   -8.360  14.948  1.00 10.33  ? 165 PRO A N    1 
ATOM   1290 C CA   . PRO A 1 165 ? -0.244  -8.767  14.739  1.00 9.95   ? 165 PRO A CA   1 
ATOM   1291 C C    . PRO A 1 165 ? -0.982  -7.725  13.927  1.00 9.32   ? 165 PRO A C    1 
ATOM   1292 O O    . PRO A 1 165 ? -0.526  -6.563  13.813  1.00 10.08  ? 165 PRO A O    1 
ATOM   1293 C CB   . PRO A 1 165 ? -0.831  -8.858  16.165  1.00 11.35  ? 165 PRO A CB   1 
ATOM   1294 C CG   . PRO A 1 165 ? 0.328   -8.673  17.095  1.00 14.88  ? 165 PRO A CG   1 
ATOM   1295 C CD   . PRO A 1 165 ? 1.457   -8.033  16.355  1.00 12.24  ? 165 PRO A CD   1 
ATOM   1296 H HG2  . PRO A 1 165 ? 0.053   -8.107  17.833  1.00 17.86  ? 165 PRO A HG2  1 
ATOM   1297 N N    . ASN A 1 166 ? -2.083  -8.131  13.333  1.00 7.14   ? 166 ASN A N    1 
ATOM   1298 C CA   . ASN A 1 166 ? -2.855  -7.243  12.468  1.00 7.73   ? 166 ASN A CA   1 
ATOM   1299 C C    . ASN A 1 166 ? -3.317  -6.006  13.222  1.00 10.69  ? 166 ASN A C    1 
ATOM   1300 O O    . ASN A 1 166 ? -3.545  -6.039  14.439  1.00 10.13  ? 166 ASN A O    1 
ATOM   1301 C CB   . ASN A 1 166 ? -4.074  -7.918  11.877  1.00 8.86   ? 166 ASN A CB   1 
ATOM   1302 C CG   . ASN A 1 166 ? -3.751  -8.942  10.807  1.00 10.21  ? 166 ASN A CG   1 
ATOM   1303 O OD1  . ASN A 1 166 ? -2.613  -9.095  10.392  1.00 11.54  ? 166 ASN A OD1  1 
ATOM   1304 N ND2  . ASN A 1 166 ? -4.776  -9.656  10.374  1.00 11.16  ? 166 ASN A ND2  1 
ATOM   1305 H HA   . ASN A 1 166 ? -2.290  -6.953  11.735  1.00 9.28   ? 166 ASN A HA   1 
ATOM   1306 H HB2  . ASN A 1 166 ? -4.560  -8.369  12.586  1.00 10.64  ? 166 ASN A HB2  1 
ATOM   1307 N N    . TRP A 1 167 ? -3.486  -4.922  12.484  1.00 9.12   ? 167 TRP A N    1 
ATOM   1308 C CA   . TRP A 1 167 ? -4.168  -3.759  13.045  1.00 7.82   ? 167 TRP A CA   1 
ATOM   1309 C C    . TRP A 1 167 ? -5.497  -4.138  13.691  1.00 10.56  ? 167 TRP A C    1 
ATOM   1310 O O    . TRP A 1 167 ? -6.257  -4.923  13.137  1.00 9.95   ? 167 TRP A O    1 
ATOM   1311 C CB   . TRP A 1 167 ? -4.422  -2.754  11.957  1.00 9.13   ? 167 TRP A CB   1 
ATOM   1312 C CG   . TRP A 1 167 ? -3.237  -1.888  11.562  1.00 8.08   ? 167 TRP A CG   1 
ATOM   1313 C CD1  . TRP A 1 167 ? -2.201  -1.454  12.356  1.00 9.27   ? 167 TRP A CD1  1 
ATOM   1314 C CD2  . TRP A 1 167 ? -2.984  -1.351  10.239  1.00 5.78   ? 167 TRP A CD2  1 
ATOM   1315 N NE1  . TRP A 1 167 ? -1.337  -0.652  11.604  1.00 9.53   ? 167 TRP A NE1  1 
ATOM   1316 C CE2  . TRP A 1 167 ? -1.809  -0.573  10.311  1.00 7.42   ? 167 TRP A CE2  1 
ATOM   1317 C CE3  . TRP A 1 167 ? -3.669  -1.429  9.008   1.00 7.97   ? 167 TRP A CE3  1 
ATOM   1318 C CZ2  . TRP A 1 167 ? -1.293  0.126   9.193   1.00 7.72   ? 167 TRP A CZ2  1 
ATOM   1319 C CZ3  . TRP A 1 167 ? -3.162  -0.751  7.924   1.00 9.44   ? 167 TRP A CZ3  1 
ATOM   1320 C CH2  . TRP A 1 167 ? -2.010  0.049   8.024   1.00 8.98   ? 167 TRP A CH2  1 
ATOM   1321 H HA   . TRP A 1 167 ? -3.605  -3.347  13.718  1.00 9.39   ? 167 TRP A HA   1 
ATOM   1322 H HB2  . TRP A 1 167 ? -4.710  -3.230  11.163  1.00 10.96  ? 167 TRP A HB2  1 
ATOM   1323 H HB3  . TRP A 1 167 ? -5.129  -2.158  12.252  1.00 10.96  ? 167 TRP A HB3  1 
ATOM   1324 N N    . PRO A 1 168 ? -5.815  -3.552  14.843  1.00 10.79  ? 168 PRO A N    1 
ATOM   1325 C CA   . PRO A 1 168 ? -5.036  -2.514  15.550  1.00 8.45   ? 168 PRO A CA   1 
ATOM   1326 C C    . PRO A 1 168 ? -3.897  -3.068  16.360  1.00 12.53  ? 168 PRO A C    1 
ATOM   1327 O O    . PRO A 1 168 ? -4.005  -4.071  17.096  1.00 13.90  ? 168 PRO A O    1 
ATOM   1328 C CB   . PRO A 1 168 ? -6.095  -1.844  16.468  1.00 13.60  ? 168 PRO A CB   1 
ATOM   1329 C CG   . PRO A 1 168 ? -7.092  -2.879  16.684  1.00 15.97  ? 168 PRO A CG   1 
ATOM   1330 C CD   . PRO A 1 168 ? -7.165  -3.737  15.422  1.00 12.14  ? 168 PRO A CD   1 
ATOM   1331 H HB2  . PRO A 1 168 ? -5.677  -1.604  17.310  1.00 16.32  ? 168 PRO A HB2  1 
ATOM   1332 H HG2  . PRO A 1 168 ? -6.823  -3.423  17.441  1.00 19.16  ? 168 PRO A HG2  1 
ATOM   1333 N N    . SER A 1 169 ? -2.763  -2.429  16.186  1.00 8.46   ? 169 SER A N    1 
ATOM   1334 C CA   . SER A 1 169 ? -1.506  -2.783  16.854  1.00 9.25   ? 169 SER A CA   1 
ATOM   1335 C C    . SER A 1 169 ? -0.470  -1.738  16.422  1.00 9.70   ? 169 SER A C    1 
ATOM   1336 O O    . SER A 1 169 ? -0.768  -0.916  15.539  1.00 13.28  ? 169 SER A O    1 
ATOM   1337 C CB   . SER A 1 169 ? -1.010  -4.193  16.504  1.00 10.58  ? 169 SER A CB   1 
ATOM   1338 O OG   . SER A 1 169 ? -0.741  -4.247  15.104  1.00 12.36  ? 169 SER A OG   1 
ATOM   1339 N N    . THR A 1 170 ? 0.702   -1.760  17.048  1.00 9.93   ? 170 THR A N    1 
ATOM   1340 C CA   . THR A 1 170 ? 1.750   -0.806  16.722  1.00 8.20   ? 170 THR A CA   1 
ATOM   1341 C C    . THR A 1 170 ? 3.038   -1.553  16.519  1.00 11.41  ? 170 THR A C    1 
ATOM   1342 O O    . THR A 1 170 ? 3.408   -2.438  17.371  1.00 16.01  ? 170 THR A O    1 
ATOM   1343 C CB   . THR A 1 170 ? 1.948   0.209   17.867  1.00 10.01  ? 170 THR A CB   1 
ATOM   1344 O OG1  . THR A 1 170 ? 0.718   0.876   18.091  1.00 14.64  ? 170 THR A OG1  1 
ATOM   1345 C CG2  . THR A 1 170 ? 3.010   1.237   17.457  1.00 14.88  ? 170 THR A CG2  1 
ATOM   1346 N N    . ALA A 1 171 ? 3.739   -1.232  15.432  1.00 8.34   ? 171 ALA A N    1 
ATOM   1347 C CA   . ALA A 1 171 ? 5.057   -1.804  15.198  1.00 8.83   ? 171 ALA A CA   1 
ATOM   1348 C C    . ALA A 1 171 ? 6.025   -0.638  14.957  1.00 10.52  ? 171 ALA A C    1 
ATOM   1349 O O    . ALA A 1 171 ? 6.604   -0.104  15.932  1.00 15.31  ? 171 ALA A O    1 
ATOM   1350 C CB   . ALA A 1 171 ? 5.022   -2.781  14.027  1.00 11.25  ? 171 ALA A CB   1 
ATOM   1351 H HB1  . ALA A 1 171 ? 5.915   -3.130  13.880  1.00 13.50  ? 171 ALA A HB1  1 
ATOM   1352 N N    . CYS A 1 172 ? 6.187   -0.174  13.703  1.00 9.41   ? 172 CYS A N    1 
ATOM   1353 C CA   . CYS A 1 172 ? 7.080   0.961   13.478  1.00 11.04  ? 172 CYS A CA   1 
ATOM   1354 C C    . CYS A 1 172 ? 6.543   2.231   14.102  1.00 12.01  ? 172 CYS A C    1 
ATOM   1355 O O    . CYS A 1 172 ? 7.345   3.093   14.492  1.00 14.08  ? 172 CYS A O    1 
ATOM   1356 C CB   . CYS A 1 172 ? 7.314   1.235   11.998  1.00 9.06   ? 172 CYS A CB   1 
ATOM   1357 S SG   . CYS A 1 172 ? 8.071   -0.145  11.125  1.00 10.58  ? 172 CYS A SG   1 
ATOM   1358 H HA   . CYS A 1 172 ? 7.939   0.768   13.883  1.00 13.25  ? 172 CYS A HA   1 
ATOM   1359 H HB2  . CYS A 1 172 ? 6.463   1.427   11.573  1.00 10.87  ? 172 CYS A HB2  1 
ATOM   1360 N N    . GLY A 1 173 ? 5.209   2.364   14.178  1.00 10.39  ? 173 GLY A N    1 
ATOM   1361 C CA   . GLY A 1 173 ? 4.613   3.525   14.824  1.00 10.49  ? 173 GLY A CA   1 
ATOM   1362 C C    . GLY A 1 173 ? 4.361   4.651   13.825  1.00 11.47  ? 173 GLY A C    1 
ATOM   1363 O O    . GLY A 1 173 ? 5.074   4.800   12.854  1.00 13.95  ? 173 GLY A O    1 
ATOM   1364 N N    . ASN A 1 174 ? 3.347   5.458   14.113  1.00 10.42  ? 174 ASN A N    1 
ATOM   1365 C CA   . ASN A 1 174 ? 3.003   6.601   13.259  1.00 8.77   ? 174 ASN A CA   1 
ATOM   1366 C C    . ASN A 1 174 ? 3.798   7.840   13.635  1.00 11.80  ? 174 ASN A C    1 
ATOM   1367 O O    . ASN A 1 174 ? 4.164   8.032   14.786  1.00 16.32  ? 174 ASN A O    1 
ATOM   1368 C CB   . ASN A 1 174 ? 1.514   6.877   13.343  1.00 9.66   ? 174 ASN A CB   1 
ATOM   1369 C CG   . ASN A 1 174 ? 0.706   5.750   12.764  1.00 11.01  ? 174 ASN A CG   1 
ATOM   1370 O OD1  . ASN A 1 174 ? 1.203   5.034   11.855  1.00 8.59   ? 174 ASN A OD1  1 
ATOM   1371 N ND2  . ASN A 1 174 ? -0.506  5.564   13.257  1.00 9.98   ? 174 ASN A ND2  1 
ATOM   1372 N N    . LYS A 1 175 ? 4.029   8.672   12.633  1.00 10.04  ? 175 LYS A N    1 
ATOM   1373 C CA   . LYS A 1 175 ? 4.752   9.929   12.843  1.00 13.15  ? 175 LYS A CA   1 
ATOM   1374 C C    . LYS A 1 175 ? 3.866   11.102  12.457  1.00 12.29  ? 175 LYS A C    1 
ATOM   1375 O O    . LYS A 1 175 ? 3.227   11.100  11.399  1.00 12.27  ? 175 LYS A O    1 
ATOM   1376 C CB   . LYS A 1 175 ? 6.016   9.988   11.984  1.00 11.37  ? 175 LYS A CB   1 
ATOM   1377 C CG   . LYS A 1 175 ? 6.891   8.742   11.929  1.00 20.54  ? 175 LYS A CG   1 
ATOM   1378 C CD   . LYS A 1 175 ? 7.566   8.440   13.215  1.00 21.60  ? 175 LYS A CD   1 
ATOM   1379 C CE   . LYS A 1 175 ? 8.609   7.275   12.964  1.00 24.65  ? 175 LYS A CE   1 
ATOM   1380 N NZ   . LYS A 1 175 ? 7.923   5.962   13.052  1.00 22.22  ? 175 LYS A NZ   1 
ATOM   1381 H HB2  . LYS A 1 175 ? 5.770   10.220  11.074  1.00 13.64  ? 175 LYS A HB2  1 
ATOM   1382 N N    . GLY A 1 176 ? 3.880   12.147  13.276  1.00 13.80  ? 176 GLY A N    1 
ATOM   1383 C CA   . GLY A 1 176 ? 3.121   13.338  12.935  1.00 14.48  ? 176 GLY A CA   1 
ATOM   1384 C C    . GLY A 1 176 ? 1.635   13.112  12.953  1.00 13.75  ? 176 GLY A C    1 
ATOM   1385 O O    . GLY A 1 176 ? 1.127   12.174  13.595  1.00 15.96  ? 176 GLY A O    1 
ATOM   1386 H HA3  . GLY A 1 176 ? 3.382   13.658  12.058  1.00 17.38  ? 176 GLY A HA3  1 
ATOM   1387 N N    . THR A 1 177 ? 0.934   13.979  12.227  1.00 12.62  ? 177 THR A N    1 
ATOM   1388 C CA   . THR A 1 177 ? -0.529  13.995  12.241  1.00 11.21  ? 177 THR A CA   1 
ATOM   1389 C C    . THR A 1 177 ? -1.035  13.772  10.824  1.00 13.36  ? 177 THR A C    1 
ATOM   1390 O O    . THR A 1 177 ? -0.464  14.283  9.876   1.00 14.60  ? 177 THR A O    1 
ATOM   1391 C CB   . THR A 1 177 ? -1.065  15.354  12.809  1.00 15.23  ? 177 THR A CB   1 
ATOM   1392 O OG1  . THR A 1 177 ? -0.730  15.416  14.207  1.00 16.45  ? 177 THR A OG1  1 
ATOM   1393 C CG2  . THR A 1 177 ? -2.587  15.421  12.672  1.00 19.55  ? 177 THR A CG2  1 
ATOM   1394 N N    . ALA A 1 178 ? -2.110  13.023  10.701  1.00 10.62  ? 178 ALA A N    1 
ATOM   1395 C CA   . ALA A 1 178 ? -2.684  12.724  9.402   1.00 9.13   ? 178 ALA A CA   1 
ATOM   1396 C C    . ALA A 1 178 ? -3.078  13.992  8.670   1.00 13.81  ? 178 ALA A C    1 
ATOM   1397 O O    . ALA A 1 178 ? -3.467  14.980  9.290   1.00 12.75  ? 178 ALA A O    1 
ATOM   1398 C CB   . ALA A 1 178 ? -3.886  11.854  9.568   1.00 11.61  ? 178 ALA A CB   1 
ATOM   1399 H HB1  . ALA A 1 178 ? -4.258  11.661  8.694   1.00 13.93  ? 178 ALA A HB1  1 
ATOM   1400 H HB3  . ALA A 1 178 ? -4.540  12.320  10.112  1.00 13.93  ? 178 ALA A HB3  1 
ATOM   1401 N N    . PRO A 1 179 ? -3.056  13.946  7.333   1.00 11.20  ? 179 PRO A N    1 
ATOM   1402 C CA   . PRO A 1 179 ? -3.443  15.144  6.595   1.00 13.90  ? 179 PRO A CA   1 
ATOM   1403 C C    . PRO A 1 179 ? -4.911  15.464  6.808   1.00 16.65  ? 179 PRO A C    1 
ATOM   1404 O O    . PRO A 1 179 ? -5.746  14.545  6.812   1.00 14.28  ? 179 PRO A O    1 
ATOM   1405 C CB   . PRO A 1 179 ? -3.180  14.760  5.144   1.00 13.48  ? 179 PRO A CB   1 
ATOM   1406 C CG   . PRO A 1 179 ? -3.075  13.286  5.085   1.00 18.35  ? 179 PRO A CG   1 
ATOM   1407 C CD   . PRO A 1 179 ? -2.682  12.807  6.464   1.00 12.14  ? 179 PRO A CD   1 
ATOM   1408 N N    . SER A 1 180 ? -5.227  16.745  7.017   0.96 14.53  ? 180 SER A N    1 
ATOM   1409 C CA   . SER A 1 180 ? -6.593  17.158  7.276   0.96 15.39  ? 180 SER A CA   1 
ATOM   1410 C C    . SER A 1 180 ? -7.390  17.378  6.006   0.96 15.56  ? 180 SER A C    1 
ATOM   1411 O O    . SER A 1 180 ? -6.817  17.784  5.017   0.96 15.66  ? 180 SER A O    1 
ATOM   1412 C CB   . SER A 1 180 ? -6.602  18.487  8.068   0.96 15.06  ? 180 SER A CB   1 
ATOM   1413 O OG   . SER A 1 180 ? -6.114  18.280  9.394   0.96 22.63  ? 180 SER A OG   1 
ATOM   1414 O OXT  . SER A 1 180 ? -8.601  17.206  6.036   0.96 19.96  ? 180 SER A OXT  1 
HETATM 1415 C C01  . 40S B 2 .   ? -9.550  8.264   12.456  1.00 48.85  ? 201 40S A C01  1 
HETATM 1416 C C02  . 40S B 2 .   ? -9.570  9.612   11.743  1.00 55.89  ? 201 40S A C02  1 
HETATM 1417 C C03  . 40S B 2 .   ? -10.923 9.887   11.093  1.00 59.46  ? 201 40S A C03  1 
HETATM 1418 C C04  . 40S B 2 .   ? -10.870 10.116  9.588   1.00 47.22  ? 201 40S A C04  1 
HETATM 1419 O O05  . 40S B 2 .   ? -12.106 10.658  9.160   1.00 60.96  ? 201 40S A O05  1 
HETATM 1420 C C06  . 40S B 2 .   ? -9.127  10.747  12.664  1.00 38.16  ? 201 40S A C06  1 
HETATM 1421 C C07  . 40S B 2 .   ? -10.293 11.516  13.268  1.00 47.66  ? 201 40S A C07  1 
HETATM 1422 O O08  . 40S B 2 .   ? -10.166 12.889  12.927  1.00 54.90  ? 201 40S A O08  1 
HETATM 1423 O O    . HOH C 3 .   ? 0.556   -8.019  8.264   1.00 7.71   ? 301 HOH A O    1 
HETATM 1424 O O    . HOH C 3 .   ? -14.770 -2.618  -6.576  1.00 11.39  ? 302 HOH A O    1 
HETATM 1425 O O    . HOH C 3 .   ? 5.007   -1.049  11.106  1.00 9.10   ? 303 HOH A O    1 
HETATM 1426 O O    . HOH C 3 .   ? 6.674   -0.805  -3.065  1.00 8.81   ? 304 HOH A O    1 
HETATM 1427 O O    . HOH C 3 .   ? 5.925   -5.975  -6.772  1.00 11.20  ? 305 HOH A O    1 
HETATM 1428 O O    . HOH C 3 .   ? -4.146  9.609   1.879   1.00 9.53   ? 306 HOH A O    1 
HETATM 1429 O O    . HOH C 3 .   ? -1.201  1.693   14.135  1.00 13.51  ? 307 HOH A O    1 
HETATM 1430 O O    . HOH C 3 .   ? 10.281  -1.522  -2.126  1.00 11.68  ? 308 HOH A O    1 
HETATM 1431 O O    . HOH C 3 .   ? 16.760  -1.769  0.867   1.00 13.80  ? 309 HOH A O    1 
HETATM 1432 O O    . HOH C 3 .   ? 5.488   -11.195 -12.246 1.00 13.99  ? 310 HOH A O    1 
HETATM 1433 O O    . HOH C 3 .   ? -1.370  2.059   -13.082 1.00 17.93  ? 311 HOH A O    1 
HETATM 1434 O O    . HOH C 3 .   ? -7.035  -9.721  -8.131  1.00 14.86  ? 312 HOH A O    1 
HETATM 1435 O O    . HOH C 3 .   ? 6.345   -11.856 -3.148  1.00 11.67  ? 313 HOH A O    1 
HETATM 1436 O O    . HOH C 3 .   ? 2.427   -8.548  10.183  1.00 11.75  ? 314 HOH A O    1 
HETATM 1437 O O    . HOH C 3 .   ? 0.674   12.894  7.408   1.00 15.89  ? 315 HOH A O    1 
HETATM 1438 O O    . HOH C 3 .   ? 5.351   -6.564  -12.663 1.00 13.96  ? 316 HOH A O    1 
HETATM 1439 O O    . HOH C 3 .   ? 9.411   -0.602  -13.258 1.00 17.04  ? 317 HOH A O    1 
HETATM 1440 O O    . HOH C 3 .   ? 3.857   -12.548 -2.113  1.00 14.21  ? 318 HOH A O    1 
HETATM 1441 O O    . HOH C 3 .   ? -8.469  -3.279  11.921  1.00 18.67  ? 319 HOH A O    1 
HETATM 1442 O O    . HOH C 3 .   ? 8.482   -11.235 5.933   1.00 15.28  ? 320 HOH A O    1 
HETATM 1443 O O    . HOH C 3 .   ? 3.238   -11.321 9.999   1.00 14.10  ? 321 HOH A O    1 
HETATM 1444 O O    . HOH C 3 .   ? -3.499  0.485   15.138  1.00 16.34  ? 322 HOH A O    1 
HETATM 1445 O O    . HOH C 3 .   ? 2.864   5.812   -4.901  1.00 19.53  ? 323 HOH A O    1 
HETATM 1446 O O    . HOH C 3 .   ? -6.025  15.531  10.404  1.00 18.87  ? 324 HOH A O    1 
HETATM 1447 O O    . HOH C 3 .   ? -14.254 -2.206  -3.792  1.00 17.19  ? 325 HOH A O    1 
HETATM 1448 O O    . HOH C 3 .   ? -7.141  -8.142  -10.527 1.00 17.38  ? 326 HOH A O    1 
HETATM 1449 O O    . HOH C 3 .   ? -6.833  5.669   4.450   1.00 14.31  ? 327 HOH A O    1 
HETATM 1450 O O    . HOH C 3 .   ? 1.654   4.933   16.378  1.00 20.48  ? 328 HOH A O    1 
HETATM 1451 O O    . HOH C 3 .   ? 0.812   -15.928 -13.499 1.00 24.61  ? 329 HOH A O    1 
HETATM 1452 O O    . HOH C 3 .   ? 1.148   -13.395 -3.852  1.00 20.04  ? 330 HOH A O    1 
HETATM 1453 O O    . HOH C 3 .   ? -0.262  2.801   16.340  1.00 19.00  ? 331 HOH A O    1 
HETATM 1454 O O    . HOH C 3 .   ? 11.957  4.281   -4.783  1.00 20.78  ? 332 HOH A O    1 
HETATM 1455 O O    . HOH C 3 .   ? -8.247  7.503   15.081  1.00 19.59  ? 333 HOH A O    1 
HETATM 1456 O O    . HOH C 3 .   ? 7.780   -13.767 5.016   1.00 22.00  ? 334 HOH A O    1 
HETATM 1457 O O    . HOH C 3 .   ? -13.361 0.154   3.359   1.00 18.48  ? 335 HOH A O    1 
HETATM 1458 O O    . HOH C 3 .   ? -7.607  3.560   12.421  1.00 23.12  ? 336 HOH A O    1 
HETATM 1459 O O    . HOH C 3 .   ? 9.389   -10.775 -6.620  1.00 19.95  ? 337 HOH A O    1 
HETATM 1460 O O    . HOH C 3 .   ? 5.680   5.139   -11.953 1.00 23.44  ? 338 HOH A O    1 
HETATM 1461 O O    . HOH C 3 .   ? 10.413  -3.829  -3.765  1.00 20.59  ? 339 HOH A O    1 
HETATM 1462 O O    . HOH C 3 .   ? 13.421  -1.946  -7.420  1.00 25.24  ? 340 HOH A O    1 
HETATM 1463 O O    . HOH C 3 .   ? -14.870 -3.129  -14.936 1.00 22.71  ? 341 HOH A O    1 
HETATM 1464 O O    . HOH C 3 .   ? -7.421  -8.701  11.315  1.00 21.78  ? 342 HOH A O    1 
HETATM 1465 O O    . HOH C 3 .   ? 1.855   14.672  0.758   1.00 19.87  ? 343 HOH A O    1 
HETATM 1466 O O    . HOH C 3 .   ? -7.845  0.507   -15.977 1.00 25.82  ? 344 HOH A O    1 
HETATM 1467 O O    . HOH C 3 .   ? 1.095   -17.131 -9.383  1.00 24.51  ? 345 HOH A O    1 
HETATM 1468 O O    . HOH C 3 .   ? 1.632   10.440  15.557  1.00 22.35  ? 346 HOH A O    1 
HETATM 1469 O O    . HOH C 3 .   ? 12.919  -3.213  10.360  1.00 24.22  ? 347 HOH A O    1 
HETATM 1470 O O    . HOH C 3 .   ? -6.147  -15.699 -7.239  1.00 30.23  ? 348 HOH A O    1 
HETATM 1471 O O    . HOH C 3 .   ? -7.244  -7.336  13.862  1.00 21.95  ? 349 HOH A O    1 
HETATM 1472 O O    . HOH C 3 .   ? -12.398 -0.502  6.154   1.00 26.52  ? 350 HOH A O    1 
HETATM 1473 O O    . HOH C 3 .   ? -5.908  0.833   13.748  1.00 23.34  ? 351 HOH A O    1 
HETATM 1474 O O    . HOH C 3 .   ? -2.477  3.829   17.492  1.00 23.38  ? 352 HOH A O    1 
HETATM 1475 O O    . HOH C 3 .   ? -2.372  13.910  15.936  1.00 20.47  ? 353 HOH A O    1 
HETATM 1476 O O    . HOH C 3 .   ? 8.047   -11.698 8.686   1.00 25.26  ? 354 HOH A O    1 
HETATM 1477 O O    . HOH C 3 .   ? 12.789  -2.941  -4.981  1.00 29.60  ? 355 HOH A O    1 
HETATM 1478 O O    . HOH C 3 .   ? -8.040  -9.740  -0.819  1.00 22.82  ? 356 HOH A O    1 
HETATM 1479 O O    . HOH C 3 .   ? 1.693   -12.127 11.936  1.00 29.06  ? 357 HOH A O    1 
HETATM 1480 O O    . HOH C 3 .   ? 0.686   -3.431  19.579  1.00 28.17  ? 358 HOH A O    1 
HETATM 1481 O O    . HOH C 3 .   ? 13.935  -10.609 5.046   1.00 28.11  ? 359 HOH A O    1 
HETATM 1482 O O    . HOH C 3 .   ? 14.192  2.039   -7.764  1.00 28.41  ? 360 HOH A O    1 
HETATM 1483 O O    . HOH C 3 .   ? 11.423  6.136   10.649  1.00 31.14  ? 361 HOH A O    1 
HETATM 1484 O O    . HOH C 3 .   ? 1.891   15.921  3.873   1.00 27.12  ? 362 HOH A O    1 
HETATM 1485 O O    . HOH C 3 .   ? -19.273 0.154   0.314   1.00 28.86  ? 363 HOH A O    1 
HETATM 1486 O O    . HOH C 3 .   ? -0.580  -10.883 11.319  1.00 26.30  ? 364 HOH A O    1 
HETATM 1487 O O    . HOH C 3 .   ? 9.564   5.422   -3.778  1.00 28.08  ? 365 HOH A O    1 
HETATM 1488 O O    . HOH C 3 .   ? 7.657   -12.793 -5.227  1.00 25.05  ? 366 HOH A O    1 
HETATM 1489 O O    . HOH C 3 .   ? -14.386 -9.587  -5.074  1.00 24.95  ? 367 HOH A O    1 
HETATM 1490 O O    . HOH C 3 .   ? 6.178   16.520  4.943   1.00 37.22  ? 368 HOH A O    1 
HETATM 1491 O O    . HOH C 3 .   ? -1.649  -20.619 3.012   1.00 30.26  ? 369 HOH A O    1 
HETATM 1492 O O    . HOH C 3 .   ? 5.384   -6.204  -15.504 1.00 30.88  ? 370 HOH A O    1 
HETATM 1493 O O    . HOH C 3 .   ? -10.126 -9.042  0.500   1.00 31.09  ? 371 HOH A O    1 
HETATM 1494 O O    . HOH C 3 .   ? 2.759   -5.030  -14.904 1.00 34.05  ? 372 HOH A O    1 
HETATM 1495 O O    . HOH C 3 .   ? 11.276  7.556   -0.813  1.00 37.93  ? 373 HOH A O    1 
HETATM 1496 O O    . HOH C 3 .   ? 0.259   -5.699  -16.145 1.00 35.53  ? 374 HOH A O    1 
HETATM 1497 O O    . HOH C 3 .   ? 8.791   7.306   -1.683  1.00 33.16  ? 375 HOH A O    1 
HETATM 1498 O O    . HOH C 3 .   ? 16.795  -5.966  6.353   1.00 32.29  ? 376 HOH A O    1 
HETATM 1499 O O    . HOH C 3 .   ? -12.904 -9.638  -2.515  1.00 32.33  ? 377 HOH A O    1 
HETATM 1500 O O    . HOH C 3 .   ? 9.421   -14.380 3.083   1.00 35.67  ? 378 HOH A O    1 
HETATM 1501 O O    . HOH C 3 .   ? -2.503  17.673  9.823   1.00 34.71  ? 379 HOH A O    1 
HETATM 1502 O O    . HOH C 3 .   ? 14.569  5.933   1.076   1.00 34.40  ? 380 HOH A O    1 
HETATM 1503 O O    . HOH C 3 .   ? -7.320  -8.858  8.304   1.00 25.45  ? 381 HOH A O    1 
HETATM 1504 O O    . HOH C 3 .   ? -10.283 16.261  10.429  1.00 41.75  ? 382 HOH A O    1 
HETATM 1505 O O    . HOH C 3 .   ? -19.558 -1.437  -14.467 1.00 44.99  ? 383 HOH A O    1 
HETATM 1506 O O    . HOH C 3 .   ? -13.160 -11.333 -6.962  1.00 39.33  ? 384 HOH A O    1 
HETATM 1507 O O    . HOH C 3 .   ? -8.439  18.410  2.903   1.00 30.01  ? 385 HOH A O    1 
HETATM 1508 O O    . HOH C 3 .   ? -10.101 6.704   4.634   1.00 28.69  ? 386 HOH A O    1 
HETATM 1509 O O    . HOH C 3 .   ? 6.830   -6.092  15.323  1.00 32.02  ? 387 HOH A O    1 
HETATM 1510 O O    . HOH C 3 .   ? -1.137  -0.479  19.643  1.00 36.98  ? 388 HOH A O    1 
HETATM 1511 O O    . HOH C 3 .   ? -17.126 2.819   -11.797 1.00 36.14  ? 389 HOH A O    1 
HETATM 1512 O O    . HOH C 3 .   ? 9.884   4.040   12.735  1.00 31.10  ? 390 HOH A O    1 
HETATM 1513 O O    . HOH C 3 .   ? -3.148  18.951  7.490   1.00 26.29  ? 391 HOH A O    1 
HETATM 1514 O O    . HOH C 3 .   ? -8.696  -11.958 -8.305  1.00 37.77  ? 392 HOH A O    1 
HETATM 1515 O O    . HOH C 3 .   ? 9.159   10.012  3.204   1.00 35.92  ? 393 HOH A O    1 
HETATM 1516 O O    . HOH C 3 .   ? -11.506 -11.019 -8.765  1.00 39.08  ? 394 HOH A O    1 
HETATM 1517 O O    . HOH C 3 .   ? -4.094  1.284   17.413  1.00 36.74  ? 395 HOH A O    1 
HETATM 1518 O O    . HOH C 3 .   ? -22.277 -2.550  -18.146 1.00 35.34  ? 396 HOH A O    1 
HETATM 1519 O O    . HOH C 3 .   ? 1.410   -14.613 -6.292  1.00 32.59  ? 397 HOH A O    1 
HETATM 1520 O O    . HOH C 3 .   ? 9.470   5.952   -7.766  1.00 36.23  ? 398 HOH A O    1 
HETATM 1521 O O    . HOH C 3 .   ? 11.975  -5.736  10.505  1.00 38.72  ? 399 HOH A O    1 
HETATM 1522 O O    . HOH C 3 .   ? -14.678 -10.093 -0.540  1.00 40.93  ? 400 HOH A O    1 
HETATM 1523 O O    . HOH C 3 .   ? 19.785  -3.828  0.094   1.00 42.00  ? 401 HOH A O    1 
HETATM 1524 O O    . HOH C 3 .   ? -8.549  -7.629  15.977  1.00 39.25  ? 402 HOH A O    1 
HETATM 1525 O O    . HOH C 3 .   ? 0.350   2.855   20.327  1.00 53.10  ? 403 HOH A O    1 
HETATM 1526 O O    . HOH C 3 .   ? 15.895  -5.450  -1.821  1.00 37.01  ? 404 HOH A O    1 
HETATM 1527 O O    . HOH C 3 .   ? -0.930  -14.914 -7.248  1.00 40.47  ? 405 HOH A O    1 
HETATM 1528 O O    . HOH C 3 .   ? 16.204  -7.907  -1.085  1.00 39.05  ? 406 HOH A O    1 
HETATM 1529 O O    . HOH C 3 .   ? 13.748  -5.762  8.436   1.00 42.52  ? 407 HOH A O    1 
HETATM 1530 O O    . HOH C 3 .   ? 2.338   8.715   -5.835  1.00 43.00  ? 408 HOH A O    1 
HETATM 1531 O O    . HOH C 3 .   ? 13.568  -1.867  12.597  1.00 38.54  ? 409 HOH A O    1 
HETATM 1532 O O    . HOH C 3 .   ? 22.378  3.039   7.004   1.00 50.00  ? 410 HOH A O    1 
HETATM 1533 O O    . HOH C 3 .   ? -8.848  -13.628 -6.637  1.00 42.17  ? 411 HOH A O    1 
HETATM 1534 O O    . HOH C 3 .   ? 21.232  7.699   8.063   1.00 40.84  ? 412 HOH A O    1 
HETATM 1535 O O    . HOH C 3 .   ? 6.358   6.678   15.697  1.00 43.76  ? 413 HOH A O    1 
HETATM 1536 O O    . HOH C 3 .   ? -11.199 -12.913 -12.733 1.00 45.73  ? 414 HOH A O    1 
HETATM 1537 O O    . HOH C 3 .   ? 10.147  2.810   15.072  1.00 43.61  ? 415 HOH A O    1 
HETATM 1538 O O    . HOH C 3 .   ? -6.784  15.691  -1.061  1.00 31.22  ? 416 HOH A O    1 
HETATM 1539 O O    . HOH C 3 .   ? 3.155   -15.112 -1.782  1.00 40.54  ? 417 HOH A O    1 
HETATM 1540 O O    . HOH C 3 .   ? -2.525  7.607   20.789  1.00 31.56  ? 418 HOH A O    1 
HETATM 1541 O O    . HOH C 3 .   ? 17.267  -0.807  -1.956  1.00 38.73  ? 419 HOH A O    1 
HETATM 1542 O O    . HOH C 3 .   ? -2.488  15.150  -7.880  1.00 51.65  ? 420 HOH A O    1 
HETATM 1543 O O    . HOH C 3 .   ? -16.309 -0.667  -20.765 1.00 42.62  ? 421 HOH A O    1 
HETATM 1544 O O    . HOH C 3 .   ? 7.553   9.029   4.889   1.00 21.52  ? 422 HOH A O    1 
HETATM 1545 O O    . HOH C 3 .   ? 6.778   8.470   -1.534  1.00 38.88  ? 423 HOH A O    1 
HETATM 1546 O O    . HOH C 3 .   ? -1.557  6.315   22.593  1.00 43.22  ? 424 HOH A O    1 
HETATM 1547 O O    . HOH C 3 .   ? 13.697  -14.598 -0.897  1.00 36.61  ? 425 HOH A O    1 
HETATM 1548 O O    . HOH C 3 .   ? 0.225   -16.016 -0.812  1.00 39.27  ? 426 HOH A O    1 
HETATM 1549 O O    . HOH C 3 .   ? 1.027   5.215   -10.153 1.00 29.07  ? 427 HOH A O    1 
HETATM 1550 O O    . HOH C 3 .   ? 9.805   -13.994 -4.264  1.00 39.57  ? 428 HOH A O    1 
HETATM 1551 O O    . HOH C 3 .   ? -3.387  -10.241 -19.084 1.00 46.17  ? 429 HOH A O    1 
HETATM 1552 O O    . HOH C 3 .   ? -1.702  -3.924  -17.224 1.00 43.01  ? 430 HOH A O    1 
HETATM 1553 O O    . HOH C 3 .   ? 4.626   1.351   -14.164 1.00 46.20  ? 431 HOH A O    1 
# 
